data_4ZWE
#
_entry.id   4ZWE
#
_cell.length_a   89.083
_cell.length_b   146.091
_cell.length_c   98.463
_cell.angle_alpha   90.000
_cell.angle_beta   115.030
_cell.angle_gamma   90.000
#
_symmetry.space_group_name_H-M   'P 1 21 1'
#
loop_
_entity.id
_entity.type
_entity.pdbx_description
1 polymer 'Deoxynucleoside triphosphate triphosphohydrolase SAMHD1'
2 non-polymer "2'-DEOXYGUANOSINE-5'-TRIPHOSPHATE"
3 non-polymer 'MAGNESIUM ION'
4 water water
#
_entity_poly.entity_id   1
_entity_poly.type   'polypeptide(L)'
_entity_poly.pdbx_seq_one_letter_code
;DTMKVINDPIHGHIELHPLLVRIIDTPQFQRLRYIKQLGGGYYVFPGASHNRFEHSLGVGYLAGCLVHALGEKQPELQIS
ERDVLCVQIAGLCRNLGHGPFSHMFDGRFIPLARPEVKWTHEQGSVMMFEHLINSNGIKPVMEQYGLIPEEDICFIKEQI
VGPLESPVEDSLWPYKGRPENKSFLYEIVSNKRNGIDVDKWDYFARDCHHLGIQNNFDYKRFIKFARVCEVDNELRICAR
DKEVGNLYDMFHTRNSLHRRAYQHKVGNIIDTMITDAFLKADDYIEITGAGGKKYRISTAIDDMEAYTKLTDNIFLEILY
STDPKLKDAREILKQIEYRNLFKYVGETQPTGQIKIKREDYESLPKEVASAKPKVLLDVKLKAEDFIVDVINMDYGMQEK
NPIDHVSFYCKTAPNRAIRITKNQVSQLLPEKFAEQLIRVYCKKVDRKSLYAARQYFVQWCADRNFTKPQDGDVIAPLIV
PQKKEWNDSTSVQNPTRLREASKSRVQLFKDDPM
;
_entity_poly.pdbx_strand_id   A,B,C,D
#
loop_
_chem_comp.id
_chem_comp.type
_chem_comp.name
_chem_comp.formula
DGT non-polymer 2'-DEOXYGUANOSINE-5'-TRIPHOSPHATE 'C10 H16 N5 O13 P3'
MG non-polymer 'MAGNESIUM ION' 'Mg 2'
#
# COMPACT_ATOMS: atom_id res chain seq x y z
N THR A 2 -14.74 -19.94 -18.14
CA THR A 2 -16.12 -20.10 -17.64
C THR A 2 -16.10 -20.28 -16.15
N MET A 3 -15.76 -19.22 -15.41
CA MET A 3 -15.31 -17.93 -15.93
C MET A 3 -13.94 -17.56 -15.39
N LYS A 4 -13.18 -16.80 -16.18
CA LYS A 4 -11.75 -16.68 -15.96
C LYS A 4 -11.43 -15.64 -14.91
N VAL A 5 -10.38 -15.90 -14.14
CA VAL A 5 -9.90 -14.96 -13.16
C VAL A 5 -8.61 -14.29 -13.62
N ILE A 6 -8.58 -12.97 -13.60
CA ILE A 6 -7.33 -12.24 -13.88
C ILE A 6 -6.92 -11.40 -12.68
N ASN A 7 -5.63 -11.52 -12.31
CA ASN A 7 -5.10 -10.77 -11.19
C ASN A 7 -4.61 -9.38 -11.56
N ASP A 8 -5.19 -8.38 -10.92
CA ASP A 8 -4.91 -6.99 -11.25
C ASP A 8 -4.30 -6.32 -10.02
N PRO A 9 -3.18 -5.60 -10.21
CA PRO A 9 -2.61 -4.98 -9.01
C PRO A 9 -3.51 -3.91 -8.34
N ILE A 10 -4.32 -3.18 -9.10
CA ILE A 10 -5.31 -2.25 -8.53
C ILE A 10 -6.52 -2.94 -7.88
N HIS A 11 -7.09 -3.93 -8.53
CA HIS A 11 -8.38 -4.47 -8.12
C HIS A 11 -8.30 -5.86 -7.52
N GLY A 12 -7.13 -6.45 -7.51
CA GLY A 12 -7.03 -7.83 -7.09
C GLY A 12 -7.58 -8.75 -8.15
N HIS A 13 -8.36 -9.72 -7.72
CA HIS A 13 -8.80 -10.82 -8.60
C HIS A 13 -10.10 -10.49 -9.29
N ILE A 14 -10.05 -10.42 -10.61
CA ILE A 14 -11.14 -10.00 -11.44
C ILE A 14 -11.70 -11.21 -12.17
N GLU A 15 -13.02 -11.39 -12.07
CA GLU A 15 -13.72 -12.47 -12.73
C GLU A 15 -14.25 -11.94 -14.02
N LEU A 16 -14.05 -12.69 -15.08
CA LEU A 16 -14.52 -12.31 -16.40
C LEU A 16 -15.38 -13.39 -17.01
N HIS A 17 -16.55 -12.99 -17.49
CA HIS A 17 -17.49 -13.87 -18.14
C HIS A 17 -16.90 -14.38 -19.44
N PRO A 18 -17.19 -15.64 -19.80
CA PRO A 18 -16.55 -16.16 -20.99
C PRO A 18 -16.77 -15.31 -22.22
N LEU A 19 -17.94 -14.74 -22.36
CA LEU A 19 -18.20 -13.86 -23.49
C LEU A 19 -17.20 -12.75 -23.50
N LEU A 20 -16.94 -12.20 -22.31
CA LEU A 20 -15.98 -11.12 -22.17
C LEU A 20 -14.60 -11.59 -22.59
N VAL A 21 -14.24 -12.77 -22.16
CA VAL A 21 -12.94 -13.32 -22.48
C VAL A 21 -12.78 -13.54 -23.97
N ARG A 22 -13.85 -13.94 -24.62
CA ARG A 22 -13.80 -14.10 -26.07
C ARG A 22 -13.46 -12.81 -26.82
N ILE A 23 -14.05 -11.72 -26.33
CA ILE A 23 -13.82 -10.39 -26.88
C ILE A 23 -12.39 -9.96 -26.62
N ILE A 24 -11.93 -10.27 -25.41
CA ILE A 24 -10.60 -9.88 -25.00
C ILE A 24 -9.53 -10.58 -25.85
N ASP A 25 -9.75 -11.85 -26.16
CA ASP A 25 -8.77 -12.62 -26.85
C ASP A 25 -8.87 -12.44 -28.35
N THR A 26 -8.64 -11.21 -28.81
CA THR A 26 -8.66 -10.89 -30.24
C THR A 26 -7.53 -9.89 -30.57
N PRO A 27 -7.09 -9.85 -31.83
CA PRO A 27 -6.09 -8.88 -32.20
C PRO A 27 -6.50 -7.46 -31.85
N GLN A 28 -7.78 -7.15 -32.01
CA GLN A 28 -8.26 -5.78 -31.81
C GLN A 28 -8.17 -5.34 -30.35
N PHE A 29 -8.51 -6.21 -29.42
CA PHE A 29 -8.34 -5.88 -28.03
C PHE A 29 -6.89 -5.98 -27.58
N GLN A 30 -6.20 -7.02 -28.05
CA GLN A 30 -4.84 -7.28 -27.61
C GLN A 30 -3.89 -6.19 -28.09
N ARG A 31 -4.33 -5.46 -29.10
CA ARG A 31 -3.62 -4.29 -29.59
C ARG A 31 -3.35 -3.31 -28.47
N LEU A 32 -4.29 -3.21 -27.53
CA LEU A 32 -4.18 -2.31 -26.43
C LEU A 32 -2.95 -2.57 -25.55
N ARG A 33 -2.42 -3.78 -25.60
CA ARG A 33 -1.27 -4.10 -24.83
C ARG A 33 -0.09 -3.29 -25.29
N TYR A 34 -0.13 -2.80 -26.51
CA TYR A 34 1.03 -2.18 -27.11
C TYR A 34 0.88 -0.70 -27.19
N ILE A 35 -0.02 -0.13 -26.40
CA ILE A 35 -0.19 1.33 -26.33
C ILE A 35 -0.08 1.82 -24.91
N LYS A 36 0.90 2.71 -24.65
CA LYS A 36 1.12 3.23 -23.31
C LYS A 36 -0.02 4.12 -22.88
N GLN A 37 -0.50 3.90 -21.68
CA GLN A 37 -1.60 4.68 -21.14
C GLN A 37 -1.22 6.14 -21.10
N LEU A 38 0.00 6.44 -20.67
CA LEU A 38 0.39 7.82 -20.42
C LEU A 38 1.33 8.36 -21.46
N GLY A 39 1.52 7.63 -22.54
CA GLY A 39 2.28 8.14 -23.68
C GLY A 39 3.70 8.48 -23.32
N GLY A 40 4.07 9.72 -23.62
CA GLY A 40 5.39 10.23 -23.30
C GLY A 40 5.67 10.38 -21.81
N GLY A 41 4.64 10.34 -20.99
CA GLY A 41 4.82 10.39 -19.55
C GLY A 41 5.75 9.32 -18.99
N TYR A 42 5.79 8.16 -19.64
CA TYR A 42 6.68 7.10 -19.25
C TYR A 42 8.17 7.55 -19.25
N TYR A 43 8.51 8.43 -20.16
CA TYR A 43 9.84 9.02 -20.23
C TYR A 43 10.14 9.92 -19.03
N VAL A 44 9.12 10.60 -18.50
CA VAL A 44 9.27 11.34 -17.26
C VAL A 44 9.08 10.46 -16.03
N PHE A 45 8.15 9.53 -16.08
CA PHE A 45 7.85 8.67 -14.92
C PHE A 45 8.13 7.22 -15.29
N PRO A 46 9.24 6.66 -14.81
CA PRO A 46 9.50 5.31 -15.29
C PRO A 46 8.50 4.27 -14.79
N GLY A 47 7.78 4.56 -13.72
CA GLY A 47 6.75 3.66 -13.23
C GLY A 47 5.55 3.51 -14.15
N ALA A 48 5.26 4.57 -14.92
CA ALA A 48 4.11 4.57 -15.82
C ALA A 48 4.37 3.79 -17.10
N SER A 49 4.63 2.50 -16.95
CA SER A 49 4.83 1.59 -18.07
C SER A 49 3.54 0.90 -18.50
N HIS A 50 2.46 1.12 -17.77
CA HIS A 50 1.23 0.45 -18.02
C HIS A 50 0.55 0.84 -19.33
N ASN A 51 -0.20 -0.09 -19.86
CA ASN A 51 -0.82 0.06 -21.16
C ASN A 51 -2.31 0.13 -21.09
N ARG A 52 -2.91 0.46 -22.21
CA ARG A 52 -4.37 0.64 -22.26
C ARG A 52 -5.13 -0.63 -21.93
N PHE A 53 -4.54 -1.75 -22.26
CA PHE A 53 -5.16 -3.02 -22.04
C PHE A 53 -5.56 -3.28 -20.57
N GLU A 54 -4.64 -3.06 -19.66
CA GLU A 54 -4.87 -3.35 -18.24
C GLU A 54 -5.87 -2.38 -17.67
N HIS A 55 -5.80 -1.15 -18.15
CA HIS A 55 -6.78 -0.15 -17.77
C HIS A 55 -8.21 -0.56 -18.21
N SER A 56 -8.35 -1.07 -19.43
CA SER A 56 -9.61 -1.47 -19.99
C SER A 56 -10.20 -2.60 -19.19
N LEU A 57 -9.37 -3.55 -18.79
CA LEU A 57 -9.88 -4.60 -17.90
C LEU A 57 -10.45 -3.96 -16.63
N GLY A 58 -9.72 -3.01 -16.06
CA GLY A 58 -10.14 -2.37 -14.85
C GLY A 58 -11.48 -1.66 -15.00
N VAL A 59 -11.64 -0.98 -16.15
CA VAL A 59 -12.84 -0.25 -16.41
C VAL A 59 -14.00 -1.22 -16.55
N GLY A 60 -13.76 -2.31 -17.26
CA GLY A 60 -14.78 -3.34 -17.42
C GLY A 60 -15.20 -3.90 -16.07
N TYR A 61 -14.21 -4.12 -15.21
CA TYR A 61 -14.50 -4.72 -13.90
C TYR A 61 -15.32 -3.80 -13.03
N LEU A 62 -14.95 -2.52 -13.03
CA LEU A 62 -15.65 -1.58 -12.19
C LEU A 62 -17.07 -1.33 -12.67
N ALA A 63 -17.25 -1.33 -13.99
CA ALA A 63 -18.57 -1.16 -14.56
C ALA A 63 -19.46 -2.28 -14.05
N GLY A 64 -18.92 -3.49 -14.07
CA GLY A 64 -19.60 -4.65 -13.51
C GLY A 64 -19.99 -4.45 -12.06
N CYS A 65 -19.07 -3.90 -11.27
CA CYS A 65 -19.29 -3.72 -9.85
C CYS A 65 -20.46 -2.84 -9.61
N LEU A 66 -20.48 -1.70 -10.29
CA LEU A 66 -21.51 -0.71 -10.07
C LEU A 66 -22.88 -1.25 -10.47
N VAL A 67 -22.95 -1.87 -11.64
CA VAL A 67 -24.24 -2.35 -12.14
C VAL A 67 -24.77 -3.48 -11.27
N HIS A 68 -23.90 -4.37 -10.84
CA HIS A 68 -24.31 -5.41 -9.91
C HIS A 68 -24.78 -4.83 -8.59
N ALA A 69 -24.07 -3.83 -8.08
CA ALA A 69 -24.42 -3.24 -6.78
C ALA A 69 -25.82 -2.64 -6.81
N LEU A 70 -26.15 -1.94 -7.89
CA LEU A 70 -27.45 -1.36 -8.04
C LEU A 70 -28.53 -2.46 -8.11
N GLY A 71 -28.24 -3.54 -8.82
CA GLY A 71 -29.15 -4.67 -8.93
C GLY A 71 -29.43 -5.29 -7.58
N GLU A 72 -28.40 -5.48 -6.76
CA GLU A 72 -28.62 -6.07 -5.42
C GLU A 72 -29.43 -5.10 -4.55
N LYS A 73 -29.09 -3.83 -4.60
CA LYS A 73 -29.75 -2.83 -3.75
C LYS A 73 -31.17 -2.57 -4.19
N GLN A 74 -31.41 -2.58 -5.48
CA GLN A 74 -32.73 -2.22 -6.00
C GLN A 74 -33.22 -3.25 -7.02
N PRO A 75 -33.77 -4.39 -6.55
CA PRO A 75 -34.22 -5.39 -7.53
C PRO A 75 -35.33 -4.89 -8.45
N GLU A 76 -36.10 -3.92 -7.96
CA GLU A 76 -37.15 -3.30 -8.76
C GLU A 76 -36.63 -2.74 -10.08
N LEU A 77 -35.35 -2.38 -10.15
CA LEU A 77 -34.77 -1.84 -11.37
C LEU A 77 -34.76 -2.86 -12.51
N GLN A 78 -34.85 -4.15 -12.19
CA GLN A 78 -34.99 -5.18 -13.20
C GLN A 78 -33.78 -5.26 -14.08
N ILE A 79 -32.61 -5.05 -13.50
CA ILE A 79 -31.36 -5.17 -14.24
C ILE A 79 -31.16 -6.65 -14.55
N SER A 80 -30.70 -6.94 -15.75
CA SER A 80 -30.47 -8.32 -16.18
C SER A 80 -29.01 -8.62 -16.50
N GLU A 81 -28.68 -9.90 -16.57
CA GLU A 81 -27.31 -10.32 -16.86
C GLU A 81 -26.96 -9.81 -18.23
N ARG A 82 -27.93 -9.80 -19.12
CA ARG A 82 -27.72 -9.23 -20.40
C ARG A 82 -27.29 -7.76 -20.28
N ASP A 83 -27.96 -7.05 -19.39
CA ASP A 83 -27.59 -5.68 -19.08
C ASP A 83 -26.18 -5.56 -18.49
N VAL A 84 -25.84 -6.48 -17.60
CA VAL A 84 -24.55 -6.43 -16.96
C VAL A 84 -23.46 -6.64 -18.00
N LEU A 85 -23.64 -7.62 -18.87
CA LEU A 85 -22.62 -7.91 -19.85
C LEU A 85 -22.42 -6.76 -20.81
N CYS A 86 -23.51 -6.14 -21.19
CA CYS A 86 -23.43 -5.02 -22.13
C CYS A 86 -22.66 -3.86 -21.54
N VAL A 87 -22.92 -3.58 -20.27
CA VAL A 87 -22.24 -2.48 -19.58
C VAL A 87 -20.76 -2.82 -19.46
N GLN A 88 -20.45 -4.07 -19.12
CA GLN A 88 -19.05 -4.50 -19.02
C GLN A 88 -18.33 -4.49 -20.36
N ILE A 89 -19.02 -4.85 -21.43
CA ILE A 89 -18.40 -4.81 -22.74
C ILE A 89 -18.05 -3.38 -23.13
N ALA A 90 -18.93 -2.46 -22.83
CA ALA A 90 -18.67 -1.06 -23.13
C ALA A 90 -17.47 -0.59 -22.32
N GLY A 91 -17.37 -1.05 -21.09
CA GLY A 91 -16.26 -0.66 -20.24
C GLY A 91 -14.96 -1.13 -20.80
N LEU A 92 -14.93 -2.39 -21.24
CA LEU A 92 -13.73 -2.98 -21.80
C LEU A 92 -13.34 -2.29 -23.10
N CYS A 93 -14.34 -1.93 -23.91
CA CYS A 93 -14.04 -1.47 -25.26
C CYS A 93 -14.02 0.05 -25.47
N ARG A 94 -14.24 0.83 -24.41
CA ARG A 94 -14.20 2.27 -24.59
C ARG A 94 -12.85 2.81 -25.00
N ASN A 95 -11.78 2.12 -24.61
CA ASN A 95 -10.42 2.55 -25.00
C ASN A 95 -9.91 1.92 -26.30
N LEU A 96 -10.75 1.12 -26.97
CA LEU A 96 -10.33 0.41 -28.19
C LEU A 96 -9.78 1.33 -29.29
N GLY A 97 -10.31 2.53 -29.36
CA GLY A 97 -9.97 3.47 -30.42
C GLY A 97 -8.67 4.20 -30.22
N HIS A 98 -8.03 4.04 -29.07
CA HIS A 98 -6.77 4.78 -28.82
C HIS A 98 -5.67 4.46 -29.83
N GLY A 99 -4.95 5.51 -30.21
CA GLY A 99 -3.82 5.44 -31.14
C GLY A 99 -2.50 5.38 -30.41
N PRO A 100 -1.39 5.31 -31.18
CA PRO A 100 -0.09 5.23 -30.48
C PRO A 100 0.15 6.38 -29.52
N PHE A 101 0.58 6.05 -28.31
CA PHE A 101 0.85 7.03 -27.27
C PHE A 101 -0.43 7.72 -26.80
N SER A 102 -1.57 7.10 -27.05
CA SER A 102 -2.82 7.56 -26.51
C SER A 102 -3.15 8.97 -26.94
N HIS A 103 -3.32 9.86 -25.99
CA HIS A 103 -3.88 11.17 -26.25
C HIS A 103 -3.03 12.03 -27.16
N MET A 104 -1.76 11.70 -27.24
CA MET A 104 -0.90 12.37 -28.19
C MET A 104 -1.44 12.23 -29.60
N PHE A 105 -1.93 11.03 -29.92
CA PHE A 105 -2.33 10.69 -31.27
C PHE A 105 -3.55 11.47 -31.76
N ASP A 106 -4.60 11.47 -30.96
CA ASP A 106 -5.78 12.28 -31.28
C ASP A 106 -5.66 13.72 -30.75
N GLY A 107 -4.94 13.91 -29.67
CA GLY A 107 -4.69 15.25 -29.15
C GLY A 107 -3.76 16.13 -29.97
N ARG A 108 -2.68 15.58 -30.54
CA ARG A 108 -1.70 16.39 -31.26
C ARG A 108 -1.50 16.00 -32.71
N PHE A 109 -1.22 14.72 -32.95
CA PHE A 109 -0.81 14.28 -34.28
C PHE A 109 -1.90 14.41 -35.34
N ILE A 110 -3.10 13.93 -35.06
CA ILE A 110 -4.11 13.92 -36.08
C ILE A 110 -4.54 15.33 -36.43
N PRO A 111 -4.71 16.19 -35.42
CA PRO A 111 -5.07 17.56 -35.79
C PRO A 111 -4.05 18.22 -36.72
N LEU A 112 -2.76 18.04 -36.47
CA LEU A 112 -1.74 18.61 -37.35
C LEU A 112 -1.65 17.94 -38.69
N ALA A 113 -1.73 16.60 -38.69
CA ALA A 113 -1.65 15.84 -39.93
C ALA A 113 -2.90 15.97 -40.80
N ARG A 114 -4.08 15.96 -40.17
CA ARG A 114 -5.36 15.97 -40.90
C ARG A 114 -6.29 17.03 -40.32
N PRO A 115 -5.99 18.31 -40.57
CA PRO A 115 -6.91 19.31 -40.04
C PRO A 115 -8.33 19.20 -40.58
N GLU A 116 -8.48 18.77 -41.82
CA GLU A 116 -9.82 18.67 -42.40
C GLU A 116 -10.73 17.70 -41.62
N VAL A 117 -10.15 16.61 -41.16
CA VAL A 117 -10.91 15.57 -40.50
C VAL A 117 -11.21 15.95 -39.06
N LYS A 118 -12.37 15.55 -38.53
CA LYS A 118 -12.62 15.59 -37.07
C LYS A 118 -12.67 14.17 -36.56
N TRP A 119 -11.76 13.84 -35.65
CA TRP A 119 -11.58 12.47 -35.17
C TRP A 119 -11.32 12.44 -33.68
N THR A 120 -11.80 11.41 -33.01
CA THR A 120 -11.50 11.18 -31.61
C THR A 120 -11.33 9.69 -31.39
N HIS A 121 -10.63 9.32 -30.32
CA HIS A 121 -10.44 7.93 -30.05
C HIS A 121 -11.78 7.21 -29.82
N GLU A 122 -12.76 7.91 -29.22
CA GLU A 122 -14.07 7.27 -29.01
C GLU A 122 -14.69 6.94 -30.33
N GLN A 123 -14.57 7.81 -31.31
CA GLN A 123 -15.03 7.46 -32.63
C GLN A 123 -14.32 6.19 -33.11
N GLY A 124 -13.02 6.14 -32.86
CA GLY A 124 -12.23 4.97 -33.19
C GLY A 124 -12.65 3.72 -32.46
N SER A 125 -13.01 3.85 -31.19
CA SER A 125 -13.40 2.71 -30.39
C SER A 125 -14.66 2.06 -30.93
N VAL A 126 -15.61 2.88 -31.38
CA VAL A 126 -16.84 2.34 -31.98
C VAL A 126 -16.53 1.59 -33.28
N MET A 127 -15.68 2.17 -34.12
CA MET A 127 -15.33 1.55 -35.37
C MET A 127 -14.54 0.26 -35.13
N MET A 128 -13.62 0.30 -34.17
CA MET A 128 -12.80 -0.84 -33.86
C MET A 128 -13.65 -1.96 -33.26
N PHE A 129 -14.62 -1.59 -32.45
CA PHE A 129 -15.49 -2.56 -31.82
C PHE A 129 -16.28 -3.32 -32.86
N GLU A 130 -16.80 -2.59 -33.85
CA GLU A 130 -17.56 -3.20 -34.92
C GLU A 130 -16.64 -4.15 -35.67
N HIS A 131 -15.42 -3.69 -35.95
CA HIS A 131 -14.46 -4.51 -36.65
C HIS A 131 -14.12 -5.74 -35.87
N LEU A 132 -13.99 -5.59 -34.55
CA LEU A 132 -13.67 -6.72 -33.68
C LEU A 132 -14.75 -7.81 -33.72
N ILE A 133 -16.00 -7.39 -33.64
CA ILE A 133 -17.14 -8.30 -33.63
C ILE A 133 -17.27 -9.03 -34.95
N ASN A 134 -17.14 -8.30 -36.05
CA ASN A 134 -17.34 -8.91 -37.37
C ASN A 134 -16.22 -9.85 -37.74
N SER A 135 -14.97 -9.44 -37.49
CA SER A 135 -13.80 -10.23 -37.88
C SER A 135 -13.71 -11.51 -37.07
N ASN A 136 -14.16 -11.52 -35.83
CA ASN A 136 -13.98 -12.67 -34.97
C ASN A 136 -15.24 -13.47 -34.62
N GLY A 137 -16.34 -13.22 -35.34
CA GLY A 137 -17.56 -13.98 -35.19
C GLY A 137 -18.16 -13.96 -33.79
N ILE A 138 -18.16 -12.80 -33.14
CA ILE A 138 -18.66 -12.66 -31.77
C ILE A 138 -20.19 -12.73 -31.65
N LYS A 139 -20.92 -12.25 -32.65
CA LYS A 139 -22.41 -12.18 -32.55
C LYS A 139 -23.05 -13.49 -32.19
N PRO A 140 -22.64 -14.60 -32.84
CA PRO A 140 -23.15 -15.89 -32.39
C PRO A 140 -22.89 -16.15 -30.92
N VAL A 141 -21.72 -15.79 -30.43
CA VAL A 141 -21.38 -15.98 -29.03
C VAL A 141 -22.24 -15.10 -28.13
N MET A 142 -22.53 -13.90 -28.59
CA MET A 142 -23.44 -13.01 -27.83
C MET A 142 -24.81 -13.66 -27.70
N GLU A 143 -25.29 -14.22 -28.80
CA GLU A 143 -26.59 -14.87 -28.87
C GLU A 143 -26.62 -16.04 -27.93
N GLN A 144 -25.53 -16.80 -27.93
CA GLN A 144 -25.43 -17.97 -27.10
C GLN A 144 -25.59 -17.62 -25.62
N TYR A 145 -25.14 -16.44 -25.21
CA TYR A 145 -25.24 -16.04 -23.82
C TYR A 145 -26.41 -15.09 -23.57
N GLY A 146 -27.35 -15.02 -24.51
CA GLY A 146 -28.61 -14.34 -24.28
C GLY A 146 -28.65 -12.88 -24.69
N LEU A 147 -27.60 -12.39 -25.33
CA LEU A 147 -27.63 -11.03 -25.86
C LEU A 147 -28.36 -11.03 -27.19
N ILE A 148 -28.96 -9.90 -27.52
CA ILE A 148 -29.58 -9.70 -28.80
C ILE A 148 -28.68 -8.75 -29.52
N PRO A 149 -27.94 -9.25 -30.51
CA PRO A 149 -26.92 -8.38 -31.10
C PRO A 149 -27.37 -7.03 -31.63
N GLU A 150 -28.49 -6.98 -32.34
CA GLU A 150 -28.89 -5.72 -32.96
C GLU A 150 -29.15 -4.63 -31.90
N GLU A 151 -29.88 -4.98 -30.86
CA GLU A 151 -30.18 -4.04 -29.78
C GLU A 151 -28.95 -3.74 -28.96
N ASP A 152 -28.25 -4.79 -28.56
CA ASP A 152 -27.14 -4.67 -27.63
C ASP A 152 -25.87 -4.01 -28.20
N ILE A 153 -25.51 -4.30 -29.44
CA ILE A 153 -24.39 -3.64 -30.09
C ILE A 153 -24.65 -2.13 -30.16
N CYS A 154 -25.88 -1.75 -30.44
CA CYS A 154 -26.25 -0.34 -30.44
C CYS A 154 -26.00 0.20 -29.06
N PHE A 155 -26.45 -0.54 -28.05
CA PHE A 155 -26.37 -0.10 -26.68
C PHE A 155 -24.92 0.13 -26.27
N ILE A 156 -24.05 -0.79 -26.68
CA ILE A 156 -22.64 -0.69 -26.35
C ILE A 156 -22.00 0.51 -27.01
N LYS A 157 -22.26 0.70 -28.29
CA LYS A 157 -21.72 1.84 -29.01
C LYS A 157 -22.21 3.15 -28.41
N GLU A 158 -23.47 3.18 -28.00
CA GLU A 158 -24.05 4.40 -27.41
C GLU A 158 -23.38 4.80 -26.11
N GLN A 159 -23.04 3.80 -25.31
CA GLN A 159 -22.33 4.04 -24.07
C GLN A 159 -20.97 4.63 -24.34
N ILE A 160 -20.30 4.16 -25.39
CA ILE A 160 -18.97 4.64 -25.70
C ILE A 160 -18.99 6.07 -26.24
N VAL A 161 -19.86 6.33 -27.19
CA VAL A 161 -19.73 7.54 -27.99
C VAL A 161 -20.96 8.45 -27.90
N GLY A 162 -21.95 8.08 -27.09
CA GLY A 162 -23.17 8.86 -26.98
C GLY A 162 -24.17 8.52 -28.05
N PRO A 163 -25.24 9.33 -28.19
CA PRO A 163 -26.22 9.00 -29.24
C PRO A 163 -25.59 8.99 -30.63
N LEU A 164 -25.94 7.98 -31.44
CA LEU A 164 -25.33 7.78 -32.75
C LEU A 164 -25.76 8.82 -33.77
N GLU A 165 -27.01 9.28 -33.73
CA GLU A 165 -27.46 10.41 -34.53
C GLU A 165 -26.61 11.55 -33.95
N LEU A 172 -36.45 14.89 -25.73
CA LEU A 172 -36.83 13.49 -25.84
C LEU A 172 -35.73 12.56 -25.30
N TRP A 173 -35.99 11.24 -25.37
CA TRP A 173 -34.97 10.20 -25.21
C TRP A 173 -34.17 9.90 -26.49
N PRO A 174 -32.84 10.13 -26.49
CA PRO A 174 -32.15 10.00 -27.76
C PRO A 174 -31.50 8.63 -28.04
N TYR A 175 -31.64 7.66 -27.15
CA TYR A 175 -30.92 6.41 -27.28
C TYR A 175 -31.83 5.30 -27.77
N LYS A 176 -31.38 4.52 -28.74
CA LYS A 176 -32.13 3.37 -29.19
C LYS A 176 -31.72 2.07 -28.49
N GLY A 177 -30.64 2.10 -27.75
CA GLY A 177 -30.13 0.87 -27.14
C GLY A 177 -30.97 0.36 -25.98
N ARG A 178 -31.52 1.29 -25.20
CA ARG A 178 -32.32 0.94 -24.04
C ARG A 178 -33.34 2.05 -23.80
N PRO A 179 -34.49 1.70 -23.15
CA PRO A 179 -35.46 2.74 -22.85
C PRO A 179 -35.08 3.61 -21.64
N GLU A 180 -35.82 4.69 -21.48
CA GLU A 180 -35.63 5.67 -20.41
C GLU A 180 -35.64 5.04 -19.05
N ASN A 181 -36.38 3.96 -18.90
CA ASN A 181 -36.39 3.16 -17.69
C ASN A 181 -34.98 2.70 -17.25
N LYS A 182 -34.14 2.48 -18.25
CA LYS A 182 -32.78 1.99 -18.07
C LYS A 182 -31.74 3.09 -18.24
N SER A 183 -32.12 4.35 -18.04
CA SER A 183 -31.24 5.47 -18.31
C SER A 183 -29.95 5.46 -17.50
N PHE A 184 -30.05 5.02 -16.27
CA PHE A 184 -28.92 5.00 -15.40
C PHE A 184 -27.77 4.18 -15.95
N LEU A 185 -28.07 3.18 -16.76
CA LEU A 185 -27.00 2.34 -17.31
C LEU A 185 -26.04 3.17 -18.14
N TYR A 186 -26.58 4.19 -18.83
CA TYR A 186 -25.74 5.05 -19.66
C TYR A 186 -24.79 5.96 -18.86
N GLU A 187 -25.06 6.09 -17.59
CA GLU A 187 -24.19 6.87 -16.73
C GLU A 187 -22.89 6.16 -16.38
N ILE A 188 -22.88 4.85 -16.30
CA ILE A 188 -21.73 4.12 -15.73
C ILE A 188 -20.35 4.18 -16.48
N VAL A 189 -20.32 3.92 -17.77
CA VAL A 189 -19.04 3.78 -18.46
C VAL A 189 -18.49 5.11 -18.94
N SER A 190 -19.34 5.94 -19.54
CA SER A 190 -18.94 7.27 -19.96
C SER A 190 -20.09 8.15 -19.64
N ASN A 191 -19.90 9.02 -18.68
CA ASN A 191 -20.98 9.88 -18.24
C ASN A 191 -20.99 11.18 -18.99
N LYS A 192 -21.90 11.27 -19.95
CA LYS A 192 -22.01 12.44 -20.81
C LYS A 192 -22.46 13.64 -20.04
N ARG A 193 -23.36 13.44 -19.10
CA ARG A 193 -23.97 14.53 -18.38
C ARG A 193 -22.99 15.24 -17.41
N ASN A 194 -22.20 14.47 -16.66
CA ASN A 194 -21.33 15.07 -15.65
C ASN A 194 -19.90 14.54 -15.59
N GLY A 195 -19.56 13.52 -16.36
CA GLY A 195 -18.20 13.02 -16.37
C GLY A 195 -17.80 12.10 -15.21
N ILE A 196 -18.73 11.77 -14.34
CA ILE A 196 -18.44 10.84 -13.25
C ILE A 196 -18.73 9.43 -13.65
N ASP A 197 -17.67 8.65 -13.84
CA ASP A 197 -17.81 7.32 -14.41
C ASP A 197 -16.67 6.42 -14.00
N VAL A 198 -16.85 5.14 -14.22
CA VAL A 198 -15.86 4.16 -13.82
C VAL A 198 -14.50 4.29 -14.53
N ASP A 199 -14.48 4.81 -15.76
CA ASP A 199 -13.24 4.96 -16.49
C ASP A 199 -12.29 5.82 -15.70
N LYS A 200 -12.84 6.91 -15.15
CA LYS A 200 -12.07 7.80 -14.31
C LYS A 200 -11.55 7.13 -13.05
N TRP A 201 -12.39 6.36 -12.40
CA TRP A 201 -11.99 5.76 -11.14
C TRP A 201 -10.80 4.81 -11.31
N ASP A 202 -10.83 3.98 -12.34
CA ASP A 202 -9.76 3.02 -12.52
C ASP A 202 -8.45 3.72 -12.80
N TYR A 203 -8.50 4.72 -13.67
CA TYR A 203 -7.25 5.40 -14.00
C TYR A 203 -6.68 6.23 -12.85
N PHE A 204 -7.52 6.84 -12.01
CA PHE A 204 -7.00 7.53 -10.81
C PHE A 204 -6.21 6.54 -9.97
N ALA A 205 -6.80 5.40 -9.71
CA ALA A 205 -6.11 4.40 -8.89
C ALA A 205 -4.91 3.79 -9.59
N ARG A 206 -5.05 3.46 -10.87
CA ARG A 206 -3.98 2.81 -11.61
C ARG A 206 -2.82 3.75 -11.85
N ASP A 207 -3.11 4.98 -12.24
CA ASP A 207 -2.04 5.92 -12.54
C ASP A 207 -1.24 6.26 -11.29
N CYS A 208 -1.91 6.48 -10.16
CA CYS A 208 -1.21 6.77 -8.91
C CYS A 208 -0.30 5.64 -8.52
N HIS A 209 -0.80 4.45 -8.66
CA HIS A 209 -0.06 3.24 -8.30
C HIS A 209 1.22 3.16 -9.10
N HIS A 210 1.12 3.41 -10.40
CA HIS A 210 2.27 3.29 -11.27
C HIS A 210 3.17 4.53 -11.22
N LEU A 211 2.56 5.71 -11.14
CA LEU A 211 3.32 6.95 -11.06
C LEU A 211 4.08 7.09 -9.77
N GLY A 212 3.50 6.62 -8.68
CA GLY A 212 4.04 6.87 -7.36
C GLY A 212 3.39 8.06 -6.70
N ILE A 213 2.35 8.63 -7.31
CA ILE A 213 1.48 9.66 -6.71
C ILE A 213 0.38 9.03 -5.83
N GLN A 214 -0.40 9.84 -5.11
CA GLN A 214 -1.56 9.37 -4.34
C GLN A 214 -2.94 10.03 -4.64
N ASN A 215 -3.98 9.22 -4.49
CA ASN A 215 -5.34 9.54 -4.94
C ASN A 215 -6.17 10.12 -3.80
N ASN A 216 -7.00 11.10 -4.13
CA ASN A 216 -7.97 11.70 -3.19
C ASN A 216 -9.44 11.28 -3.29
N PHE A 217 -9.75 10.38 -4.21
CA PHE A 217 -11.12 9.92 -4.36
C PHE A 217 -11.30 8.43 -4.10
N ASP A 218 -12.26 8.09 -3.25
CA ASP A 218 -12.61 6.69 -3.00
C ASP A 218 -13.80 6.23 -3.85
N TYR A 219 -13.49 5.43 -4.88
CA TYR A 219 -14.52 4.91 -5.77
C TYR A 219 -15.35 3.82 -5.11
N LYS A 220 -14.73 2.98 -4.29
CA LYS A 220 -15.47 1.92 -3.63
C LYS A 220 -16.57 2.47 -2.74
N ARG A 221 -16.27 3.55 -2.02
CA ARG A 221 -17.26 4.21 -1.19
C ARG A 221 -18.43 4.73 -2.03
N PHE A 222 -18.12 5.30 -3.17
CA PHE A 222 -19.13 5.88 -4.01
C PHE A 222 -20.15 4.83 -4.42
N ILE A 223 -19.66 3.64 -4.75
CA ILE A 223 -20.54 2.55 -5.17
C ILE A 223 -21.48 2.15 -4.05
N LYS A 224 -20.97 2.08 -2.84
CA LYS A 224 -21.81 1.73 -1.69
C LYS A 224 -22.98 2.69 -1.50
N PHE A 225 -22.75 3.99 -1.69
CA PHE A 225 -23.77 5.00 -1.44
C PHE A 225 -24.55 5.36 -2.70
N ALA A 226 -24.27 4.71 -3.83
CA ALA A 226 -25.03 5.00 -5.06
C ALA A 226 -26.46 4.42 -5.04
N ARG A 227 -27.40 5.18 -5.55
CA ARG A 227 -28.79 4.78 -5.61
C ARG A 227 -29.37 5.29 -6.92
N VAL A 228 -30.43 4.63 -7.37
CA VAL A 228 -31.15 5.07 -8.55
C VAL A 228 -32.45 5.71 -8.12
N CYS A 229 -32.71 6.92 -8.60
CA CYS A 229 -33.93 7.65 -8.28
C CYS A 229 -34.51 8.23 -9.52
N GLU A 230 -35.80 8.56 -9.48
CA GLU A 230 -36.45 9.19 -10.62
C GLU A 230 -36.09 10.63 -10.61
N VAL A 231 -35.58 11.12 -11.73
CA VAL A 231 -35.29 12.52 -11.91
C VAL A 231 -35.90 12.91 -13.26
N ASP A 232 -36.84 13.85 -13.26
CA ASP A 232 -37.44 14.35 -14.50
C ASP A 232 -37.87 13.21 -15.42
N ASN A 233 -38.58 12.23 -14.87
CA ASN A 233 -39.08 11.09 -15.66
C ASN A 233 -37.95 10.29 -16.33
N GLU A 234 -36.80 10.29 -15.65
CA GLU A 234 -35.67 9.50 -16.02
C GLU A 234 -35.22 8.82 -14.75
N LEU A 235 -34.72 7.61 -14.84
CA LEU A 235 -34.06 6.98 -13.69
C LEU A 235 -32.54 7.21 -13.80
N ARG A 236 -31.96 7.86 -12.80
CA ARG A 236 -30.56 8.26 -12.82
C ARG A 236 -29.87 7.80 -11.57
N ILE A 237 -28.57 7.58 -11.68
CA ILE A 237 -27.80 7.26 -10.51
C ILE A 237 -27.73 8.50 -9.69
N CYS A 238 -27.93 8.34 -8.40
CA CYS A 238 -27.89 9.45 -7.48
C CYS A 238 -26.89 9.17 -6.38
N ALA A 239 -26.18 10.22 -5.99
CA ALA A 239 -25.20 10.14 -4.92
C ALA A 239 -25.82 10.59 -3.63
N ARG A 240 -25.35 10.00 -2.52
CA ARG A 240 -25.85 10.40 -1.23
C ARG A 240 -25.35 11.81 -0.91
N ASP A 241 -26.18 12.61 -0.26
CA ASP A 241 -25.91 14.05 -0.04
C ASP A 241 -24.59 14.29 0.65
N LYS A 242 -24.30 13.46 1.65
CA LYS A 242 -23.05 13.49 2.36
C LYS A 242 -21.84 13.45 1.42
N GLU A 243 -21.94 12.66 0.37
CA GLU A 243 -20.82 12.38 -0.49
C GLU A 243 -20.46 13.52 -1.43
N VAL A 244 -21.22 14.59 -1.38
CA VAL A 244 -20.94 15.72 -2.24
C VAL A 244 -19.48 16.25 -2.13
N GLY A 245 -18.95 16.33 -0.93
CA GLY A 245 -17.60 16.80 -0.76
C GLY A 245 -16.62 15.88 -1.44
N ASN A 246 -16.88 14.58 -1.34
CA ASN A 246 -16.04 13.57 -1.98
C ASN A 246 -16.07 13.64 -3.50
N LEU A 247 -17.20 14.03 -4.06
CA LEU A 247 -17.28 14.26 -5.50
C LEU A 247 -16.39 15.37 -5.95
N TYR A 248 -16.39 16.47 -5.19
CA TYR A 248 -15.53 17.61 -5.49
C TYR A 248 -14.09 17.20 -5.37
N ASP A 249 -13.79 16.36 -4.38
CA ASP A 249 -12.46 15.82 -4.20
C ASP A 249 -12.00 15.03 -5.40
N MET A 250 -12.93 14.28 -6.00
CA MET A 250 -12.62 13.50 -7.17
C MET A 250 -12.08 14.39 -8.26
N PHE A 251 -12.74 15.52 -8.46
CA PHE A 251 -12.31 16.46 -9.47
C PHE A 251 -11.00 17.14 -9.11
N HIS A 252 -10.81 17.39 -7.83
CA HIS A 252 -9.56 17.94 -7.37
C HIS A 252 -8.45 16.98 -7.68
N THR A 253 -8.70 15.72 -7.39
CA THR A 253 -7.72 14.67 -7.65
C THR A 253 -7.34 14.59 -9.12
N ARG A 254 -8.36 14.69 -9.96
CA ARG A 254 -8.16 14.70 -11.36
C ARG A 254 -7.24 15.87 -11.77
N ASN A 255 -7.48 17.03 -11.21
CA ASN A 255 -6.68 18.20 -11.56
C ASN A 255 -5.26 18.09 -11.08
N SER A 256 -5.06 17.48 -9.89
CA SER A 256 -3.71 17.21 -9.39
C SER A 256 -2.92 16.37 -10.37
N LEU A 257 -3.54 15.28 -10.78
CA LEU A 257 -2.92 14.37 -11.73
C LEU A 257 -2.62 15.04 -13.04
N HIS A 258 -3.55 15.83 -13.54
CA HIS A 258 -3.34 16.47 -14.82
C HIS A 258 -2.18 17.47 -14.76
N ARG A 259 -2.13 18.26 -13.70
CA ARG A 259 -1.06 19.25 -13.50
C ARG A 259 0.29 18.55 -13.28
N ARG A 260 0.30 17.59 -12.36
CA ARG A 260 1.52 16.89 -12.03
C ARG A 260 2.06 15.92 -13.10
N ALA A 261 1.17 15.24 -13.84
CA ALA A 261 1.60 14.14 -14.71
C ALA A 261 1.09 14.22 -16.14
N TYR A 262 -0.22 14.27 -16.35
CA TYR A 262 -0.71 14.23 -17.72
C TYR A 262 -0.22 15.41 -18.53
N GLN A 263 -0.08 16.54 -17.86
CA GLN A 263 0.32 17.77 -18.51
C GLN A 263 1.69 18.21 -18.02
N HIS A 264 2.48 17.25 -17.57
CA HIS A 264 3.86 17.51 -17.15
C HIS A 264 4.62 18.16 -18.28
N LYS A 265 5.35 19.20 -17.95
CA LYS A 265 5.93 20.08 -18.97
C LYS A 265 6.90 19.34 -19.89
N VAL A 266 7.72 18.49 -19.30
CA VAL A 266 8.68 17.73 -20.08
C VAL A 266 7.97 16.62 -20.82
N GLY A 267 6.99 16.00 -20.20
CA GLY A 267 6.29 14.92 -20.82
C GLY A 267 5.58 15.43 -22.06
N ASN A 268 5.00 16.60 -21.96
CA ASN A 268 4.33 17.18 -23.10
C ASN A 268 5.30 17.47 -24.23
N ILE A 269 6.50 17.90 -23.90
CA ILE A 269 7.46 18.26 -24.92
C ILE A 269 7.90 17.02 -25.68
N ILE A 270 8.07 15.94 -24.96
CA ILE A 270 8.38 14.66 -25.58
C ILE A 270 7.24 14.21 -26.53
N ASP A 271 6.00 14.39 -26.10
CA ASP A 271 4.88 14.11 -26.93
C ASP A 271 4.92 14.96 -28.16
N THR A 272 5.28 16.21 -27.99
CA THR A 272 5.45 17.11 -29.12
C THR A 272 6.51 16.62 -30.11
N MET A 273 7.64 16.18 -29.57
CA MET A 273 8.75 15.72 -30.40
C MET A 273 8.37 14.42 -31.13
N ILE A 274 7.66 13.53 -30.46
CA ILE A 274 7.22 12.31 -31.08
C ILE A 274 6.26 12.62 -32.21
N THR A 275 5.36 13.56 -31.98
CA THR A 275 4.45 14.01 -33.02
C THR A 275 5.22 14.56 -34.23
N ASP A 276 6.25 15.35 -33.94
CA ASP A 276 7.07 15.92 -34.99
C ASP A 276 7.66 14.83 -35.86
N ALA A 277 8.19 13.81 -35.21
CA ALA A 277 8.75 12.68 -35.94
C ALA A 277 7.69 11.98 -36.76
N PHE A 278 6.50 11.83 -36.21
CA PHE A 278 5.43 11.18 -36.94
C PHE A 278 5.05 11.92 -38.21
N LEU A 279 4.97 13.25 -38.10
CA LEU A 279 4.64 14.08 -39.25
C LEU A 279 5.70 13.93 -40.32
N LYS A 280 6.96 13.92 -39.90
CA LYS A 280 8.07 13.77 -40.82
C LYS A 280 8.09 12.40 -41.50
N ALA A 281 7.66 11.37 -40.78
CA ALA A 281 7.61 10.02 -41.31
C ALA A 281 6.32 9.68 -42.05
N ASP A 282 5.31 10.54 -41.96
CA ASP A 282 3.97 10.13 -42.35
C ASP A 282 3.83 9.68 -43.80
N ASP A 283 4.47 10.40 -44.73
CA ASP A 283 4.38 10.03 -46.16
C ASP A 283 5.08 8.73 -46.46
N TYR A 284 6.19 8.51 -45.80
CA TYR A 284 7.03 7.38 -46.11
C TYR A 284 6.56 6.09 -45.47
N ILE A 285 5.94 6.14 -44.32
CA ILE A 285 5.45 4.90 -43.70
C ILE A 285 4.24 4.37 -44.44
N GLU A 286 4.18 3.05 -44.65
CA GLU A 286 3.03 2.42 -45.33
C GLU A 286 2.48 1.28 -44.48
N ILE A 287 1.18 1.33 -44.16
CA ILE A 287 0.54 0.31 -43.35
C ILE A 287 -0.52 -0.38 -44.18
N THR A 288 -0.44 -1.72 -44.25
CA THR A 288 -1.38 -2.48 -45.06
C THR A 288 -2.74 -2.59 -44.40
N GLY A 289 -3.76 -2.38 -45.21
CA GLY A 289 -5.15 -2.42 -44.77
C GLY A 289 -5.93 -3.50 -45.50
N ALA A 290 -7.23 -3.51 -45.27
CA ALA A 290 -8.06 -4.52 -45.86
C ALA A 290 -7.95 -4.45 -47.37
N GLY A 291 -7.85 -5.63 -48.00
CA GLY A 291 -7.68 -5.72 -49.44
C GLY A 291 -6.29 -5.41 -49.91
N GLY A 292 -5.35 -5.26 -48.99
CA GLY A 292 -3.99 -4.91 -49.34
C GLY A 292 -3.77 -3.44 -49.66
N LYS A 293 -4.80 -2.59 -49.49
CA LYS A 293 -4.63 -1.14 -49.65
C LYS A 293 -3.61 -0.63 -48.62
N LYS A 294 -2.88 0.42 -48.98
CA LYS A 294 -1.78 0.95 -48.16
C LYS A 294 -2.16 2.28 -47.60
N TYR A 295 -1.85 2.47 -46.32
CA TYR A 295 -2.24 3.69 -45.61
C TYR A 295 -1.05 4.33 -44.91
N ARG A 296 -1.16 5.65 -44.74
CA ARG A 296 -0.25 6.44 -43.93
C ARG A 296 -0.64 6.27 -42.45
N ILE A 297 0.23 6.75 -41.56
CA ILE A 297 -0.05 6.78 -40.16
C ILE A 297 -1.31 7.61 -39.97
N SER A 298 -1.39 8.73 -40.66
CA SER A 298 -2.55 9.61 -40.53
C SER A 298 -3.80 9.02 -41.14
N THR A 299 -3.70 8.20 -42.18
CA THR A 299 -4.90 7.67 -42.82
C THR A 299 -5.29 6.27 -42.33
N ALA A 300 -4.53 5.72 -41.40
CA ALA A 300 -4.81 4.37 -40.90
C ALA A 300 -6.15 4.37 -40.17
N ILE A 301 -6.55 5.51 -39.62
CA ILE A 301 -7.82 5.63 -38.90
C ILE A 301 -9.01 5.38 -39.81
N ASP A 302 -8.82 5.53 -41.10
CA ASP A 302 -9.87 5.23 -42.05
C ASP A 302 -10.15 3.74 -42.19
N ASP A 303 -9.16 2.87 -42.02
CA ASP A 303 -9.36 1.42 -42.18
C ASP A 303 -8.99 0.71 -40.90
N MET A 304 -9.93 -0.05 -40.32
CA MET A 304 -9.68 -0.67 -39.01
C MET A 304 -8.66 -1.76 -39.09
N GLU A 305 -8.60 -2.43 -40.21
CA GLU A 305 -7.59 -3.46 -40.37
C GLU A 305 -6.18 -2.89 -40.31
N ALA A 306 -6.01 -1.74 -40.95
CA ALA A 306 -4.75 -1.05 -40.86
C ALA A 306 -4.50 -0.58 -39.43
N TYR A 307 -5.55 -0.06 -38.80
CA TYR A 307 -5.43 0.56 -37.50
C TYR A 307 -5.06 -0.47 -36.45
N THR A 308 -5.48 -1.70 -36.65
CA THR A 308 -5.17 -2.74 -35.71
C THR A 308 -3.67 -2.87 -35.53
N LYS A 309 -2.93 -2.66 -36.61
CA LYS A 309 -1.49 -2.81 -36.58
C LYS A 309 -0.75 -1.53 -36.20
N LEU A 310 -1.48 -0.46 -35.90
CA LEU A 310 -0.84 0.81 -35.58
C LEU A 310 -0.78 1.02 -34.10
N THR A 311 0.43 1.06 -33.56
CA THR A 311 0.64 1.07 -32.12
C THR A 311 1.92 1.80 -31.81
N ASP A 312 2.33 1.77 -30.54
CA ASP A 312 3.55 2.46 -30.09
C ASP A 312 4.75 1.94 -30.83
N ASN A 313 4.63 0.74 -31.38
CA ASN A 313 5.67 0.13 -32.16
C ASN A 313 6.22 0.99 -33.28
N ILE A 314 5.38 1.88 -33.81
CA ILE A 314 5.80 2.73 -34.88
C ILE A 314 7.01 3.53 -34.46
N PHE A 315 7.01 3.95 -33.21
CA PHE A 315 8.11 4.72 -32.68
C PHE A 315 9.46 3.98 -32.91
N LEU A 316 9.49 2.70 -32.59
CA LEU A 316 10.69 1.92 -32.76
C LEU A 316 10.97 1.66 -34.24
N GLU A 317 9.91 1.51 -35.01
CA GLU A 317 10.07 1.23 -36.42
C GLU A 317 10.81 2.39 -37.06
N ILE A 318 10.44 3.61 -36.67
CA ILE A 318 11.08 4.81 -37.20
C ILE A 318 12.50 4.92 -36.70
N LEU A 319 12.67 4.65 -35.41
CA LEU A 319 13.97 4.75 -34.78
C LEU A 319 15.00 3.80 -35.39
N TYR A 320 14.58 2.58 -35.73
CA TYR A 320 15.51 1.59 -36.28
C TYR A 320 15.62 1.66 -37.80
N SER A 321 14.90 2.57 -38.42
CA SER A 321 14.89 2.60 -39.87
C SER A 321 16.23 3.05 -40.45
N THR A 322 16.65 2.44 -41.55
CA THR A 322 17.85 2.89 -42.27
C THR A 322 17.48 3.77 -43.47
N ASP A 323 16.19 3.84 -43.82
CA ASP A 323 15.77 4.58 -45.01
C ASP A 323 16.14 6.06 -44.94
N PRO A 324 16.79 6.60 -46.00
CA PRO A 324 17.11 8.01 -45.98
C PRO A 324 15.89 8.93 -45.88
N LYS A 325 14.76 8.52 -46.45
CA LYS A 325 13.55 9.36 -46.40
C LYS A 325 13.13 9.58 -44.96
N LEU A 326 13.39 8.60 -44.09
CA LEU A 326 13.00 8.67 -42.68
C LEU A 326 14.04 9.28 -41.77
N LYS A 327 15.11 9.80 -42.36
CA LYS A 327 16.24 10.27 -41.58
C LYS A 327 15.86 11.40 -40.63
N ASP A 328 15.09 12.36 -41.11
CA ASP A 328 14.71 13.48 -40.28
C ASP A 328 13.89 13.04 -39.10
N ALA A 329 12.95 12.14 -39.34
CA ALA A 329 12.10 11.61 -38.26
C ALA A 329 12.94 10.82 -37.28
N ARG A 330 13.85 10.04 -37.82
CA ARG A 330 14.74 9.21 -37.00
C ARG A 330 15.59 10.07 -36.06
N GLU A 331 16.10 11.19 -36.55
CA GLU A 331 16.96 12.07 -35.76
C GLU A 331 16.26 12.58 -34.53
N ILE A 332 15.00 12.93 -34.68
CA ILE A 332 14.23 13.50 -33.59
C ILE A 332 14.09 12.49 -32.47
N LEU A 333 13.76 11.24 -32.82
CA LEU A 333 13.62 10.20 -31.83
C LEU A 333 14.94 9.93 -31.18
N LYS A 334 16.01 10.01 -31.96
CA LYS A 334 17.36 9.85 -31.42
C LYS A 334 17.68 10.93 -30.40
N GLN A 335 17.25 12.15 -30.68
CA GLN A 335 17.46 13.25 -29.75
C GLN A 335 16.72 13.00 -28.43
N ILE A 336 15.57 12.34 -28.51
CA ILE A 336 14.86 11.94 -27.31
C ILE A 336 15.67 10.98 -26.49
N GLU A 337 16.25 9.99 -27.14
CA GLU A 337 17.06 9.01 -26.43
C GLU A 337 18.25 9.65 -25.72
N TYR A 338 18.91 10.60 -26.39
CA TYR A 338 20.04 11.33 -25.81
C TYR A 338 19.62 12.39 -24.81
N ARG A 339 18.32 12.66 -24.74
CA ARG A 339 17.76 13.63 -23.82
C ARG A 339 18.08 15.04 -24.25
N ASN A 340 18.25 15.19 -25.54
CA ASN A 340 18.45 16.47 -26.15
C ASN A 340 17.10 17.04 -26.55
N LEU A 341 16.34 17.49 -25.58
CA LEU A 341 14.96 17.90 -25.82
C LEU A 341 14.83 19.39 -26.11
N PHE A 342 13.71 19.79 -26.68
CA PHE A 342 13.39 21.21 -26.77
C PHE A 342 13.29 21.75 -25.34
N LYS A 343 13.68 22.98 -25.14
CA LYS A 343 13.88 23.48 -23.79
C LYS A 343 12.66 24.26 -23.33
N TYR A 344 12.25 24.01 -22.10
CA TYR A 344 11.10 24.68 -21.50
C TYR A 344 11.53 26.05 -21.00
N VAL A 345 10.80 27.09 -21.40
CA VAL A 345 11.15 28.44 -21.04
C VAL A 345 10.35 28.96 -19.85
N GLY A 346 9.04 28.78 -19.89
CA GLY A 346 8.15 29.34 -18.88
C GLY A 346 6.70 28.98 -19.05
N GLU A 347 5.93 29.24 -17.99
CA GLU A 347 4.49 29.03 -17.99
C GLU A 347 3.84 30.33 -17.59
N THR A 348 2.72 30.64 -18.19
CA THR A 348 1.97 31.86 -17.85
C THR A 348 0.46 31.62 -17.99
N GLN A 349 -0.35 32.56 -17.47
CA GLN A 349 -1.81 32.46 -17.55
C GLN A 349 -2.46 33.74 -18.11
N PRO A 350 -3.50 33.60 -18.94
CA PRO A 350 -4.23 34.80 -19.34
C PRO A 350 -4.99 35.46 -18.18
N THR A 351 -5.22 36.75 -18.32
CA THR A 351 -5.73 37.59 -17.26
C THR A 351 -7.17 37.91 -17.54
N GLY A 352 -7.86 38.33 -16.49
CA GLY A 352 -9.23 38.80 -16.62
C GLY A 352 -10.18 37.73 -17.17
N GLN A 353 -10.98 38.09 -18.16
CA GLN A 353 -11.90 37.14 -18.81
C GLN A 353 -11.30 36.49 -20.07
N ILE A 354 -10.11 36.91 -20.50
CA ILE A 354 -9.50 36.47 -21.77
C ILE A 354 -9.30 34.97 -21.80
N LYS A 355 -9.62 34.39 -22.95
CA LYS A 355 -9.34 32.99 -23.25
C LYS A 355 -8.72 32.98 -24.63
N ILE A 356 -8.01 31.92 -24.92
CA ILE A 356 -7.34 31.78 -26.19
C ILE A 356 -8.06 30.78 -27.07
N LYS A 357 -8.46 31.24 -28.24
CA LYS A 357 -9.17 30.41 -29.22
C LYS A 357 -8.20 29.46 -29.93
N ARG A 358 -8.71 28.33 -30.38
CA ARG A 358 -7.92 27.32 -31.10
C ARG A 358 -7.25 27.84 -32.36
N GLU A 359 -7.99 28.67 -33.09
CA GLU A 359 -7.51 29.29 -34.32
C GLU A 359 -6.25 30.11 -34.08
N ASP A 360 -6.19 30.75 -32.91
CA ASP A 360 -5.07 31.64 -32.58
C ASP A 360 -3.77 30.89 -32.29
N TYR A 361 -3.83 29.58 -32.05
CA TYR A 361 -2.66 28.83 -31.63
C TYR A 361 -1.52 28.96 -32.61
N GLU A 362 -1.84 28.91 -33.89
CA GLU A 362 -0.81 28.98 -34.93
C GLU A 362 -0.03 30.30 -34.85
N SER A 363 -0.75 31.39 -34.61
CA SER A 363 -0.09 32.70 -34.57
C SER A 363 0.77 32.98 -33.31
N LEU A 364 0.57 32.25 -32.20
CA LEU A 364 1.26 32.54 -30.95
C LEU A 364 2.81 32.49 -31.00
N PRO A 365 3.39 31.49 -31.69
CA PRO A 365 4.85 31.57 -31.72
C PRO A 365 5.35 32.87 -32.38
N LYS A 366 4.67 33.33 -33.42
CA LYS A 366 5.08 34.56 -34.11
C LYS A 366 4.98 35.70 -33.14
N GLU A 367 3.93 35.66 -32.32
CA GLU A 367 3.69 36.72 -31.36
C GLU A 367 4.84 36.89 -30.34
N VAL A 368 5.36 35.79 -29.85
CA VAL A 368 6.46 35.81 -28.89
C VAL A 368 7.74 36.36 -29.53
N ALA A 369 8.02 35.96 -30.78
CA ALA A 369 9.17 36.47 -31.50
C ALA A 369 9.04 37.97 -31.75
N SER A 370 7.81 38.42 -31.97
CA SER A 370 7.53 39.82 -32.23
C SER A 370 7.87 40.72 -31.04
N ALA A 371 7.71 40.22 -29.82
CA ALA A 371 8.02 41.04 -28.66
C ALA A 371 9.46 41.53 -28.71
N LYS A 372 9.67 42.79 -28.36
CA LYS A 372 11.03 43.35 -28.32
C LYS A 372 11.41 43.64 -26.86
N PRO A 373 12.15 42.71 -26.20
CA PRO A 373 12.47 43.03 -24.81
C PRO A 373 13.45 44.19 -24.74
N LYS A 374 13.34 45.05 -23.74
CA LYS A 374 14.23 46.20 -23.58
C LYS A 374 15.56 45.78 -23.00
N VAL A 375 16.26 44.91 -23.70
CA VAL A 375 17.43 44.24 -23.17
C VAL A 375 18.44 44.07 -24.28
N LEU A 376 19.70 43.91 -23.91
CA LEU A 376 20.74 43.58 -24.88
C LEU A 376 20.79 42.09 -25.16
N LEU A 377 20.67 41.72 -26.42
CA LEU A 377 20.67 40.32 -26.83
C LEU A 377 21.79 39.99 -27.81
N ASP A 378 22.54 38.95 -27.50
CA ASP A 378 23.54 38.41 -28.41
C ASP A 378 22.91 37.81 -29.68
N VAL A 379 21.77 37.15 -29.55
CA VAL A 379 21.17 36.42 -30.65
C VAL A 379 19.67 36.70 -30.78
N LYS A 380 19.15 36.57 -31.99
CA LYS A 380 17.76 36.92 -32.28
C LYS A 380 16.98 35.68 -32.70
N LEU A 381 15.95 35.37 -31.93
CA LEU A 381 15.12 34.20 -32.20
C LEU A 381 14.00 34.49 -33.20
N LYS A 382 13.47 33.40 -33.77
CA LYS A 382 12.48 33.46 -34.83
C LYS A 382 11.27 32.68 -34.39
N ALA A 383 10.14 32.97 -35.03
CA ALA A 383 8.87 32.36 -34.70
C ALA A 383 8.96 30.84 -34.77
N GLU A 384 9.65 30.33 -35.79
CA GLU A 384 9.82 28.89 -35.95
C GLU A 384 10.57 28.29 -34.75
N ASP A 385 11.44 29.09 -34.11
CA ASP A 385 12.22 28.63 -32.98
C ASP A 385 11.37 28.30 -31.78
N PHE A 386 10.29 29.02 -31.58
CA PHE A 386 9.43 28.80 -30.41
C PHE A 386 8.32 27.74 -30.60
N ILE A 387 7.93 27.11 -29.49
CA ILE A 387 6.76 26.28 -29.41
C ILE A 387 5.89 26.79 -28.29
N VAL A 388 4.61 26.96 -28.57
CA VAL A 388 3.69 27.43 -27.55
C VAL A 388 2.58 26.41 -27.41
N ASP A 389 2.37 25.94 -26.19
CA ASP A 389 1.43 24.90 -25.90
C ASP A 389 0.38 25.47 -24.98
N VAL A 390 -0.87 25.35 -25.38
CA VAL A 390 -1.98 25.87 -24.58
C VAL A 390 -2.73 24.70 -23.99
N ILE A 391 -2.92 24.73 -22.69
CA ILE A 391 -3.58 23.64 -22.00
C ILE A 391 -4.80 24.16 -21.28
N ASN A 392 -5.93 23.50 -21.48
CA ASN A 392 -7.17 23.89 -20.84
C ASN A 392 -7.46 22.97 -19.68
N MET A 393 -7.45 23.54 -18.48
CA MET A 393 -7.69 22.79 -17.27
C MET A 393 -9.06 23.14 -16.73
N ASP A 394 -9.87 22.10 -16.51
CA ASP A 394 -11.26 22.28 -16.13
C ASP A 394 -11.79 21.07 -15.41
N TYR A 395 -13.04 21.18 -14.98
CA TYR A 395 -13.73 20.09 -14.32
C TYR A 395 -14.44 19.16 -15.29
N GLY A 396 -13.99 19.18 -16.55
CA GLY A 396 -14.50 18.28 -17.58
C GLY A 396 -15.75 18.78 -18.30
N MET A 397 -16.27 19.91 -17.85
CA MET A 397 -17.47 20.50 -18.39
C MET A 397 -17.12 21.88 -18.95
N GLN A 398 -15.84 22.07 -19.25
CA GLN A 398 -15.34 23.40 -19.61
C GLN A 398 -15.57 24.34 -18.44
N GLU A 399 -16.18 25.49 -18.71
CA GLU A 399 -16.55 26.44 -17.67
C GLU A 399 -17.51 25.89 -16.60
N LYS A 400 -18.36 24.94 -16.97
CA LYS A 400 -19.47 24.51 -16.11
C LYS A 400 -19.00 23.72 -14.90
N ASN A 401 -19.76 23.84 -13.81
CA ASN A 401 -19.60 23.01 -12.63
C ASN A 401 -20.30 21.63 -12.74
N PRO A 402 -19.52 20.53 -12.70
CA PRO A 402 -20.18 19.23 -12.89
C PRO A 402 -21.18 18.85 -11.80
N ILE A 403 -20.96 19.32 -10.57
CA ILE A 403 -21.81 18.91 -9.45
C ILE A 403 -23.22 19.49 -9.56
N ASP A 404 -23.36 20.59 -10.29
CA ASP A 404 -24.67 21.11 -10.61
C ASP A 404 -25.45 20.11 -11.39
N HIS A 405 -24.75 19.25 -12.11
CA HIS A 405 -25.40 18.23 -12.89
C HIS A 405 -25.45 16.86 -12.19
N VAL A 406 -25.17 16.82 -10.90
CA VAL A 406 -25.30 15.58 -10.13
C VAL A 406 -26.61 15.60 -9.32
N SER A 407 -27.16 14.41 -9.09
CA SER A 407 -28.39 14.25 -8.31
C SER A 407 -28.10 13.54 -7.01
N PHE A 408 -28.70 14.05 -5.94
CA PHE A 408 -28.44 13.51 -4.62
C PHE A 408 -29.70 13.01 -3.95
N TYR A 409 -29.54 12.14 -2.97
CA TYR A 409 -30.63 11.74 -2.15
C TYR A 409 -30.20 11.81 -0.70
N CYS A 410 -31.19 11.82 0.18
CA CYS A 410 -30.96 11.99 1.59
C CYS A 410 -31.33 10.73 2.30
N LYS A 411 -30.74 10.56 3.46
CA LYS A 411 -31.02 9.40 4.28
C LYS A 411 -32.51 9.34 4.65
N THR A 412 -33.11 10.49 4.94
CA THR A 412 -34.50 10.55 5.38
C THR A 412 -35.49 10.15 4.30
N ALA A 413 -35.19 10.41 3.04
CA ALA A 413 -36.08 10.00 1.93
C ALA A 413 -35.21 9.54 0.76
N PRO A 414 -34.76 8.28 0.82
CA PRO A 414 -33.87 7.78 -0.23
C PRO A 414 -34.43 7.88 -1.66
N ASN A 415 -35.74 7.77 -1.84
CA ASN A 415 -36.32 7.79 -3.18
C ASN A 415 -36.37 9.14 -3.83
N ARG A 416 -36.27 10.20 -3.04
CA ARG A 416 -36.47 11.53 -3.57
C ARG A 416 -35.14 12.17 -3.91
N ALA A 417 -34.94 12.43 -5.20
CA ALA A 417 -33.74 13.09 -5.68
C ALA A 417 -33.78 14.59 -5.37
N ILE A 418 -32.61 15.17 -5.13
CA ILE A 418 -32.48 16.57 -4.84
C ILE A 418 -31.25 17.14 -5.54
N ARG A 419 -31.18 18.46 -5.59
CA ARG A 419 -30.11 19.20 -6.23
C ARG A 419 -29.37 19.98 -5.18
N ILE A 420 -28.04 20.02 -5.27
CA ILE A 420 -27.24 20.73 -4.31
C ILE A 420 -26.39 21.74 -5.05
N THR A 421 -26.59 23.01 -4.69
CA THR A 421 -25.84 24.12 -5.27
C THR A 421 -24.50 24.25 -4.62
N LYS A 422 -23.61 24.95 -5.31
CA LYS A 422 -22.23 25.15 -4.83
C LYS A 422 -22.21 25.86 -3.48
N ASN A 423 -23.10 26.82 -3.30
CA ASN A 423 -23.18 27.57 -2.05
C ASN A 423 -23.50 26.69 -0.85
N GLN A 424 -24.26 25.64 -1.10
CA GLN A 424 -24.60 24.71 -0.04
C GLN A 424 -23.41 23.89 0.41
N VAL A 425 -22.48 23.62 -0.47
CA VAL A 425 -21.30 22.88 -0.08
C VAL A 425 -20.25 23.77 0.58
N SER A 426 -19.89 24.86 -0.10
CA SER A 426 -18.81 25.70 0.39
C SER A 426 -18.77 27.04 -0.30
N GLN A 427 -18.35 28.04 0.45
CA GLN A 427 -18.19 29.39 -0.07
C GLN A 427 -16.80 29.49 -0.69
N LEU A 428 -15.89 28.61 -0.27
CA LEU A 428 -14.51 28.63 -0.77
C LEU A 428 -14.39 28.18 -2.24
N LEU A 429 -15.32 27.37 -2.72
CA LEU A 429 -15.24 26.77 -4.06
C LEU A 429 -15.27 27.82 -5.20
N PRO A 430 -14.61 27.52 -6.34
CA PRO A 430 -14.44 28.57 -7.36
C PRO A 430 -15.70 29.03 -8.12
N GLU A 431 -15.71 30.29 -8.54
CA GLU A 431 -16.79 30.85 -9.39
C GLU A 431 -16.78 30.24 -10.76
N LYS A 432 -15.58 30.05 -11.29
CA LYS A 432 -15.41 29.42 -12.61
C LYS A 432 -14.58 28.17 -12.45
N PHE A 433 -14.84 27.14 -13.24
CA PHE A 433 -14.17 25.86 -13.08
C PHE A 433 -13.20 25.48 -14.19
N ALA A 434 -12.82 26.45 -15.02
CA ALA A 434 -11.84 26.22 -16.08
C ALA A 434 -10.80 27.34 -16.13
N GLU A 435 -9.54 26.95 -16.35
CA GLU A 435 -8.47 27.91 -16.57
C GLU A 435 -7.48 27.41 -17.60
N GLN A 436 -6.70 28.34 -18.15
CA GLN A 436 -5.76 28.02 -19.20
C GLN A 436 -4.31 28.24 -18.79
N LEU A 437 -3.44 27.32 -19.19
CA LEU A 437 -2.03 27.43 -18.94
C LEU A 437 -1.33 27.57 -20.27
N ILE A 438 -0.38 28.50 -20.33
CA ILE A 438 0.44 28.63 -21.53
C ILE A 438 1.90 28.29 -21.24
N ARG A 439 2.43 27.32 -22.00
CA ARG A 439 3.81 26.91 -21.83
C ARG A 439 4.58 27.22 -23.08
N VAL A 440 5.78 27.77 -22.87
CA VAL A 440 6.63 28.14 -23.99
C VAL A 440 7.92 27.37 -23.98
N TYR A 441 8.29 26.84 -25.14
CA TYR A 441 9.53 26.08 -25.28
C TYR A 441 10.35 26.65 -26.40
N CYS A 442 11.66 26.49 -26.32
CA CYS A 442 12.55 26.95 -27.37
C CYS A 442 13.20 25.76 -28.04
N LYS A 443 13.13 25.73 -29.37
CA LYS A 443 13.76 24.66 -30.14
C LYS A 443 15.29 24.71 -30.12
N LYS A 444 15.87 25.90 -30.07
CA LYS A 444 17.32 26.01 -29.96
C LYS A 444 17.75 25.93 -28.50
N VAL A 445 18.65 25.00 -28.19
CA VAL A 445 18.97 24.68 -26.82
C VAL A 445 20.23 25.32 -26.25
N ASP A 446 20.99 26.06 -27.05
CA ASP A 446 22.23 26.68 -26.57
C ASP A 446 21.94 27.68 -25.46
N ARG A 447 22.93 27.89 -24.60
CA ARG A 447 22.80 28.75 -23.43
C ARG A 447 22.44 30.17 -23.84
N LYS A 448 23.07 30.66 -24.89
CA LYS A 448 22.77 32.00 -25.38
C LYS A 448 21.35 32.10 -25.88
N SER A 449 20.89 31.09 -26.61
CA SER A 449 19.54 31.07 -27.18
C SER A 449 18.49 31.00 -26.06
N LEU A 450 18.76 30.21 -25.04
CA LEU A 450 17.85 30.06 -23.93
C LEU A 450 17.65 31.37 -23.16
N TYR A 451 18.73 32.08 -22.89
CA TYR A 451 18.67 33.37 -22.19
C TYR A 451 17.79 34.34 -22.98
N ALA A 452 17.98 34.37 -24.30
CA ALA A 452 17.20 35.22 -25.17
C ALA A 452 15.71 34.88 -25.08
N ALA A 453 15.40 33.57 -25.09
CA ALA A 453 14.02 33.10 -25.15
C ALA A 453 13.27 33.54 -23.93
N ARG A 454 13.97 33.56 -22.80
CA ARG A 454 13.36 33.98 -21.55
C ARG A 454 12.96 35.44 -21.61
N GLN A 455 13.80 36.24 -22.22
CA GLN A 455 13.53 37.66 -22.34
C GLN A 455 12.34 37.88 -23.24
N TYR A 456 12.30 37.16 -24.36
CA TYR A 456 11.16 37.24 -25.28
C TYR A 456 9.89 36.89 -24.55
N PHE A 457 9.97 35.79 -23.81
CA PHE A 457 8.82 35.25 -23.14
C PHE A 457 8.24 36.17 -22.06
N VAL A 458 9.10 36.69 -21.20
CA VAL A 458 8.64 37.52 -20.12
C VAL A 458 8.09 38.85 -20.67
N GLN A 459 8.74 39.39 -21.70
CA GLN A 459 8.27 40.62 -22.33
C GLN A 459 6.90 40.40 -22.93
N TRP A 460 6.76 39.26 -23.59
CA TRP A 460 5.51 38.91 -24.20
C TRP A 460 4.41 38.81 -23.15
N CYS A 461 4.72 38.20 -22.01
CA CYS A 461 3.75 38.09 -20.93
C CYS A 461 3.34 39.49 -20.50
N ALA A 462 4.31 40.38 -20.38
CA ALA A 462 4.04 41.77 -19.98
C ALA A 462 3.19 42.49 -21.01
N ASP A 463 3.52 42.30 -22.29
CA ASP A 463 2.79 42.92 -23.38
C ASP A 463 1.35 42.48 -23.41
N ARG A 464 1.12 41.19 -23.22
CA ARG A 464 -0.21 40.63 -23.29
C ARG A 464 -0.97 40.74 -21.98
N ASN A 465 -0.33 41.28 -20.95
CA ASN A 465 -0.92 41.38 -19.62
C ASN A 465 -1.27 40.00 -19.04
N PHE A 466 -0.44 39.03 -19.34
CA PHE A 466 -0.56 37.71 -18.77
C PHE A 466 0.01 37.74 -17.38
N THR A 467 -0.27 36.70 -16.59
CA THR A 467 0.27 36.62 -15.25
C THR A 467 1.79 36.49 -15.30
N LYS A 468 2.45 37.10 -14.32
CA LYS A 468 3.90 37.05 -14.20
C LYS A 468 4.39 35.63 -14.00
N PRO A 469 5.40 35.20 -14.78
CA PRO A 469 5.95 33.89 -14.46
C PRO A 469 6.52 33.83 -13.06
N GLN A 470 6.46 32.67 -12.43
CA GLN A 470 6.88 32.51 -11.06
C GLN A 470 8.34 32.80 -10.90
N ASP A 471 9.15 32.35 -11.85
CA ASP A 471 10.60 32.52 -11.77
C ASP A 471 11.04 33.77 -12.53
N GLY A 472 10.08 34.62 -12.89
CA GLY A 472 10.34 35.75 -13.76
C GLY A 472 11.41 36.68 -13.24
N ASP A 473 11.40 36.93 -11.92
CA ASP A 473 12.41 37.81 -11.30
C ASP A 473 13.81 37.29 -11.57
N VAL A 474 13.99 35.97 -11.45
CA VAL A 474 15.27 35.33 -11.71
C VAL A 474 15.66 35.23 -13.21
N ILE A 475 14.74 34.83 -14.05
CA ILE A 475 15.08 34.64 -15.47
C ILE A 475 15.14 35.94 -16.29
N ALA A 476 14.31 36.92 -15.94
CA ALA A 476 14.31 38.20 -16.66
C ALA A 476 14.29 39.37 -15.66
N PRO A 477 15.41 39.60 -14.94
CA PRO A 477 15.36 40.62 -13.88
C PRO A 477 15.17 42.02 -14.49
N LEU A 478 15.72 42.25 -15.67
CA LEU A 478 15.57 43.54 -16.31
C LEU A 478 14.13 43.79 -16.80
N ILE A 479 13.47 42.76 -17.33
CA ILE A 479 12.14 42.91 -17.92
C ILE A 479 11.07 43.13 -16.87
N VAL A 480 11.16 42.44 -15.74
CA VAL A 480 10.07 42.44 -14.75
C VAL A 480 9.77 43.82 -14.14
N PRO A 481 10.80 44.63 -13.85
CA PRO A 481 10.51 45.95 -13.28
C PRO A 481 9.60 46.84 -14.15
N GLN A 482 9.67 46.71 -15.47
CA GLN A 482 8.89 47.58 -16.35
C GLN A 482 7.38 47.50 -16.07
N LYS A 483 6.89 46.32 -15.70
CA LYS A 483 5.47 46.16 -15.50
C LYS A 483 5.12 46.51 -14.07
N LYS A 484 4.35 47.59 -13.92
CA LYS A 484 3.92 48.08 -12.61
C LYS A 484 3.07 47.04 -11.86
N GLU A 485 2.20 46.37 -12.59
CA GLU A 485 1.24 45.42 -12.02
C GLU A 485 1.98 44.28 -11.32
N TRP A 486 3.11 43.89 -11.86
CA TRP A 486 3.92 42.85 -11.25
C TRP A 486 4.63 43.38 -10.02
N ASN A 487 4.95 44.67 -10.02
CA ASN A 487 5.55 45.34 -8.87
C ASN A 487 7.06 45.17 -8.81
N THR B 2 -31.79 -0.32 7.87
CA THR B 2 -31.06 -1.24 6.91
C THR B 2 -29.53 -1.19 7.20
N MET B 3 -28.67 -1.36 6.18
CA MET B 3 -27.25 -1.70 6.44
C MET B 3 -26.45 -0.50 6.97
N LYS B 4 -25.62 -0.67 8.00
CA LYS B 4 -24.62 0.35 8.34
C LYS B 4 -23.31 0.05 7.64
N VAL B 5 -22.60 1.11 7.26
CA VAL B 5 -21.29 0.98 6.64
C VAL B 5 -20.19 1.40 7.60
N ILE B 6 -19.22 0.52 7.81
CA ILE B 6 -18.03 0.87 8.60
C ILE B 6 -16.77 0.81 7.76
N ASN B 7 -15.95 1.86 7.83
CA ASN B 7 -14.69 1.90 7.07
C ASN B 7 -13.53 1.24 7.79
N ASP B 8 -12.93 0.26 7.15
CA ASP B 8 -11.86 -0.53 7.75
C ASP B 8 -10.61 -0.36 6.93
N PRO B 9 -9.49 -0.02 7.58
CA PRO B 9 -8.28 0.14 6.75
C PRO B 9 -7.86 -1.14 6.00
N ILE B 10 -8.07 -2.34 6.54
CA ILE B 10 -7.78 -3.59 5.82
C ILE B 10 -8.78 -3.92 4.71
N HIS B 11 -10.07 -3.76 4.99
CA HIS B 11 -11.11 -4.26 4.08
C HIS B 11 -11.86 -3.16 3.35
N GLY B 12 -11.58 -1.91 3.65
CA GLY B 12 -12.37 -0.83 3.07
C GLY B 12 -13.73 -0.75 3.73
N HIS B 13 -14.77 -0.60 2.92
CA HIS B 13 -16.10 -0.30 3.45
C HIS B 13 -16.90 -1.54 3.68
N ILE B 14 -17.28 -1.77 4.93
CA ILE B 14 -17.92 -2.99 5.37
C ILE B 14 -19.37 -2.69 5.63
N GLU B 15 -20.26 -3.50 5.04
CA GLU B 15 -21.69 -3.39 5.28
C GLU B 15 -22.06 -4.32 6.38
N LEU B 16 -22.84 -3.82 7.33
CA LEU B 16 -23.29 -4.63 8.47
C LEU B 16 -24.80 -4.63 8.57
N HIS B 17 -25.36 -5.83 8.68
CA HIS B 17 -26.79 -6.02 8.81
C HIS B 17 -27.24 -5.44 10.15
N PRO B 18 -28.44 -4.86 10.20
CA PRO B 18 -28.87 -4.24 11.45
C PRO B 18 -28.81 -5.18 12.64
N LEU B 19 -29.14 -6.44 12.44
CA LEU B 19 -29.05 -7.41 13.51
C LEU B 19 -27.64 -7.46 14.02
N LEU B 20 -26.69 -7.43 13.10
CA LEU B 20 -25.27 -7.44 13.46
C LEU B 20 -24.92 -6.21 14.23
N VAL B 21 -25.45 -5.07 13.79
CA VAL B 21 -25.18 -3.81 14.46
C VAL B 21 -25.75 -3.79 15.88
N ARG B 22 -26.91 -4.40 16.06
CA ARG B 22 -27.50 -4.46 17.39
C ARG B 22 -26.63 -5.20 18.38
N ILE B 23 -26.03 -6.28 17.91
CA ILE B 23 -25.11 -7.07 18.70
C ILE B 23 -23.84 -6.29 19.00
N ILE B 24 -23.37 -5.56 18.00
CA ILE B 24 -22.14 -4.81 18.14
C ILE B 24 -22.29 -3.70 19.16
N ASP B 25 -23.46 -3.07 19.19
CA ASP B 25 -23.64 -1.93 20.06
C ASP B 25 -24.07 -2.35 21.44
N THR B 26 -23.21 -3.10 22.11
CA THR B 26 -23.48 -3.55 23.47
C THR B 26 -22.21 -3.47 24.30
N PRO B 27 -22.35 -3.40 25.64
CA PRO B 27 -21.16 -3.35 26.48
C PRO B 27 -20.25 -4.54 26.24
N GLN B 28 -20.85 -5.68 26.02
CA GLN B 28 -20.08 -6.91 25.85
C GLN B 28 -19.20 -6.93 24.60
N PHE B 29 -19.73 -6.44 23.48
CA PHE B 29 -18.92 -6.31 22.30
C PHE B 29 -17.96 -5.11 22.37
N GLN B 30 -18.45 -4.00 22.88
CA GLN B 30 -17.67 -2.77 22.87
C GLN B 30 -16.46 -2.90 23.78
N ARG B 31 -16.53 -3.85 24.69
CA ARG B 31 -15.41 -4.17 25.57
C ARG B 31 -14.16 -4.45 24.77
N LEU B 32 -14.36 -5.07 23.60
CA LEU B 32 -13.26 -5.45 22.74
C LEU B 32 -12.43 -4.26 22.29
N ARG B 33 -13.01 -3.07 22.34
CA ARG B 33 -12.27 -1.88 22.01
C ARG B 33 -11.11 -1.60 22.96
N TYR B 34 -11.18 -2.15 24.16
CA TYR B 34 -10.22 -1.85 25.18
C TYR B 34 -9.24 -2.97 25.43
N ILE B 35 -9.11 -3.88 24.48
CA ILE B 35 -8.13 -4.97 24.61
C ILE B 35 -7.23 -5.02 23.40
N LYS B 36 -5.92 -4.90 23.62
CA LYS B 36 -4.95 -4.88 22.54
C LYS B 36 -4.87 -6.23 21.90
N GLN B 37 -4.91 -6.24 20.58
CA GLN B 37 -4.80 -7.47 19.82
C GLN B 37 -3.50 -8.19 20.13
N LEU B 38 -2.40 -7.44 20.15
CA LEU B 38 -1.07 -8.04 20.30
C LEU B 38 -0.48 -7.90 21.67
N GLY B 39 -1.26 -7.43 22.63
CA GLY B 39 -0.82 -7.41 24.01
C GLY B 39 0.41 -6.55 24.19
N GLY B 40 1.43 -7.15 24.80
CA GLY B 40 2.70 -6.49 25.04
C GLY B 40 3.48 -6.16 23.80
N GLY B 41 3.13 -6.77 22.66
CA GLY B 41 3.78 -6.45 21.39
C GLY B 41 3.78 -4.96 21.04
N TYR B 42 2.74 -4.26 21.49
CA TYR B 42 2.63 -2.83 21.25
C TYR B 42 3.82 -2.08 21.82
N TYR B 43 4.34 -2.58 22.94
CA TYR B 43 5.54 -2.00 23.53
C TYR B 43 6.79 -2.23 22.68
N VAL B 44 6.86 -3.34 21.96
CA VAL B 44 7.92 -3.53 20.97
C VAL B 44 7.59 -2.91 19.61
N PHE B 45 6.34 -3.00 19.17
CA PHE B 45 5.93 -2.43 17.86
C PHE B 45 4.95 -1.29 18.05
N PRO B 46 5.37 -0.05 17.80
CA PRO B 46 4.41 0.98 18.18
C PRO B 46 3.21 1.04 17.25
N GLY B 47 3.35 0.51 16.05
CA GLY B 47 2.20 0.46 15.16
C GLY B 47 1.06 -0.40 15.66
N ALA B 48 1.37 -1.44 16.43
CA ALA B 48 0.39 -2.44 16.83
C ALA B 48 -0.45 -1.93 17.98
N SER B 49 -1.16 -0.84 17.75
CA SER B 49 -2.08 -0.26 18.73
C SER B 49 -3.50 -0.81 18.58
N HIS B 50 -3.74 -1.64 17.59
CA HIS B 50 -5.09 -2.10 17.27
C HIS B 50 -5.66 -3.06 18.30
N ASN B 51 -6.98 -3.06 18.41
CA ASN B 51 -7.67 -3.82 19.42
C ASN B 51 -8.47 -4.95 18.85
N ARG B 52 -8.98 -5.79 19.72
CA ARG B 52 -9.76 -6.95 19.31
C ARG B 52 -11.03 -6.58 18.54
N PHE B 53 -11.59 -5.43 18.86
CA PHE B 53 -12.81 -5.00 18.25
C PHE B 53 -12.75 -4.90 16.70
N GLU B 54 -11.73 -4.23 16.22
CA GLU B 54 -11.60 -4.00 14.78
C GLU B 54 -11.31 -5.31 14.05
N HIS B 55 -10.53 -6.16 14.71
CA HIS B 55 -10.26 -7.45 14.19
C HIS B 55 -11.57 -8.27 14.06
N SER B 56 -12.42 -8.20 15.08
CA SER B 56 -13.67 -8.94 15.11
C SER B 56 -14.56 -8.51 13.96
N LEU B 57 -14.62 -7.20 13.72
CA LEU B 57 -15.41 -6.74 12.59
C LEU B 57 -14.88 -7.34 11.32
N GLY B 58 -13.55 -7.36 11.20
CA GLY B 58 -12.91 -7.95 10.02
C GLY B 58 -13.21 -9.43 9.83
N VAL B 59 -13.22 -10.16 10.95
CA VAL B 59 -13.55 -11.56 10.91
C VAL B 59 -14.98 -11.78 10.48
N GLY B 60 -15.88 -10.97 11.04
CA GLY B 60 -17.29 -11.06 10.68
C GLY B 60 -17.47 -10.77 9.20
N TYR B 61 -16.76 -9.77 8.70
CA TYR B 61 -16.93 -9.37 7.32
C TYR B 61 -16.46 -10.47 6.36
N LEU B 62 -15.31 -11.07 6.67
CA LEU B 62 -14.75 -12.10 5.83
C LEU B 62 -15.58 -13.34 5.83
N ALA B 63 -16.14 -13.66 6.99
CA ALA B 63 -17.02 -14.83 7.09
C ALA B 63 -18.18 -14.63 6.16
N GLY B 64 -18.73 -13.42 6.15
CA GLY B 64 -19.79 -13.06 5.22
C GLY B 64 -19.39 -13.21 3.76
N CYS B 65 -18.16 -12.81 3.44
CA CYS B 65 -17.66 -12.89 2.09
C CYS B 65 -17.62 -14.30 1.59
N LEU B 66 -17.07 -15.18 2.41
CA LEU B 66 -16.91 -16.56 1.99
C LEU B 66 -18.26 -17.26 1.83
N VAL B 67 -19.16 -17.08 2.80
CA VAL B 67 -20.44 -17.77 2.74
C VAL B 67 -21.26 -17.25 1.55
N HIS B 68 -21.24 -15.95 1.30
CA HIS B 68 -21.92 -15.38 0.14
C HIS B 68 -21.34 -15.90 -1.17
N ALA B 69 -20.03 -15.99 -1.23
CA ALA B 69 -19.35 -16.45 -2.43
C ALA B 69 -19.78 -17.88 -2.77
N LEU B 70 -19.83 -18.75 -1.78
CA LEU B 70 -20.26 -20.12 -1.99
C LEU B 70 -21.72 -20.18 -2.46
N GLY B 71 -22.56 -19.35 -1.88
CA GLY B 71 -23.96 -19.27 -2.29
C GLY B 71 -24.10 -18.86 -3.75
N GLU B 72 -23.34 -17.87 -4.18
CA GLU B 72 -23.44 -17.39 -5.56
C GLU B 72 -22.92 -18.45 -6.52
N LYS B 73 -21.80 -19.09 -6.17
CA LYS B 73 -21.20 -20.11 -7.01
C LYS B 73 -22.04 -21.37 -7.03
N GLN B 74 -22.62 -21.75 -5.91
CA GLN B 74 -23.33 -23.01 -5.82
C GLN B 74 -24.73 -22.84 -5.19
N PRO B 75 -25.73 -22.42 -5.99
CA PRO B 75 -27.04 -22.23 -5.38
C PRO B 75 -27.64 -23.52 -4.80
N GLU B 76 -27.23 -24.66 -5.36
CA GLU B 76 -27.72 -25.95 -4.92
C GLU B 76 -27.45 -26.17 -3.45
N LEU B 77 -26.45 -25.49 -2.92
CA LEU B 77 -26.14 -25.60 -1.50
C LEU B 77 -27.28 -25.13 -0.61
N GLN B 78 -28.17 -24.29 -1.15
CA GLN B 78 -29.32 -23.84 -0.40
C GLN B 78 -28.94 -23.03 0.83
N ILE B 79 -27.90 -22.21 0.71
CA ILE B 79 -27.50 -21.33 1.80
C ILE B 79 -28.54 -20.24 1.92
N SER B 80 -28.90 -19.89 3.14
CA SER B 80 -29.91 -18.88 3.40
C SER B 80 -29.36 -17.68 4.16
N GLU B 81 -30.10 -16.59 4.15
CA GLU B 81 -29.69 -15.37 4.87
C GLU B 81 -29.55 -15.67 6.33
N ARG B 82 -30.42 -16.52 6.80
CA ARG B 82 -30.34 -16.96 8.17
C ARG B 82 -29.00 -17.61 8.41
N ASP B 83 -28.56 -18.42 7.45
CA ASP B 83 -27.24 -19.02 7.52
C ASP B 83 -26.14 -17.98 7.47
N VAL B 84 -26.30 -17.00 6.60
CA VAL B 84 -25.27 -15.99 6.45
C VAL B 84 -25.11 -15.19 7.73
N LEU B 85 -26.23 -14.82 8.34
CA LEU B 85 -26.16 -14.03 9.56
C LEU B 85 -25.53 -14.82 10.69
N CYS B 86 -25.88 -16.10 10.80
CA CYS B 86 -25.35 -16.93 11.85
C CYS B 86 -23.83 -17.05 11.74
N VAL B 87 -23.35 -17.24 10.52
CA VAL B 87 -21.92 -17.36 10.30
C VAL B 87 -21.23 -16.05 10.64
N GLN B 88 -21.83 -14.94 10.24
CA GLN B 88 -21.25 -13.63 10.55
C GLN B 88 -21.25 -13.36 12.05
N ILE B 89 -22.31 -13.78 12.74
CA ILE B 89 -22.37 -13.53 14.16
C ILE B 89 -21.29 -14.30 14.89
N ALA B 90 -21.05 -15.52 14.46
CA ALA B 90 -19.98 -16.30 15.04
C ALA B 90 -18.64 -15.63 14.75
N GLY B 91 -18.48 -15.06 13.56
CA GLY B 91 -17.23 -14.38 13.24
C GLY B 91 -16.98 -13.20 14.15
N LEU B 92 -18.02 -12.40 14.35
CA LEU B 92 -17.92 -11.20 15.19
C LEU B 92 -17.62 -11.57 16.63
N CYS B 93 -18.23 -12.66 17.09
CA CYS B 93 -18.20 -12.97 18.51
C CYS B 93 -17.17 -13.99 18.93
N ARG B 94 -16.38 -14.49 18.00
CA ARG B 94 -15.33 -15.46 18.31
C ARG B 94 -14.29 -14.92 19.29
N ASN B 95 -14.01 -13.63 19.21
CA ASN B 95 -13.03 -13.02 20.10
C ASN B 95 -13.62 -12.43 21.38
N LEU B 96 -14.92 -12.62 21.60
CA LEU B 96 -15.62 -12.01 22.76
C LEU B 96 -15.02 -12.38 24.10
N GLY B 97 -14.49 -13.59 24.17
CA GLY B 97 -13.94 -14.10 25.41
C GLY B 97 -12.57 -13.58 25.80
N HIS B 98 -11.89 -12.86 24.92
CA HIS B 98 -10.50 -12.45 25.20
C HIS B 98 -10.37 -11.59 26.44
N GLY B 99 -9.30 -11.84 27.21
CA GLY B 99 -9.01 -11.12 28.43
C GLY B 99 -7.99 -10.01 28.20
N PRO B 100 -7.60 -9.29 29.27
CA PRO B 100 -6.68 -8.18 29.06
C PRO B 100 -5.39 -8.64 28.42
N PHE B 101 -4.95 -7.91 27.40
CA PHE B 101 -3.71 -8.22 26.69
C PHE B 101 -3.81 -9.53 25.91
N SER B 102 -5.05 -9.95 25.63
CA SER B 102 -5.31 -11.09 24.80
C SER B 102 -4.62 -12.35 25.30
N HIS B 103 -3.74 -12.93 24.49
CA HIS B 103 -3.24 -14.27 24.74
C HIS B 103 -2.44 -14.36 26.03
N MET B 104 -1.93 -13.25 26.48
CA MET B 104 -1.24 -13.21 27.75
C MET B 104 -2.14 -13.72 28.88
N PHE B 105 -3.41 -13.32 28.83
CA PHE B 105 -4.34 -13.60 29.88
C PHE B 105 -4.67 -15.08 30.00
N ASP B 106 -5.05 -15.70 28.89
CA ASP B 106 -5.30 -17.14 28.90
C ASP B 106 -4.02 -17.94 28.64
N GLY B 107 -3.07 -17.38 27.92
CA GLY B 107 -1.78 -18.01 27.72
C GLY B 107 -0.88 -18.08 28.95
N ARG B 108 -0.84 -17.04 29.78
CA ARG B 108 0.11 -16.99 30.91
C ARG B 108 -0.54 -16.82 32.25
N PHE B 109 -1.38 -15.80 32.39
CA PHE B 109 -1.90 -15.43 33.70
C PHE B 109 -2.83 -16.47 34.31
N ILE B 110 -3.81 -16.94 33.55
CA ILE B 110 -4.79 -17.85 34.12
C ILE B 110 -4.13 -19.16 34.47
N PRO B 111 -3.27 -19.69 33.60
CA PRO B 111 -2.63 -20.95 34.01
C PRO B 111 -1.85 -20.84 35.31
N LEU B 112 -1.12 -19.74 35.51
CA LEU B 112 -0.42 -19.54 36.78
C LEU B 112 -1.35 -19.26 37.95
N ALA B 113 -2.34 -18.42 37.74
CA ALA B 113 -3.27 -18.04 38.79
C ALA B 113 -4.23 -19.17 39.15
N ARG B 114 -4.73 -19.90 38.17
CA ARG B 114 -5.73 -20.94 38.39
C ARG B 114 -5.34 -22.24 37.68
N PRO B 115 -4.37 -22.95 38.23
CA PRO B 115 -3.94 -24.18 37.58
C PRO B 115 -5.03 -25.24 37.55
N GLU B 116 -5.91 -25.26 38.56
CA GLU B 116 -6.98 -26.25 38.58
C GLU B 116 -7.95 -26.14 37.40
N VAL B 117 -8.28 -24.93 37.00
CA VAL B 117 -9.29 -24.70 35.96
C VAL B 117 -8.64 -24.88 34.59
N LYS B 118 -9.41 -25.36 33.62
CA LYS B 118 -8.97 -25.35 32.21
C LYS B 118 -9.85 -24.38 31.47
N TRP B 119 -9.24 -23.31 30.96
CA TRP B 119 -9.98 -22.16 30.44
C TRP B 119 -9.33 -21.72 29.16
N THR B 120 -10.14 -21.24 28.22
CA THR B 120 -9.63 -20.62 27.00
C THR B 120 -10.55 -19.46 26.68
N HIS B 121 -10.06 -18.55 25.86
CA HIS B 121 -10.88 -17.42 25.49
C HIS B 121 -12.13 -17.88 24.74
N GLU B 122 -12.03 -18.96 23.98
CA GLU B 122 -13.19 -19.45 23.29
C GLU B 122 -14.19 -19.91 24.32
N GLN B 123 -13.79 -20.56 25.34
N GLN B 123 -13.80 -20.57 25.35
CA GLN B 123 -14.82 -20.78 26.29
CA GLN B 123 -14.88 -20.79 26.28
C GLN B 123 -15.50 -19.48 26.73
C GLN B 123 -15.52 -19.48 26.71
N GLY B 124 -14.68 -18.47 26.97
CA GLY B 124 -15.17 -17.19 27.41
C GLY B 124 -16.10 -16.57 26.40
N SER B 125 -15.78 -16.69 25.13
CA SER B 125 -16.56 -16.07 24.09
C SER B 125 -17.98 -16.64 24.11
N VAL B 126 -18.11 -17.96 24.32
CA VAL B 126 -19.41 -18.59 24.36
C VAL B 126 -20.20 -18.07 25.56
N MET B 127 -19.54 -17.97 26.70
CA MET B 127 -20.22 -17.48 27.90
C MET B 127 -20.61 -16.02 27.74
N MET B 128 -19.72 -15.25 27.17
CA MET B 128 -19.94 -13.82 26.98
C MET B 128 -21.06 -13.61 25.98
N PHE B 129 -21.10 -14.44 24.96
CA PHE B 129 -22.10 -14.32 23.93
C PHE B 129 -23.49 -14.54 24.51
N GLU B 130 -23.61 -15.54 25.37
CA GLU B 130 -24.86 -15.84 26.02
C GLU B 130 -25.25 -14.66 26.86
N HIS B 131 -24.29 -14.13 27.61
CA HIS B 131 -24.55 -12.99 28.46
C HIS B 131 -24.97 -11.78 27.64
N LEU B 132 -24.32 -11.58 26.50
CA LEU B 132 -24.65 -10.47 25.61
C LEU B 132 -26.09 -10.53 25.10
N ILE B 133 -26.51 -11.72 24.67
CA ILE B 133 -27.85 -11.94 24.14
C ILE B 133 -28.92 -11.74 25.22
N ASN B 134 -28.69 -12.30 26.40
CA ASN B 134 -29.69 -12.24 27.45
C ASN B 134 -29.82 -10.86 28.05
N SER B 135 -28.71 -10.19 28.29
CA SER B 135 -28.73 -8.86 28.93
C SER B 135 -29.36 -7.84 28.01
N ASN B 136 -29.18 -7.96 26.71
CA ASN B 136 -29.61 -6.93 25.78
C ASN B 136 -30.80 -7.29 24.91
N GLY B 137 -31.51 -8.37 25.25
CA GLY B 137 -32.76 -8.73 24.57
C GLY B 137 -32.65 -8.97 23.08
N ILE B 138 -31.57 -9.61 22.66
CA ILE B 138 -31.30 -9.85 21.23
C ILE B 138 -32.23 -10.88 20.57
N LYS B 139 -32.68 -11.89 21.33
CA LYS B 139 -33.44 -12.99 20.76
C LYS B 139 -34.66 -12.53 19.99
N PRO B 140 -35.43 -11.57 20.53
CA PRO B 140 -36.55 -11.06 19.75
C PRO B 140 -36.08 -10.47 18.44
N VAL B 141 -34.95 -9.78 18.46
CA VAL B 141 -34.41 -9.18 17.24
C VAL B 141 -34.01 -10.25 16.23
N MET B 142 -33.45 -11.35 16.74
CA MET B 142 -33.07 -12.47 15.87
C MET B 142 -34.31 -13.01 15.19
N GLU B 143 -35.37 -13.15 15.98
CA GLU B 143 -36.64 -13.69 15.49
C GLU B 143 -37.18 -12.78 14.42
N GLN B 144 -37.09 -11.48 14.66
CA GLN B 144 -37.60 -10.49 13.74
C GLN B 144 -36.95 -10.61 12.37
N TYR B 145 -35.68 -10.99 12.34
CA TYR B 145 -34.95 -11.11 11.07
C TYR B 145 -34.87 -12.55 10.57
N GLY B 146 -35.70 -13.41 11.13
CA GLY B 146 -35.88 -14.77 10.59
C GLY B 146 -35.01 -15.85 11.21
N LEU B 147 -34.25 -15.49 12.23
CA LEU B 147 -33.47 -16.50 12.93
C LEU B 147 -34.37 -17.27 13.86
N ILE B 148 -34.03 -18.53 14.12
CA ILE B 148 -34.68 -19.31 15.17
C ILE B 148 -33.71 -19.41 16.33
N PRO B 149 -33.95 -18.67 17.42
CA PRO B 149 -32.91 -18.58 18.45
C PRO B 149 -32.41 -19.91 19.00
N GLU B 150 -33.30 -20.86 19.26
CA GLU B 150 -32.83 -22.11 19.87
C GLU B 150 -31.81 -22.84 18.99
N GLU B 151 -32.14 -22.99 17.71
CA GLU B 151 -31.27 -23.67 16.77
C GLU B 151 -30.04 -22.85 16.51
N ASP B 152 -30.25 -21.58 16.24
CA ASP B 152 -29.18 -20.71 15.76
C ASP B 152 -28.15 -20.32 16.82
N ILE B 153 -28.58 -20.08 18.03
CA ILE B 153 -27.63 -19.80 19.12
C ILE B 153 -26.72 -20.99 19.33
N CYS B 154 -27.27 -22.19 19.24
CA CYS B 154 -26.48 -23.40 19.34
C CYS B 154 -25.46 -23.37 18.22
N PHE B 155 -25.92 -23.04 17.02
CA PHE B 155 -25.08 -23.06 15.84
C PHE B 155 -23.91 -22.12 15.99
N ILE B 156 -24.20 -20.93 16.50
CA ILE B 156 -23.18 -19.91 16.72
C ILE B 156 -22.15 -20.35 17.74
N LYS B 157 -22.61 -20.88 18.87
CA LYS B 157 -21.69 -21.35 19.89
C LYS B 157 -20.82 -22.49 19.36
N GLU B 158 -21.41 -23.36 18.55
CA GLU B 158 -20.68 -24.52 18.03
C GLU B 158 -19.55 -24.09 17.11
N GLN B 159 -19.80 -23.05 16.33
CA GLN B 159 -18.78 -22.53 15.45
C GLN B 159 -17.63 -21.99 16.26
N ILE B 160 -17.93 -21.34 17.37
CA ILE B 160 -16.90 -20.74 18.18
C ILE B 160 -16.06 -21.79 18.91
N VAL B 161 -16.72 -22.75 19.54
CA VAL B 161 -16.02 -23.59 20.50
C VAL B 161 -16.08 -25.07 20.16
N GLY B 162 -16.66 -25.42 19.02
CA GLY B 162 -16.75 -26.83 18.63
C GLY B 162 -17.96 -27.48 19.27
N PRO B 163 -18.07 -28.82 19.15
CA PRO B 163 -19.27 -29.46 19.72
C PRO B 163 -19.38 -29.23 21.22
N LEU B 164 -20.58 -28.93 21.69
CA LEU B 164 -20.80 -28.54 23.07
C LEU B 164 -20.63 -29.70 24.05
N GLU B 165 -21.01 -30.92 23.68
CA GLU B 165 -20.77 -32.06 24.55
C GLU B 165 -19.32 -32.10 25.02
N LEU B 172 -20.42 -40.42 13.15
CA LEU B 172 -21.60 -39.77 13.66
C LEU B 172 -21.42 -38.23 13.72
N TRP B 173 -22.43 -37.48 13.31
CA TRP B 173 -22.41 -36.02 13.29
C TRP B 173 -22.54 -35.43 14.70
N PRO B 174 -21.54 -34.65 15.17
CA PRO B 174 -21.64 -34.26 16.55
C PRO B 174 -22.32 -32.92 16.79
N TYR B 175 -22.81 -32.25 15.75
CA TYR B 175 -23.32 -30.88 15.89
C TYR B 175 -24.83 -30.87 15.85
N LYS B 176 -25.46 -30.15 16.77
CA LYS B 176 -26.89 -29.96 16.73
C LYS B 176 -27.31 -28.69 16.00
N GLY B 177 -26.38 -27.81 15.70
CA GLY B 177 -26.73 -26.50 15.14
C GLY B 177 -27.16 -26.55 13.70
N ARG B 178 -26.57 -27.46 12.94
CA ARG B 178 -26.94 -27.66 11.53
C ARG B 178 -26.72 -29.12 11.14
N PRO B 179 -27.47 -29.60 10.14
CA PRO B 179 -27.20 -30.95 9.67
C PRO B 179 -25.94 -31.07 8.79
N GLU B 180 -25.55 -32.31 8.57
CA GLU B 180 -24.35 -32.65 7.81
C GLU B 180 -24.28 -31.99 6.44
N ASN B 181 -25.44 -31.81 5.80
CA ASN B 181 -25.48 -31.12 4.50
C ASN B 181 -24.91 -29.72 4.59
N LYS B 182 -24.96 -29.14 5.78
CA LYS B 182 -24.46 -27.80 6.00
C LYS B 182 -23.10 -27.81 6.67
N SER B 183 -22.37 -28.90 6.55
CA SER B 183 -21.11 -29.07 7.28
C SER B 183 -20.05 -28.02 6.96
N PHE B 184 -20.00 -27.58 5.72
CA PHE B 184 -19.03 -26.58 5.29
C PHE B 184 -19.14 -25.26 6.07
N LEU B 185 -20.31 -24.93 6.57
CA LEU B 185 -20.47 -23.69 7.32
C LEU B 185 -19.56 -23.69 8.55
N TYR B 186 -19.38 -24.87 9.17
CA TYR B 186 -18.56 -24.98 10.37
C TYR B 186 -17.09 -24.77 10.08
N GLU B 187 -16.71 -24.85 8.83
CA GLU B 187 -15.31 -24.62 8.45
C GLU B 187 -14.91 -23.15 8.49
N ILE B 188 -15.84 -22.23 8.24
CA ILE B 188 -15.50 -20.84 7.96
C ILE B 188 -14.89 -20.02 9.10
N VAL B 189 -15.49 -20.02 10.27
CA VAL B 189 -15.06 -19.07 11.30
C VAL B 189 -13.93 -19.66 12.12
N SER B 190 -14.06 -20.91 12.52
CA SER B 190 -13.01 -21.57 13.23
C SER B 190 -12.95 -22.97 12.70
N ASN B 191 -11.86 -23.32 12.03
CA ASN B 191 -11.72 -24.63 11.38
C ASN B 191 -11.00 -25.59 12.31
N LYS B 192 -11.77 -26.47 12.93
CA LYS B 192 -11.25 -27.41 13.91
C LYS B 192 -10.33 -28.41 13.26
N ARG B 193 -10.72 -28.89 12.09
CA ARG B 193 -9.99 -29.97 11.46
C ARG B 193 -8.66 -29.53 10.85
N ASN B 194 -8.59 -28.34 10.24
CA ASN B 194 -7.33 -27.90 9.64
C ASN B 194 -6.84 -26.51 9.97
N GLY B 195 -7.63 -25.70 10.67
CA GLY B 195 -7.18 -24.38 11.11
C GLY B 195 -7.18 -23.31 10.04
N ILE B 196 -7.68 -23.60 8.86
CA ILE B 196 -7.77 -22.60 7.80
C ILE B 196 -9.13 -21.91 7.88
N ASP B 197 -9.13 -20.66 8.33
CA ASP B 197 -10.38 -19.95 8.59
C ASP B 197 -10.19 -18.44 8.47
N VAL B 198 -11.31 -17.75 8.38
CA VAL B 198 -11.30 -16.31 8.17
C VAL B 198 -10.66 -15.50 9.31
N ASP B 199 -10.69 -16.03 10.52
CA ASP B 199 -10.06 -15.37 11.63
C ASP B 199 -8.57 -15.16 11.36
N LYS B 200 -7.92 -16.19 10.85
CA LYS B 200 -6.50 -16.11 10.46
C LYS B 200 -6.24 -15.10 9.36
N TRP B 201 -7.10 -15.07 8.36
CA TRP B 201 -6.88 -14.19 7.22
C TRP B 201 -6.92 -12.72 7.61
N ASP B 202 -7.87 -12.34 8.43
CA ASP B 202 -7.98 -10.95 8.82
C ASP B 202 -6.76 -10.53 9.65
N TYR B 203 -6.35 -11.36 10.59
CA TYR B 203 -5.25 -10.96 11.42
C TYR B 203 -3.90 -10.93 10.66
N PHE B 204 -3.69 -11.83 9.70
CA PHE B 204 -2.48 -11.74 8.91
C PHE B 204 -2.44 -10.36 8.25
N ALA B 205 -3.52 -9.98 7.62
CA ALA B 205 -3.54 -8.72 6.92
C ALA B 205 -3.48 -7.57 7.90
N ARG B 206 -4.24 -7.65 8.99
CA ARG B 206 -4.34 -6.54 9.92
C ARG B 206 -3.04 -6.37 10.67
N ASP B 207 -2.45 -7.46 11.13
CA ASP B 207 -1.23 -7.36 11.93
C ASP B 207 -0.05 -6.83 11.09
N CYS B 208 0.10 -7.33 9.88
CA CYS B 208 1.18 -6.83 9.05
C CYS B 208 0.98 -5.36 8.79
N HIS B 209 -0.25 -4.95 8.55
CA HIS B 209 -0.50 -3.57 8.21
C HIS B 209 -0.13 -2.64 9.36
N HIS B 210 -0.53 -3.01 10.57
CA HIS B 210 -0.13 -2.25 11.74
C HIS B 210 1.35 -2.35 12.09
N LEU B 211 1.88 -3.56 12.00
CA LEU B 211 3.29 -3.83 12.29
C LEU B 211 4.26 -3.16 11.32
N GLY B 212 3.90 -3.09 10.06
CA GLY B 212 4.81 -2.68 9.00
C GLY B 212 5.47 -3.85 8.30
N ILE B 213 5.09 -5.05 8.70
CA ILE B 213 5.45 -6.29 8.02
C ILE B 213 4.55 -6.57 6.81
N GLN B 214 4.86 -7.62 6.04
CA GLN B 214 4.00 -7.96 4.92
C GLN B 214 3.61 -9.44 4.75
N ASN B 215 2.46 -9.63 4.12
CA ASN B 215 1.75 -10.93 4.02
C ASN B 215 2.29 -11.97 3.02
N ASN B 216 2.25 -13.25 3.40
CA ASN B 216 2.56 -14.34 2.49
C ASN B 216 1.36 -15.10 1.91
N PHE B 217 0.15 -14.71 2.33
CA PHE B 217 -1.07 -15.41 1.92
C PHE B 217 -2.15 -14.46 1.37
N ASP B 218 -2.69 -14.80 0.20
CA ASP B 218 -3.81 -14.05 -0.39
C ASP B 218 -5.15 -14.70 -0.09
N TYR B 219 -5.88 -14.11 0.84
CA TYR B 219 -7.19 -14.64 1.23
C TYR B 219 -8.27 -14.40 0.17
N LYS B 220 -8.22 -13.26 -0.51
CA LYS B 220 -9.21 -12.96 -1.54
C LYS B 220 -9.17 -14.01 -2.67
N ARG B 221 -7.97 -14.42 -3.06
CA ARG B 221 -7.79 -15.43 -4.08
C ARG B 221 -8.39 -16.75 -3.61
N PHE B 222 -8.17 -17.08 -2.36
CA PHE B 222 -8.64 -18.35 -1.83
C PHE B 222 -10.17 -18.44 -1.94
N ILE B 223 -10.86 -17.34 -1.66
CA ILE B 223 -12.29 -17.31 -1.72
C ILE B 223 -12.77 -17.56 -3.15
N LYS B 224 -12.10 -16.94 -4.10
CA LYS B 224 -12.48 -17.13 -5.50
C LYS B 224 -12.42 -18.59 -5.92
N PHE B 225 -11.43 -19.32 -5.46
CA PHE B 225 -11.22 -20.69 -5.89
C PHE B 225 -11.85 -21.69 -4.93
N ALA B 226 -12.52 -21.23 -3.91
CA ALA B 226 -13.17 -22.16 -2.97
C ALA B 226 -14.45 -22.78 -3.56
N ARG B 227 -14.65 -24.05 -3.28
CA ARG B 227 -15.80 -24.79 -3.75
C ARG B 227 -16.23 -25.74 -2.66
N VAL B 228 -17.49 -26.13 -2.70
CA VAL B 228 -18.01 -27.14 -1.79
C VAL B 228 -18.19 -28.44 -2.53
N CYS B 229 -17.62 -29.52 -1.99
CA CYS B 229 -17.70 -30.83 -2.60
C CYS B 229 -18.07 -31.84 -1.53
N GLU B 230 -18.61 -32.99 -1.96
CA GLU B 230 -18.90 -34.04 -1.03
C GLU B 230 -17.63 -34.77 -0.69
N VAL B 231 -17.37 -34.93 0.59
CA VAL B 231 -16.25 -35.71 1.06
C VAL B 231 -16.78 -36.60 2.18
N ASP B 232 -16.66 -37.91 2.02
CA ASP B 232 -17.04 -38.86 3.08
C ASP B 232 -18.43 -38.55 3.63
N ASN B 233 -19.40 -38.36 2.74
CA ASN B 233 -20.78 -38.10 3.17
C ASN B 233 -20.90 -36.82 3.99
N GLU B 234 -20.02 -35.88 3.69
CA GLU B 234 -20.05 -34.57 4.26
C GLU B 234 -19.83 -33.59 3.12
N LEU B 235 -20.42 -32.42 3.21
CA LEU B 235 -20.12 -31.33 2.27
C LEU B 235 -19.10 -30.40 2.92
N ARG B 236 -17.94 -30.27 2.28
CA ARG B 236 -16.81 -29.54 2.86
C ARG B 236 -16.30 -28.54 1.86
N ILE B 237 -15.69 -27.47 2.37
CA ILE B 237 -15.06 -26.50 1.51
C ILE B 237 -13.82 -27.13 0.95
N CYS B 238 -13.62 -26.97 -0.34
CA CYS B 238 -12.50 -27.58 -1.03
C CYS B 238 -11.71 -26.52 -1.76
N ALA B 239 -10.40 -26.65 -1.70
CA ALA B 239 -9.52 -25.72 -2.36
C ALA B 239 -9.17 -26.28 -3.72
N ARG B 240 -8.92 -25.39 -4.66
CA ARG B 240 -8.46 -25.80 -5.98
C ARG B 240 -7.02 -26.32 -5.89
N ASP B 241 -6.73 -27.36 -6.67
CA ASP B 241 -5.46 -28.11 -6.57
C ASP B 241 -4.26 -27.20 -6.72
N LYS B 242 -4.35 -26.28 -7.65
CA LYS B 242 -3.35 -25.25 -7.89
C LYS B 242 -2.97 -24.50 -6.61
N GLU B 243 -3.96 -24.24 -5.76
CA GLU B 243 -3.77 -23.39 -4.60
C GLU B 243 -3.03 -24.02 -3.45
N VAL B 244 -2.69 -25.29 -3.59
CA VAL B 244 -1.99 -26.00 -2.52
C VAL B 244 -0.69 -25.32 -2.05
N GLY B 245 0.09 -24.80 -2.98
CA GLY B 245 1.29 -24.10 -2.60
C GLY B 245 0.97 -22.88 -1.76
N ASN B 246 -0.09 -22.18 -2.14
CA ASN B 246 -0.50 -20.99 -1.43
C ASN B 246 -0.96 -21.30 -0.03
N LEU B 247 -1.58 -22.45 0.14
CA LEU B 247 -2.00 -22.88 1.47
C LEU B 247 -0.81 -23.09 2.37
N TYR B 248 0.23 -23.71 1.83
CA TYR B 248 1.46 -23.90 2.58
C TYR B 248 2.06 -22.53 2.91
N ASP B 249 1.98 -21.61 1.98
CA ASP B 249 2.48 -20.26 2.19
C ASP B 249 1.77 -19.57 3.32
N MET B 250 0.47 -19.81 3.44
CA MET B 250 -0.31 -19.25 4.52
C MET B 250 0.26 -19.65 5.87
N PHE B 251 0.61 -20.93 5.99
CA PHE B 251 1.21 -21.43 7.24
C PHE B 251 2.62 -20.90 7.46
N HIS B 252 3.35 -20.72 6.37
CA HIS B 252 4.66 -20.11 6.45
C HIS B 252 4.52 -18.69 6.98
N THR B 253 3.56 -17.95 6.43
CA THR B 253 3.33 -16.58 6.81
C THR B 253 3.00 -16.49 8.29
N ARG B 254 2.18 -17.43 8.74
CA ARG B 254 1.80 -17.49 10.14
C ARG B 254 3.04 -17.70 10.99
N ASN B 255 3.94 -18.57 10.57
CA ASN B 255 5.13 -18.80 11.35
C ASN B 255 6.07 -17.60 11.36
N SER B 256 6.17 -16.88 10.25
CA SER B 256 6.97 -15.66 10.20
C SER B 256 6.51 -14.67 11.24
N LEU B 257 5.22 -14.44 11.24
CA LEU B 257 4.61 -13.53 12.18
C LEU B 257 4.86 -13.95 13.62
N HIS B 258 4.69 -15.23 13.91
CA HIS B 258 4.83 -15.70 15.24
C HIS B 258 6.27 -15.52 15.73
N ARG B 259 7.23 -15.89 14.90
CA ARG B 259 8.64 -15.77 15.27
C ARG B 259 9.00 -14.27 15.38
N ARG B 260 8.62 -13.48 14.39
CA ARG B 260 8.98 -12.08 14.36
C ARG B 260 8.27 -11.21 15.37
N ALA B 261 6.98 -11.49 15.66
CA ALA B 261 6.15 -10.54 16.42
C ALA B 261 5.43 -11.17 17.58
N TYR B 262 4.62 -12.19 17.35
CA TYR B 262 3.83 -12.75 18.43
C TYR B 262 4.68 -13.35 19.53
N GLN B 263 5.80 -13.92 19.13
CA GLN B 263 6.72 -14.52 20.06
C GLN B 263 8.01 -13.74 20.16
N HIS B 264 7.95 -12.46 19.85
CA HIS B 264 9.14 -11.60 19.94
C HIS B 264 9.70 -11.68 21.35
N LYS B 265 11.02 -11.81 21.47
CA LYS B 265 11.64 -12.12 22.75
C LYS B 265 11.37 -11.03 23.81
N VAL B 266 11.48 -9.77 23.42
CA VAL B 266 11.22 -8.69 24.33
C VAL B 266 9.72 -8.58 24.60
N GLY B 267 8.89 -8.79 23.59
CA GLY B 267 7.48 -8.64 23.76
C GLY B 267 6.96 -9.67 24.73
N ASN B 268 7.51 -10.86 24.65
CA ASN B 268 7.14 -11.92 25.57
C ASN B 268 7.55 -11.59 26.98
N ILE B 269 8.71 -10.96 27.15
CA ILE B 269 9.18 -10.67 28.50
C ILE B 269 8.28 -9.63 29.16
N ILE B 270 7.83 -8.68 28.38
CA ILE B 270 6.90 -7.68 28.86
C ILE B 270 5.59 -8.33 29.28
N ASP B 271 5.13 -9.29 28.49
CA ASP B 271 3.93 -10.02 28.84
C ASP B 271 4.14 -10.74 30.16
N THR B 272 5.31 -11.30 30.32
CA THR B 272 5.66 -11.98 31.54
C THR B 272 5.62 -11.05 32.74
N MET B 273 6.19 -9.86 32.55
CA MET B 273 6.26 -8.86 33.63
C MET B 273 4.87 -8.38 33.97
N ILE B 274 4.04 -8.20 32.95
CA ILE B 274 2.67 -7.78 33.19
C ILE B 274 1.92 -8.86 33.97
N THR B 275 2.13 -10.11 33.60
CA THR B 275 1.53 -11.24 34.30
C THR B 275 1.98 -11.25 35.77
N ASP B 276 3.27 -11.02 35.99
CA ASP B 276 3.80 -11.00 37.34
C ASP B 276 3.08 -9.97 38.17
N ALA B 277 2.89 -8.79 37.60
CA ALA B 277 2.19 -7.73 38.29
C ALA B 277 0.76 -8.15 38.58
N PHE B 278 0.12 -8.84 37.65
CA PHE B 278 -1.26 -9.26 37.86
C PHE B 278 -1.38 -10.23 39.00
N LEU B 279 -0.45 -11.17 39.07
CA LEU B 279 -0.45 -12.15 40.14
C LEU B 279 -0.26 -11.44 41.47
N LYS B 280 0.63 -10.45 41.51
CA LYS B 280 0.88 -9.72 42.74
C LYS B 280 -0.34 -8.90 43.17
N ALA B 281 -1.08 -8.40 42.20
CA ALA B 281 -2.23 -7.59 42.48
C ALA B 281 -3.50 -8.39 42.70
N ASP B 282 -3.48 -9.68 42.39
CA ASP B 282 -4.72 -10.45 42.22
C ASP B 282 -5.60 -10.45 43.47
N ASP B 283 -4.96 -10.63 44.64
CA ASP B 283 -5.67 -10.70 45.93
C ASP B 283 -6.28 -9.37 46.28
N TYR B 284 -5.59 -8.30 45.97
CA TYR B 284 -6.03 -6.96 46.36
C TYR B 284 -7.07 -6.33 45.41
N ILE B 285 -7.02 -6.60 44.12
CA ILE B 285 -8.01 -6.01 43.20
C ILE B 285 -9.39 -6.63 43.39
N GLU B 286 -10.41 -5.79 43.31
CA GLU B 286 -11.78 -6.27 43.37
C GLU B 286 -12.58 -5.78 42.18
N ILE B 287 -13.26 -6.70 41.50
CA ILE B 287 -14.11 -6.32 40.41
C ILE B 287 -15.54 -6.71 40.73
N THR B 288 -16.45 -5.75 40.59
CA THR B 288 -17.84 -6.00 40.93
C THR B 288 -18.53 -6.81 39.85
N GLY B 289 -19.31 -7.78 40.28
CA GLY B 289 -20.06 -8.67 39.41
C GLY B 289 -21.55 -8.53 39.66
N ALA B 290 -22.30 -9.40 39.02
CA ALA B 290 -23.73 -9.34 39.10
C ALA B 290 -24.13 -9.47 40.57
N GLY B 291 -25.10 -8.68 40.98
CA GLY B 291 -25.58 -8.67 42.35
C GLY B 291 -24.66 -7.94 43.31
N GLY B 292 -23.63 -7.28 42.79
CA GLY B 292 -22.65 -6.61 43.63
C GLY B 292 -21.57 -7.50 44.20
N LYS B 293 -21.57 -8.78 43.81
CA LYS B 293 -20.52 -9.71 44.23
C LYS B 293 -19.18 -9.20 43.76
N LYS B 294 -18.14 -9.54 44.50
CA LYS B 294 -16.80 -9.05 44.19
C LYS B 294 -15.93 -10.19 43.72
N TYR B 295 -15.14 -9.94 42.68
CA TYR B 295 -14.27 -10.96 42.09
C TYR B 295 -12.81 -10.46 41.98
N ARG B 296 -11.89 -11.43 42.00
CA ARG B 296 -10.50 -11.21 41.66
C ARG B 296 -10.32 -11.17 40.13
N ILE B 297 -9.15 -10.71 39.68
CA ILE B 297 -8.83 -10.73 38.28
C ILE B 297 -8.96 -12.15 37.79
N SER B 298 -8.45 -13.07 38.60
CA SER B 298 -8.44 -14.48 38.26
C SER B 298 -9.84 -15.09 38.27
N THR B 299 -10.73 -14.60 39.13
CA THR B 299 -12.07 -15.21 39.23
C THR B 299 -13.13 -14.44 38.45
N ALA B 300 -12.72 -13.39 37.75
CA ALA B 300 -13.67 -12.60 36.98
C ALA B 300 -14.26 -13.44 35.85
N ILE B 301 -13.50 -14.41 35.38
CA ILE B 301 -13.97 -15.31 34.31
C ILE B 301 -15.21 -16.10 34.71
N ASP B 302 -15.42 -16.26 36.01
CA ASP B 302 -16.60 -16.95 36.51
C ASP B 302 -17.89 -16.14 36.36
N ASP B 303 -17.83 -14.83 36.41
CA ASP B 303 -19.03 -14.00 36.27
C ASP B 303 -18.85 -13.12 35.05
N MET B 304 -19.76 -13.22 34.08
CA MET B 304 -19.62 -12.42 32.86
C MET B 304 -19.81 -10.96 33.10
N GLU B 305 -20.64 -10.58 34.05
CA GLU B 305 -20.82 -9.16 34.36
C GLU B 305 -19.52 -8.52 34.86
N ALA B 306 -18.80 -9.26 35.68
CA ALA B 306 -17.50 -8.81 36.15
C ALA B 306 -16.56 -8.75 34.98
N TYR B 307 -16.62 -9.76 34.13
CA TYR B 307 -15.66 -9.92 33.04
C TYR B 307 -15.80 -8.81 32.03
N THR B 308 -17.02 -8.29 31.88
CA THR B 308 -17.30 -7.22 30.94
C THR B 308 -16.43 -6.03 31.25
N LYS B 309 -16.17 -5.80 32.53
CA LYS B 309 -15.37 -4.65 32.95
C LYS B 309 -13.89 -4.95 33.06
N LEU B 310 -13.46 -6.18 32.73
CA LEU B 310 -12.04 -6.54 32.84
C LEU B 310 -11.34 -6.42 31.51
N THR B 311 -10.40 -5.47 31.44
CA THR B 311 -9.77 -5.09 30.19
C THR B 311 -8.36 -4.60 30.44
N ASP B 312 -7.73 -4.09 29.41
CA ASP B 312 -6.35 -3.59 29.52
C ASP B 312 -6.23 -2.47 30.53
N ASN B 313 -7.35 -1.82 30.81
CA ASN B 313 -7.44 -0.74 31.79
C ASN B 313 -6.86 -1.12 33.12
N ILE B 314 -6.92 -2.40 33.44
CA ILE B 314 -6.42 -2.86 34.71
C ILE B 314 -4.95 -2.49 34.91
N PHE B 315 -4.20 -2.54 33.83
CA PHE B 315 -2.80 -2.22 33.85
C PHE B 315 -2.58 -0.81 34.38
N LEU B 316 -3.36 0.13 33.88
CA LEU B 316 -3.26 1.51 34.35
C LEU B 316 -3.80 1.67 35.78
N GLU B 317 -4.83 0.90 36.11
CA GLU B 317 -5.41 0.98 37.44
C GLU B 317 -4.33 0.61 38.46
N ILE B 318 -3.57 -0.43 38.17
CA ILE B 318 -2.51 -0.87 39.06
C ILE B 318 -1.41 0.17 39.10
N LEU B 319 -1.06 0.69 37.94
CA LEU B 319 0.03 1.64 37.83
C LEU B 319 -0.22 2.93 38.61
N TYR B 320 -1.45 3.43 38.59
CA TYR B 320 -1.78 4.67 39.26
C TYR B 320 -2.22 4.44 40.71
N SER B 321 -2.25 3.18 41.16
CA SER B 321 -2.74 2.90 42.51
C SER B 321 -1.80 3.48 43.58
N THR B 322 -2.37 4.02 44.64
CA THR B 322 -1.59 4.48 45.77
C THR B 322 -1.53 3.42 46.87
N ASP B 323 -2.37 2.40 46.77
CA ASP B 323 -2.48 1.42 47.85
C ASP B 323 -1.15 0.71 48.15
N PRO B 324 -0.75 0.62 49.43
CA PRO B 324 0.50 -0.08 49.73
C PRO B 324 0.46 -1.56 49.38
N LYS B 325 -0.70 -2.18 49.46
CA LYS B 325 -0.80 -3.61 49.13
C LYS B 325 -0.42 -3.87 47.68
N LEU B 326 -0.71 -2.89 46.81
CA LEU B 326 -0.41 -3.00 45.40
C LEU B 326 1.00 -2.56 45.01
N LYS B 327 1.81 -2.20 46.01
CA LYS B 327 3.09 -1.55 45.73
C LYS B 327 4.00 -2.45 44.89
N ASP B 328 4.05 -3.73 45.21
CA ASP B 328 4.93 -4.64 44.47
C ASP B 328 4.49 -4.75 43.02
N ALA B 329 3.19 -4.86 42.79
CA ALA B 329 2.67 -4.95 41.44
C ALA B 329 2.97 -3.65 40.70
N ARG B 330 2.79 -2.54 41.40
CA ARG B 330 2.99 -1.22 40.82
C ARG B 330 4.42 -1.04 40.35
N GLU B 331 5.36 -1.53 41.14
CA GLU B 331 6.78 -1.36 40.85
C GLU B 331 7.15 -2.03 39.55
N ILE B 332 6.58 -3.20 39.31
CA ILE B 332 6.91 -3.96 38.12
C ILE B 332 6.45 -3.22 36.86
N LEU B 333 5.25 -2.66 36.90
CA LEU B 333 4.77 -1.87 35.78
C LEU B 333 5.62 -0.61 35.60
N LYS B 334 6.05 -0.01 36.69
CA LYS B 334 6.91 1.16 36.62
C LYS B 334 8.22 0.81 35.96
N GLN B 335 8.75 -0.37 36.26
CA GLN B 335 9.99 -0.82 35.62
C GLN B 335 9.81 -0.97 34.11
N ILE B 336 8.62 -1.37 33.70
CA ILE B 336 8.30 -1.43 32.28
C ILE B 336 8.38 -0.05 31.66
N GLU B 337 7.80 0.93 32.30
CA GLU B 337 7.83 2.30 31.78
C GLU B 337 9.25 2.81 31.60
N TYR B 338 10.10 2.54 32.59
CA TYR B 338 11.50 2.96 32.53
C TYR B 338 12.32 2.10 31.60
N ARG B 339 11.74 1.00 31.14
CA ARG B 339 12.43 0.08 30.25
C ARG B 339 13.51 -0.72 30.98
N ASN B 340 13.30 -0.89 32.28
CA ASN B 340 14.14 -1.71 33.10
C ASN B 340 13.57 -3.14 33.10
N LEU B 341 13.77 -3.84 32.00
CA LEU B 341 13.14 -5.14 31.82
C LEU B 341 14.04 -6.28 32.27
N PHE B 342 13.46 -7.46 32.50
CA PHE B 342 14.25 -8.67 32.69
C PHE B 342 15.04 -8.92 31.41
N LYS B 343 16.26 -9.42 31.56
CA LYS B 343 17.21 -9.40 30.46
C LYS B 343 17.20 -10.72 29.76
N TYR B 344 17.26 -10.67 28.44
CA TYR B 344 17.23 -11.88 27.61
C TYR B 344 18.62 -12.46 27.49
N VAL B 345 18.76 -13.73 27.78
CA VAL B 345 20.06 -14.35 27.78
C VAL B 345 20.35 -15.09 26.48
N GLY B 346 19.39 -15.91 26.05
CA GLY B 346 19.61 -16.75 24.89
C GLY B 346 18.40 -17.56 24.47
N GLU B 347 18.50 -18.14 23.28
CA GLU B 347 17.49 -19.05 22.76
C GLU B 347 18.18 -20.34 22.37
N THR B 348 17.53 -21.47 22.61
CA THR B 348 18.07 -22.78 22.22
C THR B 348 16.93 -23.71 21.81
N GLN B 349 17.29 -24.85 21.20
CA GLN B 349 16.33 -25.84 20.76
C GLN B 349 16.65 -27.25 21.25
N PRO B 350 15.64 -28.04 21.64
CA PRO B 350 15.92 -29.45 21.93
C PRO B 350 16.29 -30.26 20.67
N THR B 351 17.03 -31.34 20.86
CA THR B 351 17.55 -32.12 19.74
C THR B 351 17.01 -33.55 19.74
N GLY B 352 17.07 -34.18 18.57
CA GLY B 352 16.59 -35.55 18.40
C GLY B 352 15.11 -35.69 18.63
N GLN B 353 14.72 -36.67 19.44
CA GLN B 353 13.33 -36.91 19.78
C GLN B 353 12.85 -36.09 20.96
N ILE B 354 13.76 -35.45 21.70
CA ILE B 354 13.42 -34.82 22.96
C ILE B 354 12.37 -33.72 22.79
N LYS B 355 11.41 -33.71 23.70
CA LYS B 355 10.42 -32.65 23.75
C LYS B 355 10.17 -32.31 25.21
N ILE B 356 9.71 -31.09 25.48
CA ILE B 356 9.47 -30.66 26.84
C ILE B 356 7.97 -30.64 27.17
N LYS B 357 7.57 -31.38 28.18
CA LYS B 357 6.16 -31.42 28.62
C LYS B 357 5.83 -30.19 29.46
N ARG B 358 4.56 -29.82 29.48
CA ARG B 358 4.10 -28.63 30.21
C ARG B 358 4.44 -28.69 31.70
N GLU B 359 4.29 -29.87 32.28
CA GLU B 359 4.66 -30.09 33.67
C GLU B 359 6.15 -29.77 33.87
N ASP B 360 6.91 -29.94 32.79
CA ASP B 360 8.37 -29.78 32.73
C ASP B 360 8.80 -28.35 33.12
N TYR B 361 7.95 -27.38 32.79
CA TYR B 361 8.32 -25.98 32.85
C TYR B 361 8.78 -25.45 34.19
N GLU B 362 8.09 -25.85 35.24
CA GLU B 362 8.42 -25.35 36.56
C GLU B 362 9.87 -25.68 36.98
N SER B 363 10.31 -26.89 36.64
CA SER B 363 11.66 -27.38 36.99
C SER B 363 12.81 -26.65 36.30
N LEU B 364 12.55 -26.14 35.09
CA LEU B 364 13.61 -25.67 34.22
C LEU B 364 14.50 -24.53 34.80
N PRO B 365 13.90 -23.53 35.49
CA PRO B 365 14.81 -22.53 36.02
C PRO B 365 15.82 -23.14 37.00
N LYS B 366 15.37 -24.10 37.81
CA LYS B 366 16.26 -24.73 38.77
C LYS B 366 17.36 -25.46 38.03
N GLU B 367 17.00 -26.05 36.91
CA GLU B 367 17.93 -26.83 36.13
C GLU B 367 19.09 -25.98 35.59
N VAL B 368 18.77 -24.77 35.15
CA VAL B 368 19.79 -23.84 34.62
C VAL B 368 20.74 -23.37 35.72
N ALA B 369 20.21 -23.07 36.90
CA ALA B 369 21.04 -22.67 38.05
C ALA B 369 21.98 -23.81 38.46
N SER B 370 21.48 -25.04 38.35
CA SER B 370 22.24 -26.22 38.73
C SER B 370 23.48 -26.42 37.88
N ALA B 371 23.41 -26.03 36.61
CA ALA B 371 24.56 -26.20 35.75
C ALA B 371 25.74 -25.49 36.38
N LYS B 372 26.90 -26.15 36.32
CA LYS B 372 28.13 -25.55 36.81
C LYS B 372 29.07 -25.30 35.63
N PRO B 373 29.15 -24.04 35.12
CA PRO B 373 30.03 -23.85 33.98
C PRO B 373 31.49 -24.09 34.35
N LYS B 374 31.88 -23.67 35.54
CA LYS B 374 33.27 -23.89 36.03
C LYS B 374 34.23 -22.82 35.41
N VAL B 375 33.64 -21.87 34.69
CA VAL B 375 34.39 -20.68 34.25
C VAL B 375 34.41 -19.80 35.48
N LEU B 376 35.41 -18.95 35.61
CA LEU B 376 35.53 -18.16 36.82
C LEU B 376 34.37 -17.19 36.87
N LEU B 377 33.63 -17.19 37.96
CA LEU B 377 32.46 -16.31 38.13
C LEU B 377 32.55 -15.39 39.35
N ASP B 378 32.34 -14.09 39.13
CA ASP B 378 32.27 -13.11 40.22
C ASP B 378 31.03 -13.33 41.10
N VAL B 379 29.92 -13.74 40.51
CA VAL B 379 28.65 -13.90 41.25
C VAL B 379 27.92 -15.19 40.91
N LYS B 380 27.11 -15.66 41.85
CA LYS B 380 26.41 -16.93 41.69
C LYS B 380 24.90 -16.74 41.63
N LEU B 381 24.29 -17.18 40.54
CA LEU B 381 22.85 -17.02 40.33
C LEU B 381 22.04 -18.16 40.94
N LYS B 382 20.74 -17.88 41.12
CA LYS B 382 19.80 -18.78 41.77
C LYS B 382 18.63 -19.07 40.85
N ALA B 383 17.95 -20.18 41.12
CA ALA B 383 16.84 -20.60 40.30
C ALA B 383 15.77 -19.52 40.16
N GLU B 384 15.50 -18.84 41.26
CA GLU B 384 14.50 -17.74 41.27
C GLU B 384 14.91 -16.61 40.31
N ASP B 385 16.23 -16.45 40.11
CA ASP B 385 16.73 -15.41 39.22
C ASP B 385 16.35 -15.62 37.76
N PHE B 386 16.28 -16.88 37.33
CA PHE B 386 16.04 -17.18 35.92
C PHE B 386 14.56 -17.27 35.58
N ILE B 387 14.26 -16.96 34.32
CA ILE B 387 12.98 -17.23 33.72
C ILE B 387 13.22 -18.05 32.46
N VAL B 388 12.48 -19.13 32.32
CA VAL B 388 12.57 -19.94 31.12
C VAL B 388 11.22 -20.01 30.45
N ASP B 389 11.18 -19.66 29.19
CA ASP B 389 9.95 -19.62 28.43
C ASP B 389 10.04 -20.63 27.32
N VAL B 390 9.05 -21.51 27.25
CA VAL B 390 9.05 -22.54 26.22
C VAL B 390 7.96 -22.23 25.23
N ILE B 391 8.30 -22.20 23.96
CA ILE B 391 7.37 -21.83 22.92
C ILE B 391 7.25 -22.95 21.92
N ASN B 392 6.02 -23.34 21.63
CA ASN B 392 5.79 -24.39 20.67
C ASN B 392 5.36 -23.81 19.36
N MET B 393 6.19 -24.01 18.33
CA MET B 393 5.92 -23.51 17.00
C MET B 393 5.52 -24.67 16.09
N ASP B 394 4.38 -24.52 15.45
CA ASP B 394 3.80 -25.58 14.66
C ASP B 394 2.83 -25.04 13.64
N TYR B 395 2.30 -25.94 12.83
CA TYR B 395 1.32 -25.60 11.81
C TYR B 395 -0.12 -25.63 12.31
N GLY B 396 -0.26 -25.52 13.63
CA GLY B 396 -1.55 -25.43 14.28
C GLY B 396 -2.17 -26.77 14.61
N MET B 397 -1.53 -27.84 14.15
CA MET B 397 -2.03 -29.18 14.32
C MET B 397 -1.02 -29.94 15.17
N GLN B 398 -0.20 -29.21 15.92
CA GLN B 398 0.91 -29.80 16.65
C GLN B 398 1.82 -30.44 15.60
N GLU B 399 2.20 -31.70 15.81
CA GLU B 399 3.05 -32.44 14.88
C GLU B 399 2.45 -32.59 13.46
N LYS B 400 1.14 -32.61 13.37
CA LYS B 400 0.46 -33.00 12.12
C LYS B 400 0.57 -31.92 11.06
N ASN B 401 0.61 -32.39 9.81
CA ASN B 401 0.54 -31.54 8.63
C ASN B 401 -0.91 -31.14 8.30
N PRO B 402 -1.23 -29.83 8.36
CA PRO B 402 -2.63 -29.48 8.13
C PRO B 402 -3.14 -29.80 6.71
N ILE B 403 -2.25 -29.76 5.71
CA ILE B 403 -2.68 -29.91 4.33
C ILE B 403 -3.15 -31.33 4.03
N ASP B 404 -2.67 -32.28 4.82
CA ASP B 404 -3.18 -33.64 4.75
C ASP B 404 -4.65 -33.65 5.10
N HIS B 405 -5.08 -32.66 5.86
CA HIS B 405 -6.48 -32.54 6.24
C HIS B 405 -7.24 -31.51 5.40
N VAL B 406 -6.73 -31.18 4.22
CA VAL B 406 -7.45 -30.35 3.26
C VAL B 406 -7.95 -31.16 2.06
N SER B 407 -9.06 -30.71 1.48
CA SER B 407 -9.64 -31.32 0.30
C SER B 407 -9.54 -30.43 -0.90
N PHE B 408 -9.19 -31.03 -2.03
CA PHE B 408 -8.96 -30.27 -3.25
C PHE B 408 -9.86 -30.74 -4.37
N TYR B 409 -10.06 -29.87 -5.34
CA TYR B 409 -10.72 -30.26 -6.56
C TYR B 409 -9.91 -29.78 -7.74
N CYS B 410 -10.19 -30.36 -8.90
CA CYS B 410 -9.46 -30.10 -10.09
C CYS B 410 -10.32 -29.42 -11.09
N LYS B 411 -9.68 -28.72 -12.01
CA LYS B 411 -10.39 -27.98 -13.05
C LYS B 411 -11.21 -28.94 -13.91
N THR B 412 -10.67 -30.12 -14.17
CA THR B 412 -11.31 -31.09 -15.03
C THR B 412 -12.57 -31.68 -14.41
N ALA B 413 -12.64 -31.83 -13.10
CA ALA B 413 -13.85 -32.36 -12.44
C ALA B 413 -14.06 -31.61 -11.15
N PRO B 414 -14.68 -30.43 -11.25
CA PRO B 414 -14.85 -29.59 -10.06
C PRO B 414 -15.61 -30.26 -8.91
N ASN B 415 -16.53 -31.15 -9.22
CA ASN B 415 -17.34 -31.77 -8.17
C ASN B 415 -16.65 -32.89 -7.38
N ARG B 416 -15.57 -33.42 -7.91
CA ARG B 416 -14.90 -34.57 -7.27
C ARG B 416 -13.74 -34.10 -6.40
N ALA B 417 -13.87 -34.33 -5.10
CA ALA B 417 -12.82 -33.99 -4.13
C ALA B 417 -11.65 -34.97 -4.22
N ILE B 418 -10.45 -34.48 -3.97
CA ILE B 418 -9.25 -35.29 -3.99
C ILE B 418 -8.31 -34.90 -2.85
N ARG B 419 -7.31 -35.74 -2.60
CA ARG B 419 -6.37 -35.57 -1.52
C ARG B 419 -5.01 -35.39 -2.12
N ILE B 420 -4.23 -34.47 -1.56
CA ILE B 420 -2.88 -34.22 -2.05
C ILE B 420 -1.87 -34.40 -0.94
N THR B 421 -0.95 -35.33 -1.16
CA THR B 421 0.09 -35.66 -0.20
C THR B 421 1.23 -34.66 -0.31
N LYS B 422 2.04 -34.62 0.74
CA LYS B 422 3.16 -33.68 0.81
C LYS B 422 4.16 -33.93 -0.31
N ASN B 423 4.40 -35.19 -0.65
CA ASN B 423 5.32 -35.53 -1.75
C ASN B 423 4.89 -34.99 -3.11
N GLN B 424 3.58 -34.87 -3.31
CA GLN B 424 3.04 -34.32 -4.54
C GLN B 424 3.29 -32.82 -4.71
N VAL B 425 3.32 -32.06 -3.62
CA VAL B 425 3.65 -30.59 -3.71
C VAL B 425 5.14 -30.34 -3.78
N SER B 426 5.88 -30.95 -2.86
CA SER B 426 7.31 -30.66 -2.82
C SER B 426 8.12 -31.65 -2.01
N GLN B 427 9.34 -31.87 -2.49
CA GLN B 427 10.28 -32.71 -1.80
C GLN B 427 10.93 -31.87 -0.70
N LEU B 428 10.96 -30.55 -0.86
CA LEU B 428 11.66 -29.67 0.09
C LEU B 428 10.94 -29.57 1.45
N LEU B 429 9.64 -29.79 1.47
CA LEU B 429 8.84 -29.58 2.69
C LEU B 429 9.27 -30.49 3.85
N PRO B 430 9.14 -30.01 5.09
CA PRO B 430 9.62 -30.80 6.24
C PRO B 430 8.83 -32.07 6.52
N GLU B 431 9.49 -33.09 7.04
CA GLU B 431 8.83 -34.30 7.53
C GLU B 431 7.96 -34.02 8.77
N LYS B 432 8.48 -33.19 9.68
CA LYS B 432 7.76 -32.78 10.92
C LYS B 432 7.40 -31.31 10.88
N PHE B 433 6.22 -30.96 11.40
CA PHE B 433 5.71 -29.58 11.32
C PHE B 433 5.67 -28.80 12.64
N ALA B 434 6.32 -29.33 13.69
CA ALA B 434 6.35 -28.65 14.98
C ALA B 434 7.74 -28.64 15.55
N GLU B 435 8.12 -27.51 16.16
CA GLU B 435 9.38 -27.42 16.87
C GLU B 435 9.27 -26.50 18.10
N GLN B 436 10.22 -26.67 19.02
CA GLN B 436 10.19 -25.95 20.29
C GLN B 436 11.37 -25.02 20.45
N LEU B 437 11.07 -23.83 20.98
CA LEU B 437 12.09 -22.82 21.21
C LEU B 437 12.16 -22.60 22.70
N ILE B 438 13.37 -22.52 23.23
CA ILE B 438 13.54 -22.22 24.64
C ILE B 438 14.28 -20.90 24.82
N ARG B 439 13.65 -19.97 25.54
CA ARG B 439 14.24 -18.67 25.79
C ARG B 439 14.51 -18.50 27.25
N VAL B 440 15.69 -18.00 27.57
CA VAL B 440 16.11 -17.82 28.94
C VAL B 440 16.33 -16.33 29.24
N TYR B 441 15.76 -15.87 30.35
CA TYR B 441 15.92 -14.50 30.77
C TYR B 441 16.42 -14.45 32.20
N CYS B 442 17.13 -13.39 32.55
CA CYS B 442 17.65 -13.21 33.90
C CYS B 442 16.95 -12.04 34.55
N LYS B 443 16.45 -12.26 35.76
CA LYS B 443 15.79 -11.21 36.51
C LYS B 443 16.78 -10.16 37.01
N LYS B 444 18.00 -10.55 37.36
CA LYS B 444 19.02 -9.57 37.79
C LYS B 444 19.67 -8.98 36.56
N VAL B 445 19.62 -7.65 36.46
CA VAL B 445 19.98 -6.96 35.21
C VAL B 445 21.43 -6.47 35.14
N ASP B 446 22.18 -6.55 36.24
CA ASP B 446 23.54 -5.97 36.25
C ASP B 446 24.45 -6.68 35.27
N ARG B 447 25.47 -5.97 34.82
CA ARG B 447 26.42 -6.50 33.85
C ARG B 447 27.11 -7.77 34.35
N LYS B 448 27.49 -7.76 35.60
CA LYS B 448 28.13 -8.91 36.21
C LYS B 448 27.19 -10.12 36.20
N SER B 449 25.93 -9.89 36.57
CA SER B 449 24.93 -10.97 36.64
C SER B 449 24.66 -11.52 35.23
N LEU B 450 24.59 -10.62 34.26
CA LEU B 450 24.28 -11.00 32.90
C LEU B 450 25.36 -11.92 32.32
N TYR B 451 26.62 -11.57 32.55
CA TYR B 451 27.73 -12.40 32.10
C TYR B 451 27.61 -13.82 32.68
N ALA B 452 27.28 -13.88 33.97
CA ALA B 452 27.15 -15.15 34.68
C ALA B 452 26.03 -15.98 34.09
N ALA B 453 24.90 -15.33 33.80
CA ALA B 453 23.73 -16.02 33.28
C ALA B 453 24.01 -16.68 31.93
N ARG B 454 24.82 -16.02 31.11
CA ARG B 454 25.18 -16.57 29.81
C ARG B 454 25.98 -17.86 29.95
N GLN B 455 26.87 -17.88 30.93
CA GLN B 455 27.67 -19.05 31.17
C GLN B 455 26.79 -20.18 31.65
N TYR B 456 25.88 -19.89 32.58
CA TYR B 456 24.93 -20.88 33.08
C TYR B 456 24.13 -21.45 31.92
N PHE B 457 23.65 -20.56 31.08
CA PHE B 457 22.80 -20.91 29.98
C PHE B 457 23.51 -21.80 28.95
N VAL B 458 24.70 -21.40 28.53
CA VAL B 458 25.38 -22.12 27.49
C VAL B 458 25.83 -23.49 28.01
N GLN B 459 26.27 -23.54 29.28
CA GLN B 459 26.62 -24.82 29.90
C GLN B 459 25.41 -25.73 29.93
N TRP B 460 24.28 -25.15 30.31
CA TRP B 460 23.05 -25.90 30.41
C TRP B 460 22.68 -26.48 29.04
N CYS B 461 22.86 -25.68 27.99
CA CYS B 461 22.58 -26.14 26.62
C CYS B 461 23.48 -27.30 26.25
N ALA B 462 24.74 -27.20 26.64
CA ALA B 462 25.68 -28.28 26.44
C ALA B 462 25.30 -29.52 27.25
N ASP B 463 24.94 -29.33 28.51
CA ASP B 463 24.59 -30.46 29.39
C ASP B 463 23.40 -31.23 28.85
N ARG B 464 22.40 -30.50 28.38
CA ARG B 464 21.15 -31.10 27.92
C ARG B 464 21.23 -31.55 26.49
N ASN B 465 22.37 -31.29 25.85
CA ASN B 465 22.56 -31.58 24.45
C ASN B 465 21.58 -30.80 23.57
N PHE B 466 21.27 -29.58 23.97
CA PHE B 466 20.45 -28.68 23.16
C PHE B 466 21.29 -28.05 22.08
N THR B 467 20.61 -27.44 21.11
CA THR B 467 21.28 -26.79 19.99
C THR B 467 22.12 -25.65 20.54
N LYS B 468 23.30 -25.45 19.95
CA LYS B 468 24.19 -24.35 20.32
C LYS B 468 23.52 -22.99 20.07
N PRO B 469 23.54 -22.07 21.06
CA PRO B 469 23.04 -20.74 20.74
C PRO B 469 23.82 -20.09 19.62
N GLN B 470 23.16 -19.25 18.83
CA GLN B 470 23.79 -18.63 17.68
C GLN B 470 24.96 -17.76 18.06
N ASP B 471 24.82 -17.01 19.15
CA ASP B 471 25.85 -16.08 19.60
C ASP B 471 26.75 -16.72 20.64
N GLY B 472 26.64 -18.03 20.79
CA GLY B 472 27.30 -18.75 21.87
C GLY B 472 28.79 -18.52 21.90
N ASP B 473 29.41 -18.51 20.73
CA ASP B 473 30.86 -18.35 20.62
C ASP B 473 31.26 -17.04 21.27
N VAL B 474 30.49 -15.99 21.01
CA VAL B 474 30.76 -14.67 21.57
C VAL B 474 30.40 -14.55 23.07
N ILE B 475 29.23 -15.05 23.47
CA ILE B 475 28.79 -14.89 24.87
C ILE B 475 29.47 -15.83 25.85
N ALA B 476 29.79 -17.04 25.41
CA ALA B 476 30.47 -18.01 26.26
C ALA B 476 31.64 -18.66 25.50
N PRO B 477 32.72 -17.89 25.22
CA PRO B 477 33.80 -18.52 24.44
C PRO B 477 34.45 -19.70 25.15
N LEU B 478 34.56 -19.63 26.48
CA LEU B 478 35.17 -20.74 27.22
C LEU B 478 34.30 -22.00 27.24
N ILE B 479 33.00 -21.83 27.34
CA ILE B 479 32.09 -22.97 27.45
C ILE B 479 31.94 -23.75 26.12
N VAL B 480 31.90 -23.05 25.00
CA VAL B 480 31.57 -23.68 23.70
C VAL B 480 32.59 -24.75 23.25
N PRO B 481 33.91 -24.52 23.50
CA PRO B 481 34.87 -25.55 23.08
C PRO B 481 34.64 -26.94 23.71
N GLN B 482 34.09 -26.98 24.93
CA GLN B 482 33.90 -28.21 25.67
C GLN B 482 33.03 -29.21 24.92
N LYS B 483 32.02 -28.73 24.19
CA LYS B 483 31.15 -29.64 23.48
C LYS B 483 31.66 -29.92 22.08
N LYS B 484 32.03 -31.18 21.84
CA LYS B 484 32.57 -31.56 20.52
C LYS B 484 31.57 -31.43 19.40
N GLU B 485 30.31 -31.73 19.72
CA GLU B 485 29.22 -31.72 18.74
C GLU B 485 29.07 -30.31 18.14
N TRP B 486 29.29 -29.29 18.95
CA TRP B 486 29.23 -27.91 18.48
C TRP B 486 30.44 -27.56 17.65
N ASN B 487 31.59 -28.15 17.99
CA ASN B 487 32.82 -27.84 17.28
C ASN B 487 33.09 -28.93 16.26
N THR C 2 24.55 2.66 21.69
CA THR C 2 24.37 3.39 20.39
C THR C 2 22.88 3.36 19.98
N MET C 3 22.57 3.32 18.69
CA MET C 3 21.21 3.63 18.23
C MET C 3 20.22 2.49 18.44
N LYS C 4 19.01 2.80 18.89
CA LYS C 4 17.91 1.84 18.83
C LYS C 4 17.08 2.02 17.55
N VAL C 5 16.64 0.90 17.00
CA VAL C 5 15.81 0.93 15.82
C VAL C 5 14.38 0.61 16.19
N ILE C 6 13.46 1.47 15.80
CA ILE C 6 12.04 1.18 16.00
C ILE C 6 11.32 1.10 14.68
N ASN C 7 10.52 0.04 14.51
CA ASN C 7 9.78 -0.15 13.27
C ASN C 7 8.41 0.56 13.31
N ASP C 8 8.19 1.43 12.34
CA ASP C 8 7.01 2.21 12.26
C ASP C 8 6.26 1.88 10.98
N PRO C 9 4.93 1.65 11.06
CA PRO C 9 4.23 1.32 9.82
C PRO C 9 4.21 2.46 8.79
N ILE C 10 4.20 3.71 9.21
CA ILE C 10 4.33 4.82 8.26
C ILE C 10 5.77 5.00 7.70
N HIS C 11 6.77 4.92 8.55
CA HIS C 11 8.10 5.36 8.17
C HIS C 11 9.07 4.22 8.00
N GLY C 12 8.66 3.01 8.34
CA GLY C 12 9.61 1.92 8.35
C GLY C 12 10.53 2.03 9.55
N HIS C 13 11.82 1.81 9.32
CA HIS C 13 12.77 1.61 10.43
C HIS C 13 13.41 2.92 10.84
N ILE C 14 13.14 3.30 12.08
CA ILE C 14 13.53 4.59 12.61
C ILE C 14 14.69 4.36 13.57
N GLU C 15 15.76 5.12 13.37
CA GLU C 15 16.91 5.09 14.24
C GLU C 15 16.78 6.19 15.27
N LEU C 16 17.02 5.84 16.52
CA LEU C 16 16.92 6.78 17.62
C LEU C 16 18.21 6.83 18.38
N HIS C 17 18.70 8.04 18.59
CA HIS C 17 19.88 8.27 19.37
C HIS C 17 19.64 7.93 20.85
N PRO C 18 20.69 7.44 21.55
CA PRO C 18 20.46 6.97 22.90
C PRO C 18 19.89 8.04 23.81
N LEU C 19 20.31 9.28 23.62
CA LEU C 19 19.75 10.39 24.37
C LEU C 19 18.28 10.49 24.14
N LEU C 20 17.87 10.31 22.90
CA LEU C 20 16.44 10.30 22.54
C LEU C 20 15.72 9.16 23.23
N VAL C 21 16.33 8.00 23.24
CA VAL C 21 15.73 6.83 23.87
C VAL C 21 15.57 7.04 25.38
N ARG C 22 16.54 7.69 26.00
CA ARG C 22 16.45 7.96 27.42
C ARG C 22 15.25 8.82 27.78
N ILE C 23 14.99 9.80 26.93
CA ILE C 23 13.83 10.67 27.08
C ILE C 23 12.52 9.90 26.85
N ILE C 24 12.53 9.02 25.85
CA ILE C 24 11.38 8.24 25.51
C ILE C 24 10.99 7.28 26.64
N ASP C 25 11.98 6.69 27.29
CA ASP C 25 11.71 5.69 28.30
C ASP C 25 11.47 6.31 29.66
N THR C 26 10.42 7.12 29.74
CA THR C 26 10.04 7.79 30.97
C THR C 26 8.52 7.76 31.12
N PRO C 27 8.02 7.86 32.37
CA PRO C 27 6.56 7.94 32.54
C PRO C 27 5.92 9.06 31.73
N GLN C 28 6.59 10.19 31.65
CA GLN C 28 6.03 11.35 31.01
C GLN C 28 5.82 11.13 29.53
N PHE C 29 6.79 10.53 28.87
CA PHE C 29 6.63 10.22 27.45
C PHE C 29 5.73 9.02 27.21
N GLN C 30 5.90 7.99 28.03
CA GLN C 30 5.15 6.76 27.84
C GLN C 30 3.67 6.99 28.07
N ARG C 31 3.35 8.07 28.80
CA ARG C 31 1.98 8.49 29.01
C ARG C 31 1.25 8.63 27.70
N LEU C 32 2.00 9.03 26.67
CA LEU C 32 1.44 9.24 25.33
C LEU C 32 0.88 7.96 24.70
N ARG C 33 1.32 6.82 25.19
CA ARG C 33 0.77 5.57 24.73
C ARG C 33 -0.71 5.41 25.05
N TYR C 34 -1.18 6.12 26.07
CA TYR C 34 -2.52 5.93 26.58
C TYR C 34 -3.47 7.04 26.17
N ILE C 35 -3.11 7.82 25.15
CA ILE C 35 -3.98 8.89 24.66
C ILE C 35 -4.21 8.72 23.18
N LYS C 36 -5.47 8.57 22.78
CA LYS C 36 -5.82 8.35 21.39
C LYS C 36 -5.52 9.61 20.62
N GLN C 37 -4.88 9.43 19.49
CA GLN C 37 -4.61 10.53 18.59
C GLN C 37 -5.89 11.24 18.14
N LEU C 38 -6.92 10.47 17.77
CA LEU C 38 -8.13 11.04 17.19
C LEU C 38 -9.30 11.05 18.14
N GLY C 39 -9.08 10.74 19.41
CA GLY C 39 -10.12 10.90 20.42
C GLY C 39 -11.34 10.03 20.14
N GLY C 40 -12.49 10.68 20.09
CA GLY C 40 -13.75 10.03 19.80
C GLY C 40 -13.87 9.50 18.38
N GLY C 41 -13.00 9.94 17.49
CA GLY C 41 -12.99 9.44 16.12
C GLY C 41 -12.84 7.94 16.00
N TYR C 42 -12.15 7.34 16.97
CA TYR C 42 -12.01 5.91 17.02
C TYR C 42 -13.37 5.19 17.05
N TYR C 43 -14.33 5.81 17.71
CA TYR C 43 -15.72 5.29 17.77
C TYR C 43 -16.42 5.35 16.42
N VAL C 44 -16.10 6.34 15.61
CA VAL C 44 -16.56 6.36 14.23
C VAL C 44 -15.66 5.53 13.30
N PHE C 45 -14.34 5.61 13.48
CA PHE C 45 -13.38 4.91 12.59
C PHE C 45 -12.61 3.84 13.37
N PRO C 46 -12.91 2.57 13.15
CA PRO C 46 -12.28 1.65 14.06
C PRO C 46 -10.79 1.51 13.77
N GLY C 47 -10.36 1.91 12.58
CA GLY C 47 -8.94 1.87 12.28
C GLY C 47 -8.09 2.82 13.10
N ALA C 48 -8.69 3.94 13.50
CA ALA C 48 -7.98 5.00 14.22
C ALA C 48 -7.80 4.66 15.68
N SER C 49 -7.11 3.58 15.95
CA SER C 49 -6.76 3.16 17.29
C SER C 49 -5.39 3.71 17.76
N HIS C 50 -4.69 4.42 16.89
CA HIS C 50 -3.36 4.89 17.20
C HIS C 50 -3.32 5.97 18.27
N ASN C 51 -2.19 6.02 18.97
CA ASN C 51 -2.01 6.92 20.07
C ASN C 51 -0.99 7.99 19.80
N ARG C 52 -0.92 8.96 20.68
CA ARG C 52 -0.01 10.10 20.51
C ARG C 52 1.46 9.67 20.46
N PHE C 53 1.77 8.60 21.18
CA PHE C 53 3.12 8.13 21.30
C PHE C 53 3.78 7.80 19.96
N GLU C 54 3.08 7.05 19.14
CA GLU C 54 3.61 6.62 17.85
C GLU C 54 3.72 7.81 16.93
N HIS C 55 2.76 8.73 17.03
CA HIS C 55 2.80 9.95 16.26
C HIS C 55 4.05 10.80 16.61
N SER C 56 4.33 10.90 17.90
CA SER C 56 5.45 11.65 18.37
C SER C 56 6.76 11.08 17.84
N LEU C 57 6.88 9.76 17.85
CA LEU C 57 8.09 9.16 17.29
C LEU C 57 8.21 9.60 15.86
N GLY C 58 7.10 9.57 15.13
CA GLY C 58 7.11 9.93 13.72
C GLY C 58 7.52 11.36 13.50
N VAL C 59 7.06 12.24 14.37
CA VAL C 59 7.40 13.65 14.28
C VAL C 59 8.89 13.84 14.54
N GLY C 60 9.39 13.16 15.55
CA GLY C 60 10.81 13.23 15.88
C GLY C 60 11.64 12.75 14.72
N TYR C 61 11.20 11.68 14.10
CA TYR C 61 11.97 11.09 13.03
C TYR C 61 12.02 12.03 11.83
N LEU C 62 10.89 12.60 11.48
CA LEU C 62 10.82 13.45 10.31
C LEU C 62 11.63 14.70 10.54
N ALA C 63 11.61 15.20 11.77
CA ALA C 63 12.37 16.41 12.09
C ALA C 63 13.84 16.11 11.84
N GLY C 64 14.27 14.94 12.27
CA GLY C 64 15.63 14.47 12.03
C GLY C 64 15.93 14.40 10.55
N CYS C 65 14.97 13.93 9.76
CA CYS C 65 15.17 13.79 8.32
C CYS C 65 15.43 15.11 7.68
N LEU C 66 14.59 16.08 8.00
CA LEU C 66 14.68 17.37 7.35
C LEU C 66 15.97 18.09 7.72
N VAL C 67 16.31 18.09 9.00
CA VAL C 67 17.50 18.80 9.45
C VAL C 67 18.77 18.13 8.86
N HIS C 68 18.80 16.80 8.83
CA HIS C 68 19.91 16.10 8.23
C HIS C 68 20.02 16.40 6.74
N ALA C 69 18.90 16.44 6.06
CA ALA C 69 18.90 16.68 4.63
C ALA C 69 19.51 18.04 4.31
N LEU C 70 19.14 19.04 5.09
CA LEU C 70 19.64 20.40 4.87
C LEU C 70 21.13 20.46 5.13
N GLY C 71 21.59 19.74 6.15
CA GLY C 71 23.00 19.61 6.45
C GLY C 71 23.81 18.97 5.32
N GLU C 72 23.30 17.89 4.74
CA GLU C 72 24.00 17.21 3.65
C GLU C 72 24.01 18.09 2.41
N LYS C 73 22.90 18.72 2.11
CA LYS C 73 22.78 19.56 0.93
C LYS C 73 23.61 20.81 1.08
N GLN C 74 23.62 21.41 2.27
CA GLN C 74 24.24 22.71 2.48
C GLN C 74 25.17 22.70 3.71
N PRO C 75 26.42 22.20 3.53
CA PRO C 75 27.30 22.15 4.70
C PRO C 75 27.65 23.52 5.27
N GLU C 76 27.59 24.54 4.42
CA GLU C 76 27.83 25.91 4.84
C GLU C 76 26.91 26.36 5.97
N LEU C 77 25.74 25.75 6.08
CA LEU C 77 24.83 26.09 7.15
C LEU C 77 25.41 25.80 8.54
N GLN C 78 26.41 24.93 8.60
CA GLN C 78 27.07 24.60 9.86
C GLN C 78 26.12 23.97 10.90
N ILE C 79 25.21 23.12 10.43
CA ILE C 79 24.35 22.40 11.33
C ILE C 79 25.17 21.37 12.08
N SER C 80 24.90 21.22 13.38
CA SER C 80 25.63 20.29 14.24
C SER C 80 24.74 19.21 14.82
N GLU C 81 25.38 18.14 15.29
CA GLU C 81 24.64 17.03 15.88
C GLU C 81 23.87 17.52 17.07
N ARG C 82 24.45 18.46 17.77
CA ARG C 82 23.77 19.07 18.86
C ARG C 82 22.48 19.71 18.36
N ASP C 83 22.58 20.35 17.21
CA ASP C 83 21.41 20.95 16.57
C ASP C 83 20.40 19.88 16.18
N VAL C 84 20.91 18.77 15.65
CA VAL C 84 20.01 17.73 15.19
C VAL C 84 19.24 17.12 16.36
N LEU C 85 19.93 16.87 17.45
CA LEU C 85 19.28 16.27 18.60
C LEU C 85 18.24 17.21 19.20
N CYS C 86 18.55 18.49 19.25
CA CYS C 86 17.61 19.46 19.81
C CYS C 86 16.33 19.55 19.00
N VAL C 87 16.49 19.54 17.69
CA VAL C 87 15.32 19.56 16.80
C VAL C 87 14.51 18.28 16.97
N GLN C 88 15.17 17.14 17.06
CA GLN C 88 14.47 15.87 17.26
C GLN C 88 13.76 15.83 18.61
N ILE C 89 14.38 16.38 19.64
CA ILE C 89 13.78 16.33 20.96
C ILE C 89 12.51 17.18 21.00
N ALA C 90 12.56 18.32 20.34
CA ALA C 90 11.38 19.13 20.20
C ALA C 90 10.29 18.36 19.44
N GLY C 91 10.67 17.63 18.40
CA GLY C 91 9.70 16.87 17.61
C GLY C 91 9.01 15.82 18.46
N LEU C 92 9.80 15.09 19.23
CA LEU C 92 9.26 14.05 20.08
C LEU C 92 8.34 14.62 21.13
N CYS C 93 8.72 15.77 21.69
CA CYS C 93 8.04 16.29 22.87
C CYS C 93 6.98 17.33 22.63
N ARG C 94 6.72 17.69 21.37
CA ARG C 94 5.68 18.66 21.10
C ARG C 94 4.28 18.20 21.48
N ASN C 95 4.01 16.90 21.44
CA ASN C 95 2.72 16.37 21.86
C ASN C 95 2.62 15.97 23.33
N LEU C 96 3.66 16.24 24.10
CA LEU C 96 3.71 15.84 25.48
C LEU C 96 2.54 16.37 26.30
N GLY C 97 2.08 17.55 25.96
CA GLY C 97 1.07 18.24 26.74
C GLY C 97 -0.35 17.72 26.54
N HIS C 98 -0.57 16.82 25.60
CA HIS C 98 -1.94 16.42 25.23
C HIS C 98 -2.67 15.76 26.37
N GLY C 99 -3.96 16.08 26.48
CA GLY C 99 -4.82 15.53 27.52
C GLY C 99 -5.63 14.37 27.01
N PRO C 100 -6.49 13.80 27.89
CA PRO C 100 -7.26 12.64 27.42
C PRO C 100 -8.11 12.94 26.21
N PHE C 101 -8.03 12.06 25.20
CA PHE C 101 -8.78 12.22 23.97
C PHE C 101 -8.27 13.41 23.17
N SER C 102 -7.04 13.84 23.44
CA SER C 102 -6.39 14.87 22.66
C SER C 102 -7.18 16.16 22.60
N HIS C 103 -7.58 16.59 21.40
CA HIS C 103 -8.07 17.94 21.21
C HIS C 103 -9.40 18.19 21.93
N MET C 104 -10.12 17.12 22.24
CA MET C 104 -11.32 17.24 23.02
C MET C 104 -11.02 17.94 24.34
N PHE C 105 -9.89 17.58 24.94
CA PHE C 105 -9.56 18.03 26.28
C PHE C 105 -9.30 19.54 26.34
N ASP C 106 -8.44 20.03 25.46
CA ASP C 106 -8.18 21.47 25.40
C ASP C 106 -9.16 22.17 24.48
N GLY C 107 -9.69 21.47 23.49
CA GLY C 107 -10.71 22.02 22.63
C GLY C 107 -12.06 22.22 23.29
N ARG C 108 -12.51 21.29 24.12
CA ARG C 108 -13.88 21.35 24.66
C ARG C 108 -13.95 21.37 26.17
N PHE C 109 -13.30 20.41 26.82
CA PHE C 109 -13.45 20.24 28.26
C PHE C 109 -12.89 21.38 29.09
N ILE C 110 -11.67 21.79 28.81
CA ILE C 110 -11.06 22.80 29.65
C ILE C 110 -11.78 24.12 29.48
N PRO C 111 -12.15 24.49 28.23
CA PRO C 111 -12.85 25.77 28.14
C PRO C 111 -14.17 25.81 28.93
N LEU C 112 -14.94 24.72 28.90
CA LEU C 112 -16.17 24.65 29.71
C LEU C 112 -15.92 24.53 31.21
N ALA C 113 -14.94 23.71 31.60
CA ALA C 113 -14.61 23.54 33.01
C ALA C 113 -13.91 24.76 33.62
N ARG C 114 -13.00 25.40 32.89
CA ARG C 114 -12.18 26.51 33.45
C ARG C 114 -12.14 27.68 32.48
N PRO C 115 -13.25 28.40 32.41
CA PRO C 115 -13.31 29.50 31.46
C PRO C 115 -12.32 30.61 31.82
N GLU C 116 -12.04 30.79 33.10
CA GLU C 116 -11.15 31.85 33.53
C GLU C 116 -9.73 31.62 33.02
N VAL C 117 -9.32 30.36 32.98
CA VAL C 117 -7.98 30.02 32.59
C VAL C 117 -7.83 30.03 31.07
N LYS C 118 -6.65 30.38 30.56
CA LYS C 118 -6.35 30.14 29.14
C LYS C 118 -5.24 29.10 29.03
N TRP C 119 -5.52 27.98 28.35
CA TRP C 119 -4.62 26.80 28.33
C TRP C 119 -4.57 26.16 26.96
N THR C 120 -3.42 25.58 26.60
CA THR C 120 -3.28 24.79 25.37
C THR C 120 -2.36 23.63 25.64
N HIS C 121 -2.48 22.59 24.84
CA HIS C 121 -1.62 21.43 25.01
C HIS C 121 -0.14 21.80 24.81
N GLU C 122 0.16 22.75 23.93
CA GLU C 122 1.57 23.18 23.75
C GLU C 122 2.07 23.78 25.04
N GLN C 123 1.25 24.55 25.73
CA GLN C 123 1.67 25.00 27.04
C GLN C 123 2.00 23.81 27.92
N GLY C 124 1.12 22.83 27.89
CA GLY C 124 1.32 21.61 28.66
C GLY C 124 2.59 20.85 28.28
N SER C 125 2.91 20.82 27.00
CA SER C 125 4.07 20.11 26.53
C SER C 125 5.37 20.70 27.08
N VAL C 126 5.43 22.02 27.13
CA VAL C 126 6.60 22.71 27.72
C VAL C 126 6.71 22.39 29.21
N MET C 127 5.58 22.42 29.91
CA MET C 127 5.58 22.12 31.34
C MET C 127 5.95 20.67 31.60
N MET C 128 5.39 19.78 30.79
CA MET C 128 5.64 18.35 30.94
C MET C 128 7.09 18.02 30.60
N PHE C 129 7.63 18.69 29.59
CA PHE C 129 9.01 18.47 29.19
C PHE C 129 9.96 18.83 30.32
N GLU C 130 9.69 19.94 30.97
CA GLU C 130 10.51 20.39 32.09
C GLU C 130 10.42 19.35 33.20
N HIS C 131 9.21 18.90 33.47
CA HIS C 131 9.00 17.92 34.50
C HIS C 131 9.71 16.63 34.16
N LEU C 132 9.68 16.24 32.89
CA LEU C 132 10.33 15.02 32.42
C LEU C 132 11.84 15.05 32.63
N ILE C 133 12.45 16.17 32.26
CA ILE C 133 13.88 16.35 32.40
C ILE C 133 14.28 16.32 33.87
N ASN C 134 13.55 17.04 34.71
CA ASN C 134 13.95 17.17 36.10
C ASN C 134 13.76 15.89 36.88
N SER C 135 12.63 15.22 36.66
CA SER C 135 12.30 14.03 37.43
C SER C 135 13.23 12.90 37.08
N ASN C 136 13.70 12.84 35.84
CA ASN C 136 14.49 11.69 35.37
C ASN C 136 15.99 11.95 35.12
N GLY C 137 16.50 13.07 35.59
CA GLY C 137 17.93 13.38 35.53
C GLY C 137 18.53 13.40 34.13
N ILE C 138 17.81 13.97 33.18
CA ILE C 138 18.23 13.98 31.78
C ILE C 138 19.41 14.93 31.52
N LYS C 139 19.48 16.06 32.24
CA LYS C 139 20.48 17.09 31.93
C LYS C 139 21.90 16.55 31.90
N PRO C 140 22.26 15.69 32.86
CA PRO C 140 23.59 15.09 32.78
C PRO C 140 23.77 14.32 31.50
N VAL C 141 22.73 13.61 31.08
CA VAL C 141 22.81 12.83 29.86
C VAL C 141 22.96 13.73 28.63
N MET C 142 22.27 14.88 28.64
CA MET C 142 22.40 15.85 27.55
C MET C 142 23.85 16.34 27.45
N GLU C 143 24.44 16.62 28.60
CA GLU C 143 25.82 17.08 28.64
C GLU C 143 26.73 16.04 28.11
N GLN C 144 26.48 14.79 28.49
CA GLN C 144 27.33 13.68 28.12
C GLN C 144 27.38 13.56 26.61
N TYR C 145 26.30 13.89 25.92
CA TYR C 145 26.26 13.84 24.46
C TYR C 145 26.48 15.20 23.79
N GLY C 146 26.98 16.17 24.55
CA GLY C 146 27.45 17.42 23.96
C GLY C 146 26.43 18.53 23.91
N LEU C 147 25.28 18.32 24.52
CA LEU C 147 24.31 19.41 24.60
C LEU C 147 24.71 20.34 25.74
N ILE C 148 24.35 21.60 25.62
CA ILE C 148 24.47 22.56 26.72
C ILE C 148 23.07 22.80 27.25
N PRO C 149 22.75 22.24 28.44
CA PRO C 149 21.34 22.27 28.83
C PRO C 149 20.71 23.64 28.86
N GLU C 150 21.40 24.65 29.36
CA GLU C 150 20.77 25.97 29.51
C GLU C 150 20.32 26.56 28.18
N GLU C 151 21.21 26.54 27.20
CA GLU C 151 20.90 27.05 25.86
C GLU C 151 19.89 26.14 25.18
N ASP C 152 20.15 24.84 25.23
CA ASP C 152 19.38 23.88 24.46
C ASP C 152 17.95 23.63 24.95
N ILE C 153 17.75 23.58 26.26
CA ILE C 153 16.40 23.42 26.81
C ILE C 153 15.55 24.61 26.42
N CYS C 154 16.14 25.79 26.42
CA CYS C 154 15.45 26.96 25.94
C CYS C 154 15.05 26.76 24.48
N PHE C 155 16.00 26.28 23.70
CA PHE C 155 15.81 26.09 22.29
C PHE C 155 14.66 25.14 22.02
N ILE C 156 14.64 24.05 22.77
CA ILE C 156 13.59 23.03 22.62
C ILE C 156 12.22 23.60 22.96
N LYS C 157 12.13 24.31 24.09
CA LYS C 157 10.84 24.88 24.51
C LYS C 157 10.37 25.92 23.49
N GLU C 158 11.31 26.67 22.93
CA GLU C 158 10.98 27.71 21.96
C GLU C 158 10.38 27.11 20.68
N GLN C 159 10.90 25.96 20.26
CA GLN C 159 10.38 25.29 19.12
C GLN C 159 8.97 24.84 19.38
N ILE C 160 8.69 24.38 20.59
CA ILE C 160 7.37 23.86 20.90
C ILE C 160 6.33 24.97 20.98
N VAL C 161 6.67 26.04 21.68
CA VAL C 161 5.65 26.99 22.09
C VAL C 161 5.92 28.42 21.60
N GLY C 162 6.96 28.62 20.81
CA GLY C 162 7.31 29.95 20.32
C GLY C 162 8.11 30.72 21.33
N PRO C 163 8.31 32.03 21.10
CA PRO C 163 9.13 32.79 22.05
C PRO C 163 8.52 32.79 23.44
N LEU C 164 9.36 32.61 24.45
CA LEU C 164 8.87 32.41 25.82
C LEU C 164 8.24 33.66 26.41
N GLU C 165 8.70 34.85 26.03
CA GLU C 165 7.94 36.07 26.36
C GLU C 165 6.48 35.95 25.84
N LEU C 172 13.50 42.81 15.57
CA LEU C 172 14.44 42.16 16.45
C LEU C 172 14.18 40.64 16.50
N TRP C 173 15.25 39.86 16.56
CA TRP C 173 15.14 38.41 16.79
C TRP C 173 14.57 38.14 18.18
N PRO C 174 13.49 37.32 18.30
CA PRO C 174 12.91 37.13 19.64
C PRO C 174 13.36 35.88 20.39
N TYR C 175 14.24 35.07 19.81
CA TYR C 175 14.57 33.77 20.37
C TYR C 175 15.92 33.80 21.05
N LYS C 176 16.01 33.25 22.25
CA LYS C 176 17.27 33.10 22.93
C LYS C 176 17.90 31.72 22.71
N GLY C 177 17.18 30.78 22.13
CA GLY C 177 17.73 29.45 21.96
C GLY C 177 18.80 29.35 20.89
N ARG C 178 18.67 30.11 19.81
CA ARG C 178 19.63 30.08 18.69
C ARG C 178 19.65 31.44 17.98
N PRO C 179 20.79 31.78 17.33
CA PRO C 179 20.82 33.05 16.64
C PRO C 179 20.12 33.00 15.29
N GLU C 180 19.94 34.18 14.72
CA GLU C 180 19.23 34.36 13.45
C GLU C 180 19.76 33.53 12.29
N ASN C 181 21.07 33.28 12.31
CA ASN C 181 21.68 32.42 11.29
C ASN C 181 21.10 31.02 11.32
N LYS C 182 20.58 30.62 12.48
CA LYS C 182 19.96 29.30 12.64
C LYS C 182 18.42 29.37 12.61
N SER C 183 17.86 30.40 12.00
CA SER C 183 16.40 30.61 12.05
C SER C 183 15.59 29.48 11.46
N PHE C 184 16.11 28.89 10.40
CA PHE C 184 15.41 27.82 9.72
C PHE C 184 15.08 26.67 10.65
N LEU C 185 15.90 26.46 11.69
CA LEU C 185 15.66 25.34 12.58
C LEU C 185 14.31 25.47 13.24
N TYR C 186 13.92 26.71 13.52
CA TYR C 186 12.64 26.96 14.18
C TYR C 186 11.44 26.65 13.28
N GLU C 187 11.69 26.54 11.99
CA GLU C 187 10.64 26.24 11.07
C GLU C 187 10.19 24.77 11.12
N ILE C 188 11.09 23.86 11.46
CA ILE C 188 10.85 22.43 11.26
C ILE C 188 9.75 21.77 12.12
N VAL C 189 9.74 21.95 13.43
CA VAL C 189 8.86 21.18 14.29
C VAL C 189 7.50 21.83 14.43
N SER C 190 7.48 23.12 14.66
CA SER C 190 6.23 23.88 14.69
C SER C 190 6.46 25.19 13.99
N ASN C 191 5.78 25.38 12.86
CA ASN C 191 6.00 26.55 12.05
C ASN C 191 4.98 27.61 12.33
N LYS C 192 5.39 28.59 13.11
CA LYS C 192 4.51 29.70 13.48
C LYS C 192 4.16 30.52 12.26
N ARG C 193 5.13 30.70 11.39
CA ARG C 193 4.95 31.61 10.29
C ARG C 193 3.90 31.11 9.31
N ASN C 194 3.96 29.83 8.93
CA ASN C 194 3.05 29.32 7.90
C ASN C 194 2.38 27.97 8.19
N GLY C 195 2.76 27.32 9.29
CA GLY C 195 2.13 26.07 9.67
C GLY C 195 2.59 24.84 8.89
N ILE C 196 3.57 24.99 8.02
CA ILE C 196 4.10 23.85 7.29
C ILE C 196 5.26 23.26 8.09
N ASP C 197 5.04 22.08 8.66
CA ASP C 197 5.99 21.48 9.57
C ASP C 197 5.82 19.99 9.61
N VAL C 198 6.82 19.33 10.16
CA VAL C 198 6.84 17.88 10.18
C VAL C 198 5.69 17.26 10.98
N ASP C 199 5.17 17.96 11.98
CA ASP C 199 4.08 17.42 12.79
C ASP C 199 2.89 17.12 11.91
N LYS C 200 2.58 18.04 11.01
CA LYS C 200 1.52 17.83 10.03
C LYS C 200 1.78 16.66 9.10
N TRP C 201 3.01 16.54 8.62
CA TRP C 201 3.28 15.52 7.63
C TRP C 201 3.08 14.14 8.19
N ASP C 202 3.54 13.91 9.42
CA ASP C 202 3.42 12.57 9.97
C ASP C 202 1.95 12.23 10.18
N TYR C 203 1.18 13.18 10.70
CA TYR C 203 -0.21 12.85 10.99
C TYR C 203 -1.05 12.68 9.72
N PHE C 204 -0.76 13.43 8.65
CA PHE C 204 -1.46 13.18 7.37
C PHE C 204 -1.25 11.75 6.93
N ALA C 205 0.00 11.32 6.94
CA ALA C 205 0.30 9.97 6.54
C ALA C 205 -0.26 8.96 7.53
N ARG C 206 -0.08 9.21 8.82
CA ARG C 206 -0.46 8.24 9.82
C ARG C 206 -1.98 8.11 9.91
N ASP C 207 -2.67 9.23 9.87
CA ASP C 207 -4.11 9.21 10.02
C ASP C 207 -4.77 8.54 8.81
N CYS C 208 -4.30 8.83 7.61
CA CYS C 208 -4.84 8.18 6.39
C CYS C 208 -4.65 6.69 6.43
N HIS C 209 -3.47 6.30 6.87
CA HIS C 209 -3.15 4.89 6.96
C HIS C 209 -4.11 4.17 7.89
N HIS C 210 -4.38 4.76 9.05
CA HIS C 210 -5.23 4.13 10.03
C HIS C 210 -6.72 4.32 9.75
N LEU C 211 -7.08 5.50 9.26
CA LEU C 211 -8.47 5.77 8.91
C LEU C 211 -8.95 4.97 7.72
N GLY C 212 -8.06 4.77 6.74
CA GLY C 212 -8.45 4.17 5.46
C GLY C 212 -8.65 5.22 4.40
N ILE C 213 -8.44 6.49 4.75
CA ILE C 213 -8.49 7.61 3.79
C ILE C 213 -7.17 7.70 3.01
N GLN C 214 -7.12 8.53 1.95
CA GLN C 214 -5.85 8.79 1.22
C GLN C 214 -5.60 10.29 0.96
N ASN C 215 -4.31 10.66 0.89
CA ASN C 215 -3.84 12.06 0.84
C ASN C 215 -3.03 12.46 -0.40
N ASN C 216 -3.10 13.75 -0.71
CA ASN C 216 -2.43 14.33 -1.85
C ASN C 216 -1.23 15.21 -1.46
N PHE C 217 -0.65 15.05 -0.25
CA PHE C 217 0.66 15.69 0.01
C PHE C 217 1.81 14.69 0.17
N ASP C 218 2.85 14.84 -0.64
CA ASP C 218 4.06 14.04 -0.49
C ASP C 218 5.14 14.82 0.33
N TYR C 219 5.31 14.43 1.59
CA TYR C 219 6.31 15.07 2.46
C TYR C 219 7.74 14.69 2.05
N LYS C 220 7.96 13.44 1.61
CA LYS C 220 9.29 13.01 1.23
C LYS C 220 9.82 13.85 0.07
N ARG C 221 8.96 14.16 -0.90
CA ARG C 221 9.33 14.97 -2.03
C ARG C 221 9.70 16.37 -1.54
N PHE C 222 8.95 16.88 -0.58
CA PHE C 222 9.17 18.23 -0.10
C PHE C 222 10.56 18.37 0.51
N ILE C 223 10.99 17.36 1.25
CA ILE C 223 12.31 17.36 1.85
C ILE C 223 13.38 17.40 0.78
N LYS C 224 13.23 16.62 -0.28
CA LYS C 224 14.20 16.60 -1.34
C LYS C 224 14.41 17.97 -1.93
N PHE C 225 13.34 18.73 -2.13
CA PHE C 225 13.43 20.00 -2.80
C PHE C 225 13.61 21.16 -1.82
N ALA C 226 13.73 20.90 -0.53
CA ALA C 226 13.88 21.98 0.43
C ALA C 226 15.27 22.56 0.40
N ARG C 227 15.36 23.87 0.53
CA ARG C 227 16.63 24.58 0.54
C ARG C 227 16.54 25.71 1.56
N VAL C 228 17.69 26.14 2.06
CA VAL C 228 17.78 27.28 2.92
C VAL C 228 18.35 28.46 2.15
N CYS C 229 17.62 29.57 2.19
CA CYS C 229 18.01 30.78 1.50
C CYS C 229 17.88 31.97 2.45
N GLU C 230 18.58 33.06 2.15
CA GLU C 230 18.47 34.26 2.92
C GLU C 230 17.18 34.94 2.50
N VAL C 231 16.36 35.26 3.48
CA VAL C 231 15.17 36.04 3.25
C VAL C 231 15.19 37.13 4.32
N ASP C 232 15.22 38.39 3.90
CA ASP C 232 15.13 39.52 4.85
C ASP C 232 16.12 39.33 6.00
N ASN C 233 17.36 39.02 5.67
CA ASN C 233 18.41 38.87 6.70
C ASN C 233 18.03 37.81 7.73
N GLU C 234 17.31 36.82 7.25
CA GLU C 234 17.02 35.62 8.01
C GLU C 234 17.31 34.47 7.06
N LEU C 235 17.77 33.35 7.61
CA LEU C 235 17.91 32.13 6.81
C LEU C 235 16.67 31.28 7.03
N ARG C 236 15.93 30.99 5.96
CA ARG C 236 14.66 30.28 6.06
C ARG C 236 14.65 29.11 5.13
N ILE C 237 13.85 28.11 5.47
CA ILE C 237 13.63 27.01 4.56
C ILE C 237 12.77 27.49 3.42
N CYS C 238 13.18 27.14 2.22
CA CYS C 238 12.54 27.58 1.02
C CYS C 238 12.14 26.38 0.18
N ALA C 239 10.96 26.46 -0.41
CA ALA C 239 10.47 25.41 -1.27
C ALA C 239 10.83 25.74 -2.71
N ARG C 240 11.00 24.72 -3.51
CA ARG C 240 11.22 24.91 -4.90
C ARG C 240 9.93 25.41 -5.57
N ASP C 241 10.06 26.32 -6.53
CA ASP C 241 8.90 26.98 -7.16
C ASP C 241 7.86 26.01 -7.71
N LYS C 242 8.33 24.96 -8.36
CA LYS C 242 7.50 23.86 -8.87
C LYS C 242 6.56 23.31 -7.84
N GLU C 243 7.03 23.21 -6.60
CA GLU C 243 6.32 22.52 -5.55
C GLU C 243 5.14 23.31 -4.99
N VAL C 244 4.94 24.52 -5.47
CA VAL C 244 3.88 25.36 -4.96
C VAL C 244 2.50 24.72 -5.04
N GLY C 245 2.22 24.03 -6.13
CA GLY C 245 0.97 23.34 -6.25
C GLY C 245 0.81 22.28 -5.18
N ASN C 246 1.90 21.56 -4.89
CA ASN C 246 1.89 20.52 -3.90
C ASN C 246 1.65 21.06 -2.51
N LEU C 247 2.14 22.26 -2.25
CA LEU C 247 1.88 22.92 -0.97
C LEU C 247 0.41 23.21 -0.78
N TYR C 248 -0.23 23.71 -1.82
CA TYR C 248 -1.66 23.95 -1.79
C TYR C 248 -2.41 22.65 -1.59
N ASP C 249 -1.93 21.60 -2.25
CA ASP C 249 -2.49 20.29 -2.08
C ASP C 249 -2.40 19.81 -0.65
N MET C 250 -1.31 20.12 0.03
CA MET C 250 -1.14 19.78 1.43
C MET C 250 -2.26 20.34 2.29
N PHE C 251 -2.58 21.61 2.05
CA PHE C 251 -3.66 22.26 2.76
C PHE C 251 -5.03 21.71 2.38
N HIS C 252 -5.19 21.36 1.11
CA HIS C 252 -6.41 20.72 0.67
C HIS C 252 -6.60 19.41 1.40
N THR C 253 -5.52 18.65 1.50
CA THR C 253 -5.54 17.37 2.16
C THR C 253 -5.93 17.55 3.60
N ARG C 254 -5.37 18.57 4.24
CA ARG C 254 -5.66 18.87 5.63
C ARG C 254 -7.15 19.15 5.78
N ASN C 255 -7.71 19.90 4.85
CA ASN C 255 -9.13 20.23 4.94
C ASN C 255 -10.01 19.03 4.70
N SER C 256 -9.60 18.14 3.78
CA SER C 256 -10.34 16.90 3.56
C SER C 256 -10.43 16.11 4.85
N LEU C 257 -9.29 15.92 5.49
CA LEU C 257 -9.22 15.19 6.72
C LEU C 257 -10.09 15.80 7.80
N HIS C 258 -10.03 17.12 7.92
CA HIS C 258 -10.77 17.78 8.95
C HIS C 258 -12.27 17.62 8.73
N ARG C 259 -12.71 17.82 7.51
CA ARG C 259 -14.12 17.68 7.17
C ARG C 259 -14.55 16.22 7.34
N ARG C 260 -13.78 15.31 6.78
CA ARG C 260 -14.15 13.90 6.79
C ARG C 260 -14.00 13.20 8.14
N ALA C 261 -13.01 13.58 8.95
CA ALA C 261 -12.67 12.79 10.12
C ALA C 261 -12.56 13.61 11.40
N TYR C 262 -11.72 14.63 11.41
CA TYR C 262 -11.47 15.36 12.66
C TYR C 262 -12.73 16.05 13.12
N GLN C 263 -13.51 16.50 12.17
CA GLN C 263 -14.74 17.20 12.46
C GLN C 263 -15.94 16.37 12.05
N HIS C 264 -15.78 15.04 12.00
CA HIS C 264 -16.89 14.17 11.65
C HIS C 264 -18.04 14.43 12.60
N LYS C 265 -19.25 14.50 12.05
CA LYS C 265 -20.42 14.95 12.83
C LYS C 265 -20.73 14.03 14.02
N VAL C 266 -20.68 12.73 13.81
CA VAL C 266 -20.91 11.78 14.89
C VAL C 266 -19.73 11.73 15.83
N GLY C 267 -18.51 11.83 15.29
CA GLY C 267 -17.32 11.80 16.13
C GLY C 267 -17.29 12.99 17.07
N ASN C 268 -17.69 14.15 16.57
CA ASN C 268 -17.78 15.32 17.40
C ASN C 268 -18.81 15.17 18.50
N ILE C 269 -19.94 14.54 18.19
CA ILE C 269 -20.99 14.40 19.18
C ILE C 269 -20.53 13.50 20.32
N ILE C 270 -19.79 12.46 19.99
CA ILE C 270 -19.24 11.58 21.00
C ILE C 270 -18.24 12.34 21.87
N ASP C 271 -17.45 13.19 21.26
CA ASP C 271 -16.51 14.02 22.01
C ASP C 271 -17.27 14.92 22.95
N THR C 272 -18.38 15.46 22.46
CA THR C 272 -19.26 16.28 23.27
C THR C 272 -19.82 15.51 24.46
N MET C 273 -20.26 14.29 24.21
CA MET C 273 -20.83 13.47 25.27
C MET C 273 -19.76 13.13 26.29
N ILE C 274 -18.57 12.86 25.82
CA ILE C 274 -17.48 12.49 26.72
C ILE C 274 -17.15 13.67 27.60
N THR C 275 -17.13 14.85 26.99
CA THR C 275 -16.90 16.07 27.74
C THR C 275 -17.99 16.27 28.82
N ASP C 276 -19.23 16.02 28.45
CA ASP C 276 -20.36 16.13 29.39
C ASP C 276 -20.14 15.25 30.58
N ALA C 277 -19.74 14.01 30.34
CA ALA C 277 -19.45 13.10 31.43
C ALA C 277 -18.30 13.63 32.30
N PHE C 278 -17.27 14.19 31.68
CA PHE C 278 -16.13 14.69 32.43
C PHE C 278 -16.54 15.80 33.36
N LEU C 279 -17.37 16.69 32.84
CA LEU C 279 -17.86 17.81 33.64
C LEU C 279 -18.66 17.29 34.85
N LYS C 280 -19.51 16.30 34.62
CA LYS C 280 -20.31 15.71 35.68
C LYS C 280 -19.44 15.01 36.71
N ALA C 281 -18.34 14.41 36.27
CA ALA C 281 -17.46 13.71 37.18
C ALA C 281 -16.41 14.59 37.83
N ASP C 282 -16.25 15.83 37.37
CA ASP C 282 -15.06 16.59 37.68
C ASP C 282 -14.84 16.83 39.14
N ASP C 283 -15.91 17.16 39.87
CA ASP C 283 -15.78 17.43 41.31
C ASP C 283 -15.44 16.19 42.09
N TYR C 284 -16.00 15.06 41.68
CA TYR C 284 -15.85 13.81 42.42
C TYR C 284 -14.54 13.09 42.16
N ILE C 285 -13.98 13.20 40.97
CA ILE C 285 -12.69 12.52 40.69
C ILE C 285 -11.55 13.23 41.41
N GLU C 286 -10.62 12.45 41.96
CA GLU C 286 -9.44 12.99 42.61
C GLU C 286 -8.17 12.38 42.04
N ILE C 287 -7.24 13.23 41.64
CA ILE C 287 -5.98 12.77 41.13
C ILE C 287 -4.84 13.29 42.01
N THR C 288 -3.99 12.38 42.46
CA THR C 288 -2.91 12.73 43.38
C THR C 288 -1.68 13.36 42.72
N GLY C 289 -1.35 14.54 43.19
CA GLY C 289 -0.26 15.29 42.64
C GLY C 289 0.94 15.26 43.56
N ALA C 290 1.94 16.06 43.21
CA ALA C 290 3.18 16.08 43.96
C ALA C 290 2.87 16.53 45.38
N GLY C 291 3.51 15.86 46.35
CA GLY C 291 3.28 16.14 47.75
C GLY C 291 1.99 15.55 48.29
N GLY C 292 1.31 14.73 47.49
CA GLY C 292 0.05 14.15 47.90
C GLY C 292 -1.14 15.09 47.77
N LYS C 293 -0.93 16.27 47.18
CA LYS C 293 -2.03 17.15 46.86
C LYS C 293 -3.02 16.49 45.90
N LYS C 294 -4.30 16.85 46.01
CA LYS C 294 -5.36 16.23 45.24
C LYS C 294 -5.93 17.21 44.24
N TYR C 295 -6.12 16.76 43.00
CA TYR C 295 -6.59 17.62 41.92
C TYR C 295 -7.81 17.02 41.24
N ARG C 296 -8.62 17.90 40.67
CA ARG C 296 -9.71 17.53 39.78
C ARG C 296 -9.14 17.27 38.38
N ILE C 297 -9.97 16.71 37.51
CA ILE C 297 -9.60 16.50 36.11
C ILE C 297 -9.24 17.84 35.54
N SER C 298 -10.04 18.85 35.87
CA SER C 298 -9.83 20.19 35.38
C SER C 298 -8.57 20.87 35.94
N THR C 299 -8.19 20.57 37.17
CA THR C 299 -7.04 21.24 37.77
C THR C 299 -5.75 20.45 37.67
N ALA C 300 -5.82 19.27 37.04
CA ALA C 300 -4.63 18.42 36.93
C ALA C 300 -3.57 19.08 36.08
N ILE C 301 -4.01 19.93 35.17
CA ILE C 301 -3.08 20.70 34.35
C ILE C 301 -2.16 21.63 35.14
N ASP C 302 -2.57 22.00 36.34
CA ASP C 302 -1.72 22.82 37.20
C ASP C 302 -0.53 22.06 37.78
N ASP C 303 -0.64 20.75 38.00
CA ASP C 303 0.48 19.96 38.54
C ASP C 303 0.86 18.88 37.54
N MET C 304 2.11 18.87 37.08
CA MET C 304 2.55 17.87 36.09
C MET C 304 2.58 16.47 36.62
N GLU C 305 2.87 16.29 37.90
CA GLU C 305 2.83 14.96 38.51
C GLU C 305 1.43 14.37 38.45
N ALA C 306 0.42 15.20 38.71
CA ALA C 306 -0.97 14.78 38.57
C ALA C 306 -1.27 14.51 37.10
N TYR C 307 -0.77 15.37 36.23
CA TYR C 307 -1.11 15.32 34.83
C TYR C 307 -0.53 14.07 34.17
N THR C 308 0.60 13.58 34.66
CA THR C 308 1.22 12.37 34.15
C THR C 308 0.27 11.21 34.19
N LYS C 309 -0.55 11.16 35.23
CA LYS C 309 -1.50 10.07 35.43
C LYS C 309 -2.85 10.31 34.77
N LEU C 310 -3.03 11.45 34.10
CA LEU C 310 -4.32 11.74 33.49
C LEU C 310 -4.33 11.40 32.01
N THR C 311 -5.15 10.43 31.64
CA THR C 311 -5.14 9.87 30.27
C THR C 311 -6.51 9.39 29.90
N ASP C 312 -6.62 8.70 28.76
CA ASP C 312 -7.91 8.18 28.28
C ASP C 312 -8.51 7.22 29.26
N ASN C 313 -7.67 6.67 30.12
CA ASN C 313 -8.11 5.77 31.15
C ASN C 313 -9.24 6.30 32.01
N ILE C 314 -9.31 7.62 32.16
CA ILE C 314 -10.33 8.24 33.00
C ILE C 314 -11.70 7.82 32.52
N PHE C 315 -11.83 7.68 31.22
CA PHE C 315 -13.09 7.28 30.63
C PHE C 315 -13.55 5.95 31.19
N LEU C 316 -12.64 4.98 31.25
CA LEU C 316 -12.98 3.68 31.80
C LEU C 316 -13.16 3.72 33.32
N GLU C 317 -12.40 4.57 33.97
CA GLU C 317 -12.50 4.73 35.42
C GLU C 317 -13.92 5.17 35.76
N ILE C 318 -14.45 6.13 35.01
CA ILE C 318 -15.79 6.62 35.23
C ILE C 318 -16.80 5.55 34.90
N LEU C 319 -16.58 4.86 33.80
CA LEU C 319 -17.52 3.85 33.32
C LEU C 319 -17.69 2.67 34.28
N TYR C 320 -16.59 2.24 34.89
CA TYR C 320 -16.64 1.11 35.81
C TYR C 320 -16.93 1.55 37.25
N SER C 321 -17.09 2.86 37.49
CA SER C 321 -17.27 3.34 38.85
C SER C 321 -18.60 2.87 39.44
N THR C 322 -18.58 2.51 40.71
CA THR C 322 -19.80 2.18 41.42
C THR C 322 -20.32 3.35 42.23
N ASP C 323 -19.53 4.40 42.40
CA ASP C 323 -19.91 5.52 43.26
C ASP C 323 -21.23 6.12 42.77
N PRO C 324 -22.22 6.30 43.68
CA PRO C 324 -23.44 7.01 43.29
C PRO C 324 -23.20 8.44 42.84
N LYS C 325 -22.18 9.08 43.38
CA LYS C 325 -21.86 10.44 42.97
C LYS C 325 -21.53 10.53 41.47
N LEU C 326 -20.91 9.49 40.94
CA LEU C 326 -20.52 9.44 39.52
C LEU C 326 -21.59 8.87 38.59
N LYS C 327 -22.76 8.61 39.13
CA LYS C 327 -23.78 7.90 38.39
C LYS C 327 -24.19 8.65 37.13
N ASP C 328 -24.35 9.97 37.22
CA ASP C 328 -24.79 10.74 36.05
C ASP C 328 -23.74 10.69 34.95
N ALA C 329 -22.48 10.82 35.32
CA ALA C 329 -21.39 10.74 34.35
C ALA C 329 -21.33 9.34 33.74
N ARG C 330 -21.52 8.33 34.59
CA ARG C 330 -21.45 6.96 34.17
C ARG C 330 -22.51 6.67 33.13
N GLU C 331 -23.71 7.19 33.33
CA GLU C 331 -24.83 6.94 32.43
C GLU C 331 -24.55 7.43 31.02
N ILE C 332 -23.92 8.58 30.91
CA ILE C 332 -23.65 9.15 29.62
C ILE C 332 -22.70 8.26 28.84
N LEU C 333 -21.66 7.77 29.51
CA LEU C 333 -20.70 6.86 28.86
C LEU C 333 -21.39 5.56 28.49
N LYS C 334 -22.29 5.09 29.35
CA LYS C 334 -23.06 3.90 29.02
C LYS C 334 -23.90 4.09 27.77
N GLN C 335 -24.47 5.28 27.62
CA GLN C 335 -25.28 5.57 26.44
C GLN C 335 -24.43 5.54 25.20
N ILE C 336 -23.17 5.94 25.32
CA ILE C 336 -22.24 5.82 24.20
C ILE C 336 -22.03 4.37 23.81
N GLU C 337 -21.83 3.50 24.78
CA GLU C 337 -21.65 2.09 24.51
C GLU C 337 -22.84 1.48 23.78
N TYR C 338 -24.05 1.83 24.21
CA TYR C 338 -25.28 1.34 23.59
C TYR C 338 -25.56 2.02 22.26
N ARG C 339 -24.82 3.09 21.97
CA ARG C 339 -25.01 3.85 20.73
C ARG C 339 -26.29 4.65 20.77
N ASN C 340 -26.75 5.02 21.95
CA ASN C 340 -27.87 5.99 22.04
C ASN C 340 -27.20 7.33 22.13
N LEU C 341 -27.03 8.04 21.02
CA LEU C 341 -26.24 9.28 20.99
C LEU C 341 -27.16 10.42 20.74
N PHE C 342 -26.70 11.62 21.04
CA PHE C 342 -27.46 12.78 20.68
C PHE C 342 -27.58 12.75 19.17
N LYS C 343 -28.70 13.24 18.65
CA LYS C 343 -28.99 13.08 17.24
C LYS C 343 -28.62 14.32 16.44
N TYR C 344 -28.02 14.07 15.29
CA TYR C 344 -27.61 15.15 14.42
C TYR C 344 -28.82 15.62 13.61
N VAL C 345 -29.06 16.91 13.60
CA VAL C 345 -30.19 17.49 12.88
C VAL C 345 -29.82 18.05 11.51
N GLY C 346 -28.75 18.83 11.46
CA GLY C 346 -28.39 19.52 10.25
C GLY C 346 -27.08 20.29 10.36
N GLU C 347 -26.60 20.73 9.20
CA GLU C 347 -25.44 21.61 9.10
C GLU C 347 -25.84 22.80 8.25
N THR C 348 -25.33 23.97 8.59
CA THR C 348 -25.59 25.19 7.83
C THR C 348 -24.37 26.11 7.87
N GLN C 349 -24.38 27.15 7.03
CA GLN C 349 -23.27 28.12 6.98
C GLN C 349 -23.76 29.55 7.05
N PRO C 350 -23.00 30.42 7.72
CA PRO C 350 -23.37 31.84 7.66
C PRO C 350 -23.10 32.44 6.29
N THR C 351 -23.81 33.50 5.95
CA THR C 351 -23.70 34.10 4.62
C THR C 351 -23.12 35.51 4.69
N GLY C 352 -22.53 35.96 3.58
CA GLY C 352 -22.07 37.33 3.45
C GLY C 352 -20.97 37.72 4.40
N GLN C 353 -21.16 38.84 5.07
CA GLN C 353 -20.16 39.35 6.01
C GLN C 353 -20.11 38.45 7.25
N ILE C 354 -21.25 37.86 7.58
CA ILE C 354 -21.51 37.38 8.95
C ILE C 354 -20.55 36.29 9.41
N LYS C 355 -20.09 36.45 10.65
CA LYS C 355 -19.25 35.47 11.32
C LYS C 355 -19.73 35.34 12.74
N ILE C 356 -19.48 34.21 13.38
CA ILE C 356 -19.98 33.97 14.71
C ILE C 356 -18.87 33.98 15.74
N LYS C 357 -19.01 34.89 16.71
CA LYS C 357 -18.05 35.09 17.78
C LYS C 357 -18.22 34.03 18.88
N ARG C 358 -17.14 33.75 19.60
CA ARG C 358 -17.15 32.78 20.69
C ARG C 358 -18.17 33.07 21.76
N GLU C 359 -18.27 34.34 22.13
CA GLU C 359 -19.21 34.78 23.17
C GLU C 359 -20.64 34.40 22.83
N ASP C 360 -20.95 34.43 21.54
CA ASP C 360 -22.30 34.12 21.09
C ASP C 360 -22.68 32.64 21.18
N TYR C 361 -21.69 31.76 21.34
CA TYR C 361 -21.92 30.33 21.29
C TYR C 361 -22.95 29.90 22.32
N GLU C 362 -22.88 30.46 23.52
CA GLU C 362 -23.80 30.09 24.58
C GLU C 362 -25.25 30.39 24.17
N SER C 363 -25.44 31.52 23.50
CA SER C 363 -26.73 31.99 23.06
C SER C 363 -27.43 31.12 22.02
N LEU C 364 -26.66 30.44 21.18
CA LEU C 364 -27.19 29.79 19.98
C LEU C 364 -28.25 28.70 20.20
N PRO C 365 -28.05 27.81 21.20
CA PRO C 365 -29.16 26.89 21.42
C PRO C 365 -30.51 27.59 21.75
N LYS C 366 -30.46 28.67 22.53
CA LYS C 366 -31.69 29.40 22.85
C LYS C 366 -32.31 29.98 21.58
N GLU C 367 -31.46 30.46 20.68
CA GLU C 367 -31.91 31.04 19.42
C GLU C 367 -32.71 30.06 18.59
N VAL C 368 -32.25 28.82 18.52
CA VAL C 368 -32.91 27.82 17.72
C VAL C 368 -34.28 27.48 18.31
N ALA C 369 -34.35 27.35 19.64
CA ALA C 369 -35.63 27.07 20.31
C ALA C 369 -36.63 28.20 20.10
N SER C 370 -36.09 29.41 20.03
CA SER C 370 -36.91 30.60 19.85
C SER C 370 -37.59 30.69 18.51
N ALA C 371 -36.99 30.13 17.47
CA ALA C 371 -37.62 30.14 16.16
C ALA C 371 -39.00 29.51 16.23
N LYS C 372 -39.95 30.09 15.54
CA LYS C 372 -41.29 29.52 15.46
C LYS C 372 -41.58 29.05 14.04
N PRO C 373 -41.47 27.73 13.78
CA PRO C 373 -41.55 27.35 12.35
C PRO C 373 -42.68 27.70 11.48
N LYS C 374 -43.88 27.61 12.01
CA LYS C 374 -45.11 27.80 11.24
C LYS C 374 -45.59 26.47 10.70
N VAL C 375 -45.10 25.39 11.29
CA VAL C 375 -45.65 24.05 11.02
C VAL C 375 -46.26 23.42 12.25
N LEU C 376 -47.23 22.55 12.05
CA LEU C 376 -47.91 22.01 13.20
C LEU C 376 -46.93 21.07 13.91
N LEU C 377 -46.76 21.25 15.21
CA LEU C 377 -45.85 20.42 16.00
C LEU C 377 -46.52 19.67 17.15
N ASP C 378 -46.28 18.35 17.21
CA ASP C 378 -46.76 17.52 18.30
C ASP C 378 -46.10 17.90 19.62
N VAL C 379 -44.83 18.23 19.57
CA VAL C 379 -44.06 18.48 20.77
C VAL C 379 -43.19 19.71 20.65
N LYS C 380 -42.92 20.31 21.79
CA LYS C 380 -42.19 21.55 21.86
C LYS C 380 -40.83 21.29 22.48
N LEU C 381 -39.79 21.84 21.86
CA LEU C 381 -38.44 21.73 22.38
C LEU C 381 -37.91 22.96 23.12
N LYS C 382 -36.85 22.74 23.89
CA LYS C 382 -36.28 23.76 24.75
C LYS C 382 -34.82 23.97 24.37
N ALA C 383 -34.31 25.13 24.76
CA ALA C 383 -32.95 25.50 24.49
C ALA C 383 -31.98 24.43 24.99
N GLU C 384 -32.26 23.91 26.16
CA GLU C 384 -31.45 22.86 26.79
C GLU C 384 -31.37 21.62 25.91
N ASP C 385 -32.45 21.38 25.16
CA ASP C 385 -32.54 20.21 24.31
C ASP C 385 -31.51 20.24 23.17
N PHE C 386 -31.22 21.42 22.66
CA PHE C 386 -30.33 21.55 21.51
C PHE C 386 -28.86 21.66 21.88
N ILE C 387 -28.02 21.21 20.96
CA ILE C 387 -26.58 21.45 20.98
C ILE C 387 -26.18 22.08 19.66
N VAL C 388 -25.43 23.17 19.73
CA VAL C 388 -24.95 23.82 18.53
C VAL C 388 -23.44 23.89 18.57
N ASP C 389 -22.82 23.38 17.51
CA ASP C 389 -21.38 23.26 17.44
C ASP C 389 -20.92 24.09 16.29
N VAL C 390 -20.00 25.01 16.56
CA VAL C 390 -19.48 25.90 15.55
C VAL C 390 -18.05 25.49 15.26
N ILE C 391 -17.75 25.26 13.99
CA ILE C 391 -16.44 24.78 13.58
C ILE C 391 -15.83 25.77 12.60
N ASN C 392 -14.60 26.16 12.87
CA ASN C 392 -13.91 27.08 12.00
C ASN C 392 -12.93 26.36 11.12
N MET C 393 -13.18 26.39 9.82
CA MET C 393 -12.33 25.70 8.85
C MET C 393 -11.51 26.70 8.06
N ASP C 394 -10.20 26.48 8.06
CA ASP C 394 -9.25 27.42 7.48
C ASP C 394 -7.93 26.74 7.09
N TYR C 395 -7.06 27.52 6.46
CA TYR C 395 -5.74 27.05 6.09
C TYR C 395 -4.71 27.24 7.18
N GLY C 396 -5.20 27.35 8.43
CA GLY C 396 -4.34 27.38 9.60
C GLY C 396 -3.84 28.78 9.94
N MET C 397 -4.19 29.75 9.10
CA MET C 397 -3.78 31.13 9.26
C MET C 397 -5.04 31.98 9.37
N GLN C 398 -6.13 31.33 9.77
CA GLN C 398 -7.41 32.02 9.84
C GLN C 398 -7.77 32.44 8.42
N GLU C 399 -8.16 33.70 8.22
CA GLU C 399 -8.44 34.22 6.89
C GLU C 399 -7.22 34.17 5.96
N LYS C 400 -6.01 34.20 6.50
CA LYS C 400 -4.82 34.42 5.71
C LYS C 400 -4.49 33.21 4.85
N ASN C 401 -3.92 33.49 3.67
CA ASN C 401 -3.34 32.47 2.80
C ASN C 401 -1.93 32.09 3.22
N PRO C 402 -1.71 30.81 3.60
CA PRO C 402 -0.36 30.48 4.09
C PRO C 402 0.74 30.61 3.04
N ILE C 403 0.42 30.38 1.78
CA ILE C 403 1.43 30.34 0.73
C ILE C 403 2.03 31.72 0.48
N ASP C 404 1.28 32.75 0.82
CA ASP C 404 1.82 34.10 0.80
C ASP C 404 2.95 34.23 1.79
N HIS C 405 2.95 33.40 2.81
CA HIS C 405 4.02 33.37 3.77
C HIS C 405 5.03 32.22 3.56
N VAL C 406 5.10 31.68 2.34
CA VAL C 406 6.15 30.74 1.96
C VAL C 406 7.17 31.35 1.01
N SER C 407 8.42 30.91 1.12
CA SER C 407 9.52 31.38 0.27
C SER C 407 9.95 30.31 -0.71
N PHE C 408 10.17 30.72 -1.95
CA PHE C 408 10.52 29.77 -3.01
C PHE C 408 11.86 30.09 -3.63
N TYR C 409 12.45 29.09 -4.26
CA TYR C 409 13.60 29.31 -5.10
C TYR C 409 13.42 28.61 -6.43
N CYS C 410 14.22 29.03 -7.40
CA CYS C 410 14.12 28.57 -8.76
C CYS C 410 15.36 27.78 -9.13
N LYS C 411 15.19 26.91 -10.11
CA LYS C 411 16.26 26.06 -10.57
C LYS C 411 17.42 26.91 -11.09
N THR C 412 17.09 28.01 -11.74
CA THR C 412 18.10 28.88 -12.33
C THR C 412 18.97 29.61 -11.32
N ALA C 413 18.44 29.97 -10.16
CA ALA C 413 19.21 30.62 -9.12
C ALA C 413 18.79 30.09 -7.76
N PRO C 414 19.33 28.94 -7.37
CA PRO C 414 18.89 28.29 -6.13
C PRO C 414 19.03 29.18 -4.90
N ASN C 415 20.02 30.07 -4.87
CA ASN C 415 20.23 30.89 -3.68
C ASN C 415 19.27 32.06 -3.50
N ARG C 416 18.60 32.47 -4.56
CA ARG C 416 17.77 33.65 -4.50
C ARG C 416 16.32 33.26 -4.20
N ALA C 417 15.83 33.68 -3.03
CA ALA C 417 14.45 33.45 -2.60
C ALA C 417 13.50 34.36 -3.36
N ILE C 418 12.29 33.87 -3.60
CA ILE C 418 11.26 34.62 -4.31
C ILE C 418 9.91 34.35 -3.67
N ARG C 419 8.94 35.17 -4.05
CA ARG C 419 7.60 35.11 -3.49
C ARG C 419 6.68 34.77 -4.63
N ILE C 420 5.69 33.93 -4.36
CA ILE C 420 4.72 33.59 -5.36
C ILE C 420 3.33 33.91 -4.84
N THR C 421 2.63 34.78 -5.57
CA THR C 421 1.24 35.16 -5.26
C THR C 421 0.26 34.10 -5.77
N LYS C 422 -0.95 34.18 -5.26
CA LYS C 422 -2.00 33.23 -5.60
C LYS C 422 -2.33 33.24 -7.10
N ASN C 423 -2.35 34.43 -7.68
CA ASN C 423 -2.67 34.60 -9.10
C ASN C 423 -1.70 33.83 -9.97
N GLN C 424 -0.46 33.77 -9.51
CA GLN C 424 0.57 33.09 -10.26
C GLN C 424 0.36 31.58 -10.28
N VAL C 425 -0.23 31.05 -9.23
CA VAL C 425 -0.52 29.63 -9.19
C VAL C 425 -1.81 29.29 -9.92
N SER C 426 -2.89 29.96 -9.57
CA SER C 426 -4.19 29.62 -10.17
C SER C 426 -5.26 30.67 -9.95
N GLN C 427 -6.13 30.77 -10.93
CA GLN C 427 -7.27 31.64 -10.86
C GLN C 427 -8.35 30.97 -10.05
N LEU C 428 -8.34 29.65 -10.04
CA LEU C 428 -9.41 28.88 -9.40
C LEU C 428 -9.37 28.95 -7.87
N LEU C 429 -8.20 29.23 -7.30
CA LEU C 429 -8.01 29.20 -5.85
C LEU C 429 -8.90 30.23 -5.10
N PRO C 430 -9.31 29.89 -3.86
CA PRO C 430 -10.27 30.77 -3.18
C PRO C 430 -9.76 32.16 -2.80
N GLU C 431 -10.68 33.13 -2.83
CA GLU C 431 -10.40 34.50 -2.44
C GLU C 431 -10.20 34.60 -0.91
N LYS C 432 -10.97 33.82 -0.14
CA LYS C 432 -10.81 33.75 1.33
C LYS C 432 -10.52 32.30 1.70
N PHE C 433 -9.70 32.09 2.71
CA PHE C 433 -9.24 30.75 3.07
C PHE C 433 -9.82 30.20 4.36
N ALA C 434 -10.85 30.84 4.88
CA ALA C 434 -11.53 30.39 6.11
C ALA C 434 -13.05 30.42 5.96
N GLU C 435 -13.71 29.40 6.51
CA GLU C 435 -15.18 29.40 6.59
C GLU C 435 -15.68 28.71 7.86
N GLN C 436 -16.95 28.96 8.18
CA GLN C 436 -17.55 28.40 9.37
C GLN C 436 -18.69 27.42 9.07
N LEU C 437 -18.73 26.35 9.83
CA LEU C 437 -19.79 25.36 9.74
C LEU C 437 -20.57 25.35 11.04
N ILE C 438 -21.89 25.29 10.94
CA ILE C 438 -22.71 25.16 12.11
C ILE C 438 -23.46 23.82 12.09
N ARG C 439 -23.26 23.02 13.15
CA ARG C 439 -23.94 21.74 13.28
C ARG C 439 -24.88 21.78 14.47
N VAL C 440 -26.10 21.26 14.26
CA VAL C 440 -27.11 21.24 15.28
C VAL C 440 -27.47 19.80 15.63
N TYR C 441 -27.50 19.52 16.92
CA TYR C 441 -27.89 18.22 17.42
C TYR C 441 -29.02 18.35 18.42
N CYS C 442 -29.86 17.33 18.54
CA CYS C 442 -30.95 17.31 19.50
C CYS C 442 -30.67 16.26 20.56
N LYS C 443 -30.78 16.66 21.82
CA LYS C 443 -30.58 15.73 22.93
C LYS C 443 -31.69 14.72 23.04
N LYS C 444 -32.92 15.09 22.69
CA LYS C 444 -34.03 14.12 22.74
C LYS C 444 -34.07 13.36 21.42
N VAL C 445 -34.03 12.04 21.51
CA VAL C 445 -33.83 11.21 20.33
C VAL C 445 -35.08 10.60 19.73
N ASP C 446 -36.25 10.78 20.36
CA ASP C 446 -37.47 10.16 19.83
C ASP C 446 -37.85 10.73 18.46
N ARG C 447 -38.58 9.93 17.69
CA ARG C 447 -38.96 10.27 16.33
C ARG C 447 -39.73 11.58 16.29
N LYS C 448 -40.65 11.75 17.23
CA LYS C 448 -41.45 12.97 17.28
C LYS C 448 -40.58 14.20 17.58
N SER C 449 -39.63 14.06 18.50
CA SER C 449 -38.73 15.18 18.83
C SER C 449 -37.83 15.54 17.66
N LEU C 450 -37.33 14.51 16.97
CA LEU C 450 -36.40 14.71 15.86
C LEU C 450 -37.05 15.49 14.72
N TYR C 451 -38.29 15.15 14.41
CA TYR C 451 -39.05 15.87 13.40
C TYR C 451 -39.20 17.34 13.77
N ALA C 452 -39.51 17.59 15.06
CA ALA C 452 -39.65 18.95 15.58
C ALA C 452 -38.36 19.72 15.46
N ALA C 453 -37.25 19.09 15.81
CA ALA C 453 -35.95 19.74 15.79
C ALA C 453 -35.57 20.21 14.40
N ARG C 454 -35.95 19.43 13.40
CA ARG C 454 -35.65 19.79 12.02
C ARG C 454 -36.38 21.04 11.60
N GLN C 455 -37.60 21.15 12.06
CA GLN C 455 -38.41 22.33 11.75
C GLN C 455 -37.83 23.56 12.41
N TYR C 456 -37.45 23.41 13.68
CA TYR C 456 -36.81 24.50 14.40
C TYR C 456 -35.55 24.94 13.70
N PHE C 457 -34.76 23.96 13.32
CA PHE C 457 -33.48 24.22 12.68
C PHE C 457 -33.60 24.93 11.33
N VAL C 458 -34.46 24.44 10.45
CA VAL C 458 -34.57 25.02 9.12
C VAL C 458 -35.17 26.41 9.20
N GLN C 459 -36.13 26.60 10.10
CA GLN C 459 -36.72 27.93 10.30
C GLN C 459 -35.66 28.89 10.79
N TRP C 460 -34.84 28.42 11.72
CA TRP C 460 -33.76 29.22 12.27
C TRP C 460 -32.78 29.62 11.17
N CYS C 461 -32.46 28.71 10.28
CA CYS C 461 -31.58 29.00 9.17
C CYS C 461 -32.18 30.09 8.30
N ALA C 462 -33.47 29.98 8.04
CA ALA C 462 -34.21 30.97 7.24
C ALA C 462 -34.22 32.31 7.93
N ASP C 463 -34.49 32.30 9.24
CA ASP C 463 -34.56 33.54 10.02
C ASP C 463 -33.22 34.24 9.98
N ARG C 464 -32.14 33.47 10.13
CA ARG C 464 -30.82 34.05 10.22
C ARG C 464 -30.19 34.29 8.89
N ASN C 465 -30.90 33.93 7.83
CA ASN C 465 -30.39 34.05 6.47
C ASN C 465 -29.11 33.21 6.27
N PHE C 466 -29.07 32.07 6.93
CA PHE C 466 -28.00 31.12 6.73
C PHE C 466 -28.24 30.35 5.46
N THR C 467 -27.21 29.63 5.01
CA THR C 467 -27.36 28.80 3.80
C THR C 467 -28.37 27.70 4.06
N LYS C 468 -29.15 27.38 3.04
CA LYS C 468 -30.13 26.32 3.10
C LYS C 468 -29.47 24.95 3.38
N PRO C 469 -29.97 24.18 4.37
CA PRO C 469 -29.41 22.84 4.51
C PRO C 469 -29.62 21.99 3.25
N GLN C 470 -28.68 21.09 3.01
CA GLN C 470 -28.68 20.30 1.78
C GLN C 470 -29.90 19.44 1.69
N ASP C 471 -30.30 18.87 2.82
CA ASP C 471 -31.46 17.98 2.85
C ASP C 471 -32.76 18.70 3.24
N GLY C 472 -32.71 20.02 3.22
CA GLY C 472 -33.77 20.82 3.76
C GLY C 472 -35.09 20.52 3.13
N ASP C 473 -35.09 20.31 1.81
CA ASP C 473 -36.34 20.05 1.07
C ASP C 473 -37.02 18.84 1.65
N VAL C 474 -36.23 17.81 1.93
CA VAL C 474 -36.75 16.57 2.47
C VAL C 474 -37.14 16.68 3.95
N ILE C 475 -36.29 17.29 4.77
CA ILE C 475 -36.57 17.34 6.23
C ILE C 475 -37.63 18.37 6.63
N ALA C 476 -37.67 19.49 5.93
CA ALA C 476 -38.62 20.54 6.24
C ALA C 476 -39.28 21.03 4.95
N PRO C 477 -40.10 20.18 4.30
CA PRO C 477 -40.72 20.66 3.04
C PRO C 477 -41.60 21.87 3.23
N LEU C 478 -42.30 21.96 4.35
CA LEU C 478 -43.17 23.13 4.57
C LEU C 478 -42.39 24.42 4.80
N ILE C 479 -41.26 24.33 5.51
CA ILE C 479 -40.48 25.53 5.88
C ILE C 479 -39.74 26.13 4.70
N VAL C 480 -39.21 25.29 3.83
CA VAL C 480 -38.31 25.77 2.77
C VAL C 480 -38.99 26.72 1.76
N PRO C 481 -40.28 26.47 1.42
CA PRO C 481 -40.89 27.37 0.43
C PRO C 481 -40.96 28.83 0.86
N GLN C 482 -41.06 29.09 2.18
CA GLN C 482 -41.20 30.45 2.68
C GLN C 482 -40.03 31.37 2.25
N LYS C 483 -38.82 30.83 2.22
CA LYS C 483 -37.67 31.66 1.89
C LYS C 483 -37.45 31.72 0.38
N LYS C 484 -37.62 32.92 -0.19
CA LYS C 484 -37.45 33.10 -1.64
C LYS C 484 -36.06 32.76 -2.10
N GLU C 485 -35.10 33.18 -1.29
CA GLU C 485 -33.70 33.11 -1.66
C GLU C 485 -33.31 31.65 -1.90
N TRP C 486 -33.99 30.74 -1.20
CA TRP C 486 -33.81 29.31 -1.43
C TRP C 486 -34.57 28.72 -2.67
N ASN C 487 -34.74 29.50 -3.74
CA ASN C 487 -35.44 29.01 -4.92
C ASN C 487 -34.98 29.60 -6.26
N THR D 2 23.89 19.31 -11.43
CA THR D 2 23.49 18.73 -10.10
C THR D 2 22.74 17.42 -10.27
N MET D 3 22.21 16.91 -9.15
CA MET D 3 21.57 15.61 -9.13
C MET D 3 20.23 15.70 -9.84
N LYS D 4 19.88 14.71 -10.65
CA LYS D 4 18.49 14.58 -11.13
C LYS D 4 17.70 13.68 -10.23
N VAL D 5 16.44 14.01 -10.05
CA VAL D 5 15.54 13.20 -9.25
C VAL D 5 14.59 12.44 -10.15
N ILE D 6 14.50 11.13 -9.96
CA ILE D 6 13.50 10.34 -10.64
C ILE D 6 12.55 9.67 -9.66
N ASN D 7 11.26 9.79 -9.92
CA ASN D 7 10.27 9.17 -9.07
C ASN D 7 9.97 7.72 -9.44
N ASP D 8 10.13 6.83 -8.47
CA ASP D 8 9.97 5.42 -8.68
C ASP D 8 8.87 4.88 -7.76
N PRO D 9 7.94 4.09 -8.31
CA PRO D 9 6.85 3.67 -7.43
C PRO D 9 7.34 2.76 -6.31
N ILE D 10 8.37 1.97 -6.53
CA ILE D 10 8.93 1.15 -5.45
C ILE D 10 9.72 1.96 -4.42
N HIS D 11 10.55 2.88 -4.87
CA HIS D 11 11.55 3.50 -4.01
C HIS D 11 11.26 4.95 -3.69
N GLY D 12 10.27 5.52 -4.33
CA GLY D 12 10.03 6.93 -4.18
C GLY D 12 11.02 7.71 -4.99
N HIS D 13 11.57 8.74 -4.38
CA HIS D 13 12.38 9.72 -5.13
C HIS D 13 13.86 9.35 -5.12
N ILE D 14 14.40 9.09 -6.30
CA ILE D 14 15.74 8.59 -6.48
C ILE D 14 16.60 9.70 -7.01
N GLU D 15 17.74 9.93 -6.34
CA GLU D 15 18.69 10.95 -6.75
C GLU D 15 19.76 10.30 -7.59
N LEU D 16 20.06 10.91 -8.73
CA LEU D 16 21.05 10.37 -9.61
C LEU D 16 22.13 11.39 -9.88
N HIS D 17 23.39 10.96 -9.72
CA HIS D 17 24.53 11.75 -10.05
C HIS D 17 24.61 12.03 -11.55
N PRO D 18 25.12 13.20 -11.92
CA PRO D 18 25.07 13.57 -13.33
C PRO D 18 25.80 12.59 -14.21
N LEU D 19 26.89 12.03 -13.72
CA LEU D 19 27.62 11.02 -14.46
C LEU D 19 26.72 9.82 -14.73
N LEU D 20 25.93 9.46 -13.73
CA LEU D 20 24.94 8.40 -13.89
C LEU D 20 23.90 8.75 -14.94
N VAL D 21 23.44 9.98 -14.93
CA VAL D 21 22.43 10.42 -15.88
C VAL D 21 22.98 10.41 -17.29
N ARG D 22 24.25 10.75 -17.44
CA ARG D 22 24.86 10.74 -18.77
C ARG D 22 24.88 9.38 -19.40
N ILE D 23 25.13 8.39 -18.55
CA ILE D 23 25.11 6.99 -18.96
C ILE D 23 23.72 6.54 -19.30
N ILE D 24 22.77 6.98 -18.49
CA ILE D 24 21.39 6.59 -18.68
C ILE D 24 20.89 7.11 -20.02
N ASP D 25 21.27 8.32 -20.38
CA ASP D 25 20.67 8.97 -21.52
C ASP D 25 21.40 8.62 -22.78
N THR D 26 21.36 7.33 -23.11
CA THR D 26 22.00 6.82 -24.29
C THR D 26 21.12 5.76 -24.95
N PRO D 27 21.29 5.53 -26.25
CA PRO D 27 20.57 4.44 -26.89
C PRO D 27 20.73 3.10 -26.20
N GLN D 28 21.93 2.81 -25.75
CA GLN D 28 22.22 1.52 -25.15
C GLN D 28 21.45 1.29 -23.85
N PHE D 29 21.36 2.30 -23.00
CA PHE D 29 20.59 2.17 -21.78
C PHE D 29 19.10 2.31 -22.03
N GLN D 30 18.72 3.26 -22.87
CA GLN D 30 17.31 3.51 -23.15
C GLN D 30 16.64 2.29 -23.80
N ARG D 31 17.46 1.45 -24.44
CA ARG D 31 17.02 0.20 -25.03
C ARG D 31 16.24 -0.62 -24.04
N LEU D 32 16.64 -0.51 -22.77
CA LEU D 32 16.03 -1.28 -21.70
C LEU D 32 14.57 -0.93 -21.51
N ARG D 33 14.16 0.24 -22.00
CA ARG D 33 12.76 0.62 -21.91
C ARG D 33 11.86 -0.30 -22.72
N TYR D 34 12.44 -0.95 -23.73
CA TYR D 34 11.67 -1.70 -24.69
C TYR D 34 11.79 -3.19 -24.46
N ILE D 35 12.18 -3.60 -23.27
CA ILE D 35 12.25 -5.01 -22.95
C ILE D 35 11.49 -5.28 -21.69
N LYS D 36 10.49 -6.15 -21.76
CA LYS D 36 9.71 -6.50 -20.61
C LYS D 36 10.53 -7.26 -19.60
N GLN D 37 10.42 -6.85 -18.36
CA GLN D 37 11.10 -7.54 -17.27
C GLN D 37 10.69 -9.00 -17.19
N LEU D 38 9.40 -9.28 -17.30
CA LEU D 38 8.88 -10.63 -17.08
C LEU D 38 8.45 -11.34 -18.36
N GLY D 39 8.77 -10.77 -19.51
CA GLY D 39 8.64 -11.48 -20.75
C GLY D 39 7.21 -11.83 -21.01
N GLY D 40 6.97 -13.12 -21.25
CA GLY D 40 5.64 -13.62 -21.52
C GLY D 40 4.70 -13.56 -20.34
N GLY D 41 5.24 -13.35 -19.14
CA GLY D 41 4.43 -13.22 -17.92
C GLY D 41 3.40 -12.13 -18.01
N TYR D 42 3.69 -11.08 -18.76
CA TYR D 42 2.75 -9.98 -18.95
C TYR D 42 1.44 -10.48 -19.54
N TYR D 43 1.53 -11.49 -20.41
CA TYR D 43 0.34 -12.12 -21.01
C TYR D 43 -0.49 -12.89 -19.98
N VAL D 44 0.15 -13.45 -18.97
CA VAL D 44 -0.58 -14.01 -17.85
C VAL D 44 -0.94 -12.95 -16.80
N PHE D 45 -0.04 -12.03 -16.52
CA PHE D 45 -0.27 -11.01 -15.47
C PHE D 45 -0.32 -9.62 -16.10
N PRO D 46 -1.51 -9.02 -16.20
CA PRO D 46 -1.49 -7.77 -16.94
C PRO D 46 -0.79 -6.62 -16.19
N GLY D 47 -0.63 -6.75 -14.88
CA GLY D 47 0.11 -5.75 -14.13
C GLY D 47 1.59 -5.66 -14.46
N ALA D 48 2.19 -6.79 -14.86
CA ALA D 48 3.62 -6.90 -15.13
C ALA D 48 3.99 -6.31 -16.47
N SER D 49 3.72 -5.02 -16.65
CA SER D 49 4.06 -4.30 -17.85
C SER D 49 5.43 -3.61 -17.75
N HIS D 50 6.06 -3.70 -16.59
CA HIS D 50 7.30 -3.02 -16.37
C HIS D 50 8.46 -3.59 -17.18
N ASN D 51 9.41 -2.72 -17.46
CA ASN D 51 10.54 -3.02 -18.31
C ASN D 51 11.84 -3.01 -17.56
N ARG D 52 12.89 -3.46 -18.23
CA ARG D 52 14.20 -3.62 -17.59
C ARG D 52 14.75 -2.29 -17.12
N PHE D 53 14.39 -1.23 -17.82
CA PHE D 53 14.91 0.07 -17.54
C PHE D 53 14.61 0.57 -16.11
N GLU D 54 13.38 0.45 -15.68
CA GLU D 54 12.97 0.92 -14.38
C GLU D 54 13.59 0.05 -13.32
N HIS D 55 13.70 -1.23 -13.59
CA HIS D 55 14.36 -2.15 -12.66
C HIS D 55 15.84 -1.79 -12.46
N SER D 56 16.52 -1.47 -13.57
CA SER D 56 17.91 -1.07 -13.54
C SER D 56 18.13 0.19 -12.69
N LEU D 57 17.24 1.17 -12.83
CA LEU D 57 17.32 2.35 -11.97
C LEU D 57 17.22 1.89 -10.52
N GLY D 58 16.30 1.00 -10.23
CA GLY D 58 16.12 0.54 -8.89
C GLY D 58 17.34 -0.15 -8.33
N VAL D 59 17.99 -0.95 -9.17
CA VAL D 59 19.16 -1.68 -8.76
C VAL D 59 20.28 -0.70 -8.48
N GLY D 60 20.42 0.29 -9.36
CA GLY D 60 21.44 1.32 -9.18
C GLY D 60 21.21 2.07 -7.88
N TYR D 61 19.95 2.36 -7.58
CA TYR D 61 19.62 3.12 -6.41
C TYR D 61 19.94 2.36 -5.13
N LEU D 62 19.59 1.09 -5.12
CA LEU D 62 19.78 0.27 -3.94
C LEU D 62 21.24 0.03 -3.70
N ALA D 63 22.00 -0.12 -4.77
CA ALA D 63 23.43 -0.33 -4.66
C ALA D 63 24.03 0.88 -3.97
N GLY D 64 23.56 2.06 -4.37
CA GLY D 64 23.96 3.31 -3.75
C GLY D 64 23.62 3.34 -2.28
N CYS D 65 22.43 2.88 -1.95
CA CYS D 65 21.99 2.88 -0.56
C CYS D 65 22.89 2.06 0.29
N LEU D 66 23.17 0.84 -0.15
CA LEU D 66 23.96 -0.08 0.67
C LEU D 66 25.37 0.42 0.85
N VAL D 67 25.99 0.87 -0.24
CA VAL D 67 27.38 1.33 -0.14
C VAL D 67 27.46 2.58 0.77
N HIS D 68 26.49 3.49 0.63
CA HIS D 68 26.48 4.70 1.45
C HIS D 68 26.29 4.35 2.90
N ALA D 69 25.41 3.40 3.16
CA ALA D 69 25.11 2.99 4.53
C ALA D 69 26.35 2.43 5.21
N LEU D 70 27.11 1.62 4.50
CA LEU D 70 28.33 1.04 5.04
C LEU D 70 29.36 2.13 5.32
N GLY D 71 29.48 3.09 4.41
CA GLY D 71 30.35 4.23 4.59
C GLY D 71 30.01 5.03 5.83
N GLU D 72 28.73 5.29 6.06
CA GLU D 72 28.32 6.07 7.24
C GLU D 72 28.53 5.30 8.52
N LYS D 73 28.19 4.02 8.52
CA LYS D 73 28.34 3.19 9.70
C LYS D 73 29.82 2.94 9.98
N GLN D 74 30.64 2.75 8.95
CA GLN D 74 32.02 2.36 9.11
C GLN D 74 32.97 3.26 8.26
N PRO D 75 33.31 4.47 8.77
CA PRO D 75 34.22 5.30 7.99
C PRO D 75 35.58 4.69 7.77
N GLU D 76 36.01 3.80 8.67
CA GLU D 76 37.29 3.11 8.57
C GLU D 76 37.43 2.30 7.27
N LEU D 77 36.32 1.91 6.68
CA LEU D 77 36.35 1.22 5.41
C LEU D 77 36.94 2.08 4.29
N GLN D 78 36.94 3.39 4.45
CA GLN D 78 37.54 4.27 3.47
C GLN D 78 36.85 4.21 2.13
N ILE D 79 35.54 4.08 2.13
CA ILE D 79 34.77 4.10 0.90
C ILE D 79 34.77 5.52 0.35
N SER D 80 34.94 5.65 -0.96
CA SER D 80 34.99 6.96 -1.63
C SER D 80 33.84 7.14 -2.63
N GLU D 81 33.63 8.39 -3.00
CA GLU D 81 32.59 8.70 -3.96
C GLU D 81 32.87 8.00 -5.28
N ARG D 82 34.12 7.89 -5.63
CA ARG D 82 34.52 7.18 -6.79
C ARG D 82 34.04 5.73 -6.67
N ASP D 83 34.17 5.17 -5.48
CA ASP D 83 33.66 3.83 -5.21
C ASP D 83 32.16 3.78 -5.32
N VAL D 84 31.48 4.80 -4.81
CA VAL D 84 30.06 4.80 -4.79
C VAL D 84 29.56 4.83 -6.22
N LEU D 85 30.16 5.69 -7.05
CA LEU D 85 29.68 5.82 -8.42
C LEU D 85 29.92 4.53 -9.21
N CYS D 86 31.06 3.90 -8.97
CA CYS D 86 31.36 2.64 -9.66
C CYS D 86 30.37 1.54 -9.32
N VAL D 87 30.02 1.44 -8.04
CA VAL D 87 29.04 0.44 -7.62
C VAL D 87 27.66 0.72 -8.22
N GLN D 88 27.28 1.98 -8.24
CA GLN D 88 26.00 2.37 -8.84
C GLN D 88 25.98 2.12 -10.33
N ILE D 89 27.09 2.39 -11.01
CA ILE D 89 27.14 2.18 -12.46
C ILE D 89 26.97 0.70 -12.79
N ALA D 90 27.59 -0.14 -11.98
CA ALA D 90 27.44 -1.55 -12.16
C ALA D 90 26.00 -1.94 -11.94
N GLY D 91 25.37 -1.33 -10.95
CA GLY D 91 23.97 -1.68 -10.66
C GLY D 91 23.08 -1.34 -11.81
N LEU D 92 23.29 -0.15 -12.36
CA LEU D 92 22.48 0.32 -13.48
C LEU D 92 22.69 -0.56 -14.70
N CYS D 93 23.93 -0.99 -14.91
CA CYS D 93 24.29 -1.62 -16.17
C CYS D 93 24.34 -3.14 -16.15
N ARG D 94 24.02 -3.73 -15.02
CA ARG D 94 23.95 -5.17 -14.90
C ARG D 94 22.92 -5.84 -15.84
N ASN D 95 21.83 -5.14 -16.11
CA ASN D 95 20.80 -5.66 -17.00
C ASN D 95 20.95 -5.23 -18.46
N LEU D 96 22.04 -4.53 -18.79
CA LEU D 96 22.24 -4.01 -20.15
C LEU D 96 22.23 -5.06 -21.24
N GLY D 97 22.70 -6.25 -20.89
CA GLY D 97 22.81 -7.35 -21.84
C GLY D 97 21.50 -8.08 -22.15
N HIS D 98 20.42 -7.80 -21.45
CA HIS D 98 19.17 -8.55 -21.66
C HIS D 98 18.63 -8.44 -23.06
N GLY D 99 18.11 -9.57 -23.56
CA GLY D 99 17.54 -9.65 -24.90
C GLY D 99 16.03 -9.52 -24.88
N PRO D 100 15.39 -9.68 -26.06
CA PRO D 100 13.94 -9.51 -26.06
C PRO D 100 13.26 -10.50 -25.17
N PHE D 101 12.33 -10.01 -24.36
CA PHE D 101 11.58 -10.82 -23.43
C PHE D 101 12.48 -11.39 -22.33
N SER D 102 13.64 -10.77 -22.13
CA SER D 102 14.50 -11.10 -21.03
C SER D 102 14.93 -12.57 -21.03
N HIS D 103 14.60 -13.31 -19.98
CA HIS D 103 15.19 -14.61 -19.75
C HIS D 103 14.82 -15.60 -20.80
N MET D 104 13.72 -15.35 -21.49
CA MET D 104 13.37 -16.18 -22.62
C MET D 104 14.51 -16.24 -23.64
N PHE D 105 15.13 -15.10 -23.89
CA PHE D 105 16.11 -14.96 -24.94
C PHE D 105 17.38 -15.75 -24.67
N ASP D 106 17.94 -15.57 -23.50
CA ASP D 106 19.11 -16.35 -23.12
C ASP D 106 18.72 -17.70 -22.51
N GLY D 107 17.55 -17.76 -21.88
CA GLY D 107 17.06 -19.00 -21.31
C GLY D 107 16.61 -20.02 -22.32
N ARG D 108 15.95 -19.60 -23.39
CA ARG D 108 15.36 -20.55 -24.35
C ARG D 108 15.85 -20.39 -25.75
N PHE D 109 15.78 -19.18 -26.29
CA PHE D 109 16.03 -18.96 -27.71
C PHE D 109 17.47 -19.19 -28.14
N ILE D 110 18.40 -18.59 -27.42
CA ILE D 110 19.80 -18.73 -27.80
C ILE D 110 20.28 -20.17 -27.65
N PRO D 111 19.94 -20.85 -26.54
CA PRO D 111 20.37 -22.25 -26.50
C PRO D 111 19.88 -23.11 -27.68
N LEU D 112 18.62 -22.93 -28.09
CA LEU D 112 18.09 -23.66 -29.25
C LEU D 112 18.66 -23.20 -30.58
N ALA D 113 18.78 -21.89 -30.76
CA ALA D 113 19.32 -21.34 -31.98
C ALA D 113 20.82 -21.56 -32.12
N ARG D 114 21.58 -21.41 -31.03
CA ARG D 114 23.06 -21.50 -31.08
C ARG D 114 23.56 -22.41 -29.95
N PRO D 115 23.33 -23.73 -30.08
CA PRO D 115 23.89 -24.61 -29.06
C PRO D 115 25.41 -24.52 -28.92
N GLU D 116 26.13 -24.25 -30.00
CA GLU D 116 27.60 -24.17 -29.93
C GLU D 116 28.11 -23.07 -29.01
N VAL D 117 27.45 -21.92 -29.02
CA VAL D 117 27.93 -20.77 -28.24
C VAL D 117 27.46 -20.92 -26.80
N LYS D 118 28.24 -20.40 -25.86
CA LYS D 118 27.80 -20.28 -24.47
C LYS D 118 27.66 -18.79 -24.15
N TRP D 119 26.44 -18.35 -23.86
CA TRP D 119 26.10 -16.94 -23.78
C TRP D 119 25.17 -16.70 -22.62
N THR D 120 25.29 -15.54 -22.00
CA THR D 120 24.39 -15.10 -20.96
C THR D 120 24.19 -13.58 -21.10
N HIS D 121 23.13 -13.05 -20.53
CA HIS D 121 22.88 -11.64 -20.60
C HIS D 121 23.97 -10.86 -19.89
N GLU D 122 24.54 -11.42 -18.83
CA GLU D 122 25.66 -10.73 -18.16
C GLU D 122 26.82 -10.56 -19.13
N GLN D 123 27.14 -11.59 -19.90
CA GLN D 123 28.19 -11.42 -20.90
C GLN D 123 27.81 -10.25 -21.81
N GLY D 124 26.56 -10.22 -22.19
CA GLY D 124 26.03 -9.15 -23.02
C GLY D 124 26.11 -7.79 -22.37
N SER D 125 25.84 -7.73 -21.09
CA SER D 125 25.88 -6.47 -20.38
C SER D 125 27.28 -5.87 -20.41
N VAL D 126 28.30 -6.70 -20.24
CA VAL D 126 29.69 -6.22 -20.27
C VAL D 126 30.02 -5.69 -21.65
N MET D 127 29.62 -6.42 -22.69
CA MET D 127 29.89 -5.98 -24.04
C MET D 127 29.14 -4.70 -24.34
N MET D 128 27.88 -4.63 -23.91
CA MET D 128 27.03 -3.48 -24.19
C MET D 128 27.56 -2.27 -23.45
N PHE D 129 28.05 -2.49 -22.25
CA PHE D 129 28.59 -1.40 -21.44
C PHE D 129 29.80 -0.76 -22.11
N GLU D 130 30.67 -1.60 -22.64
CA GLU D 130 31.84 -1.14 -23.34
C GLU D 130 31.40 -0.32 -24.56
N HIS D 131 30.42 -0.85 -25.28
CA HIS D 131 29.91 -0.19 -26.47
C HIS D 131 29.29 1.14 -26.09
N LEU D 132 28.56 1.17 -24.98
CA LEU D 132 27.93 2.39 -24.50
C LEU D 132 28.93 3.48 -24.18
N ILE D 133 29.98 3.12 -23.46
CA ILE D 133 31.03 4.04 -23.09
C ILE D 133 31.75 4.58 -24.31
N ASN D 134 32.12 3.69 -25.24
CA ASN D 134 32.92 4.11 -26.40
C ASN D 134 32.13 4.94 -27.40
N SER D 135 30.90 4.54 -27.67
CA SER D 135 30.05 5.27 -28.64
C SER D 135 29.68 6.65 -28.15
N ASN D 136 29.48 6.82 -26.85
CA ASN D 136 28.97 8.08 -26.31
C ASN D 136 30.00 8.96 -25.55
N GLY D 137 31.29 8.64 -25.66
CA GLY D 137 32.35 9.46 -25.08
C GLY D 137 32.27 9.67 -23.58
N ILE D 138 31.93 8.63 -22.84
CA ILE D 138 31.73 8.69 -21.39
C ILE D 138 33.03 8.83 -20.60
N LYS D 139 34.13 8.24 -21.11
CA LYS D 139 35.39 8.24 -20.35
C LYS D 139 35.86 9.61 -19.92
N PRO D 140 35.83 10.61 -20.83
CA PRO D 140 36.12 11.95 -20.39
C PRO D 140 35.24 12.40 -19.24
N VAL D 141 33.95 12.07 -19.31
CA VAL D 141 33.03 12.45 -18.23
C VAL D 141 33.36 11.76 -16.90
N MET D 142 33.79 10.50 -16.99
CA MET D 142 34.23 9.78 -15.82
C MET D 142 35.41 10.50 -15.16
N GLU D 143 36.34 10.92 -16.02
CA GLU D 143 37.57 11.59 -15.58
C GLU D 143 37.22 12.90 -14.91
N GLN D 144 36.28 13.61 -15.50
CA GLN D 144 35.83 14.86 -14.96
C GLN D 144 35.28 14.74 -13.54
N TYR D 145 34.64 13.63 -13.21
CA TYR D 145 34.09 13.42 -11.87
C TYR D 145 34.99 12.58 -10.98
N GLY D 146 36.23 12.41 -11.38
CA GLY D 146 37.23 11.79 -10.50
C GLY D 146 37.42 10.30 -10.67
N LEU D 147 36.77 9.69 -11.65
CA LEU D 147 36.98 8.26 -11.89
C LEU D 147 38.24 8.10 -12.67
N ILE D 148 38.89 6.95 -12.52
CA ILE D 148 40.02 6.59 -13.36
C ILE D 148 39.51 5.51 -14.31
N PRO D 149 39.33 5.84 -15.60
CA PRO D 149 38.63 4.87 -16.47
C PRO D 149 39.22 3.49 -16.55
N GLU D 150 40.53 3.39 -16.65
CA GLU D 150 41.13 2.08 -16.82
C GLU D 150 40.83 1.17 -15.64
N GLU D 151 41.06 1.68 -14.46
CA GLU D 151 40.87 0.91 -13.26
C GLU D 151 39.36 0.69 -13.01
N ASP D 152 38.58 1.74 -13.13
CA ASP D 152 37.16 1.70 -12.78
C ASP D 152 36.26 0.91 -13.75
N ILE D 153 36.52 1.01 -15.06
CA ILE D 153 35.76 0.23 -16.05
C ILE D 153 35.98 -1.25 -15.79
N CYS D 154 37.19 -1.62 -15.42
CA CYS D 154 37.47 -2.98 -15.06
C CYS D 154 36.62 -3.35 -13.89
N PHE D 155 36.59 -2.46 -12.89
CA PHE D 155 35.87 -2.71 -11.65
C PHE D 155 34.41 -2.95 -11.91
N ILE D 156 33.84 -2.12 -12.78
CA ILE D 156 32.43 -2.23 -13.13
C ILE D 156 32.13 -3.54 -13.83
N LYS D 157 32.95 -3.89 -14.81
CA LYS D 157 32.74 -5.13 -15.54
C LYS D 157 32.86 -6.31 -14.60
N GLU D 158 33.80 -6.23 -13.67
CA GLU D 158 34.03 -7.35 -12.74
C GLU D 158 32.84 -7.59 -11.83
N GLN D 159 32.20 -6.51 -11.41
CA GLN D 159 31.01 -6.63 -10.61
C GLN D 159 29.90 -7.32 -11.39
N ILE D 160 29.79 -7.00 -12.66
CA ILE D 160 28.72 -7.55 -13.47
C ILE D 160 28.94 -9.02 -13.76
N VAL D 161 30.14 -9.38 -14.16
CA VAL D 161 30.36 -10.69 -14.74
C VAL D 161 31.42 -11.53 -14.00
N GLY D 162 31.94 -11.04 -12.89
CA GLY D 162 32.95 -11.77 -12.13
C GLY D 162 34.35 -11.53 -12.70
N PRO D 163 35.37 -12.26 -12.20
CA PRO D 163 36.70 -12.05 -12.74
C PRO D 163 36.76 -12.26 -14.24
N LEU D 164 37.44 -11.35 -14.94
CA LEU D 164 37.47 -11.37 -16.39
C LEU D 164 38.25 -12.58 -16.95
N GLU D 165 39.29 -13.04 -16.26
CA GLU D 165 39.86 -14.37 -16.56
C GLU D 165 38.72 -15.40 -16.44
N LEU D 172 44.77 -16.60 -4.16
CA LEU D 172 45.07 -15.25 -4.60
C LEU D 172 43.84 -14.45 -5.01
N TRP D 173 43.91 -13.14 -4.83
CA TRP D 173 42.81 -12.24 -5.19
C TRP D 173 42.67 -12.19 -6.72
N PRO D 174 41.46 -12.50 -7.26
CA PRO D 174 41.40 -12.58 -8.70
C PRO D 174 40.97 -11.30 -9.42
N TYR D 175 40.72 -10.22 -8.69
CA TYR D 175 40.14 -9.04 -9.29
C TYR D 175 41.17 -7.96 -9.44
N LYS D 176 41.22 -7.33 -10.60
CA LYS D 176 42.10 -6.19 -10.82
C LYS D 176 41.42 -4.83 -10.57
N GLY D 177 40.12 -4.83 -10.37
CA GLY D 177 39.41 -3.59 -10.24
C GLY D 177 39.62 -2.91 -8.90
N ARG D 178 39.74 -3.70 -7.83
CA ARG D 178 39.95 -3.18 -6.48
C ARG D 178 40.75 -4.17 -5.66
N PRO D 179 41.48 -3.69 -4.65
CA PRO D 179 42.18 -4.63 -3.80
C PRO D 179 41.28 -5.34 -2.77
N GLU D 180 41.85 -6.36 -2.14
CA GLU D 180 41.15 -7.22 -1.15
C GLU D 180 40.46 -6.45 -0.02
N ASN D 181 41.06 -5.33 0.38
CA ASN D 181 40.45 -4.46 1.39
C ASN D 181 39.09 -3.95 0.99
N LYS D 182 38.86 -3.87 -0.33
CA LYS D 182 37.59 -3.46 -0.89
C LYS D 182 36.72 -4.62 -1.37
N SER D 183 36.95 -5.81 -0.82
CA SER D 183 36.23 -7.00 -1.31
C SER D 183 34.70 -6.93 -1.18
N PHE D 184 34.20 -6.32 -0.12
CA PHE D 184 32.77 -6.24 0.14
C PHE D 184 32.03 -5.52 -0.98
N LEU D 185 32.72 -4.63 -1.71
CA LEU D 185 32.06 -3.91 -2.80
C LEU D 185 31.58 -4.87 -3.87
N TYR D 186 32.33 -5.94 -4.09
CA TYR D 186 31.97 -6.95 -5.08
C TYR D 186 30.74 -7.76 -4.66
N GLU D 187 30.38 -7.72 -3.38
CA GLU D 187 29.16 -8.40 -2.91
C GLU D 187 27.83 -7.71 -3.31
N ILE D 188 27.84 -6.40 -3.47
CA ILE D 188 26.61 -5.63 -3.58
C ILE D 188 25.73 -5.86 -4.82
N VAL D 189 26.29 -5.78 -6.01
CA VAL D 189 25.47 -5.74 -7.22
C VAL D 189 25.17 -7.15 -7.71
N SER D 190 26.19 -8.01 -7.73
CA SER D 190 26.00 -9.40 -8.07
C SER D 190 26.84 -10.22 -7.13
N ASN D 191 26.18 -11.00 -6.27
CA ASN D 191 26.88 -11.78 -5.27
C ASN D 191 27.15 -13.18 -5.77
N LYS D 192 28.38 -13.43 -6.21
CA LYS D 192 28.81 -14.76 -6.67
C LYS D 192 28.79 -15.79 -5.53
N ARG D 193 29.17 -15.38 -4.33
CA ARG D 193 29.26 -16.31 -3.19
C ARG D 193 27.88 -16.77 -2.67
N ASN D 194 26.94 -15.84 -2.50
CA ASN D 194 25.67 -16.14 -1.85
C ASN D 194 24.41 -15.90 -2.68
N GLY D 195 24.53 -15.08 -3.72
CA GLY D 195 23.37 -14.66 -4.47
C GLY D 195 22.49 -13.64 -3.74
N ILE D 196 22.93 -13.16 -2.57
CA ILE D 196 22.21 -12.09 -1.88
C ILE D 196 22.74 -10.72 -2.34
N ASP D 197 21.94 -10.02 -3.12
CA ASP D 197 22.39 -8.77 -3.72
C ASP D 197 21.22 -7.87 -4.06
N VAL D 198 21.54 -6.61 -4.33
CA VAL D 198 20.52 -5.62 -4.54
C VAL D 198 19.65 -5.89 -5.76
N ASP D 199 20.18 -6.57 -6.76
CA ASP D 199 19.40 -6.87 -7.96
C ASP D 199 18.17 -7.67 -7.59
N LYS D 200 18.35 -8.65 -6.72
CA LYS D 200 17.23 -9.41 -6.20
C LYS D 200 16.24 -8.58 -5.42
N TRP D 201 16.73 -7.66 -4.59
CA TRP D 201 15.83 -6.93 -3.70
C TRP D 201 14.89 -6.04 -4.47
N ASP D 202 15.40 -5.37 -5.49
CA ASP D 202 14.56 -4.50 -6.27
C ASP D 202 13.48 -5.30 -7.01
N TYR D 203 13.88 -6.41 -7.62
CA TYR D 203 12.91 -7.15 -8.39
C TYR D 203 11.85 -7.84 -7.52
N PHE D 204 12.22 -8.30 -6.32
CA PHE D 204 11.19 -8.81 -5.41
C PHE D 204 10.13 -7.76 -5.15
N ALA D 205 10.57 -6.56 -4.82
CA ALA D 205 9.63 -5.50 -4.50
C ALA D 205 8.90 -5.05 -5.74
N ARG D 206 9.62 -4.89 -6.84
CA ARG D 206 9.01 -4.37 -8.05
C ARG D 206 8.03 -5.36 -8.66
N ASP D 207 8.41 -6.65 -8.69
CA ASP D 207 7.56 -7.64 -9.32
C ASP D 207 6.29 -7.85 -8.52
N CYS D 208 6.38 -7.90 -7.20
CA CYS D 208 5.18 -8.05 -6.35
C CYS D 208 4.23 -6.90 -6.52
N HIS D 209 4.79 -5.70 -6.57
CA HIS D 209 4.01 -4.51 -6.74
C HIS D 209 3.20 -4.58 -8.03
N HIS D 210 3.85 -4.97 -9.11
CA HIS D 210 3.21 -5.01 -10.39
C HIS D 210 2.34 -6.25 -10.58
N LEU D 211 2.82 -7.38 -10.10
CA LEU D 211 2.08 -8.64 -10.24
C LEU D 211 0.83 -8.65 -9.43
N GLY D 212 0.88 -8.04 -8.25
CA GLY D 212 -0.22 -8.14 -7.30
C GLY D 212 0.06 -9.20 -6.27
N ILE D 213 1.23 -9.80 -6.30
CA ILE D 213 1.70 -10.71 -5.24
C ILE D 213 2.29 -9.93 -4.04
N GLN D 214 2.60 -10.60 -2.92
CA GLN D 214 3.31 -9.95 -1.80
C GLN D 214 4.62 -10.61 -1.32
N ASN D 215 5.48 -9.74 -0.77
CA ASN D 215 6.90 -10.02 -0.54
C ASN D 215 7.20 -10.31 0.96
N ASN D 216 7.94 -11.39 1.21
CA ASN D 216 8.38 -11.75 2.57
C ASN D 216 9.77 -11.24 3.01
N PHE D 217 10.48 -10.53 2.15
CA PHE D 217 11.81 -10.03 2.52
C PHE D 217 11.85 -8.52 2.63
N ASP D 218 12.31 -8.01 3.78
CA ASP D 218 12.52 -6.58 3.95
C ASP D 218 14.01 -6.20 3.69
N TYR D 219 14.26 -5.62 2.51
CA TYR D 219 15.60 -5.23 2.11
C TYR D 219 16.05 -4.00 2.92
N LYS D 220 15.15 -3.08 3.23
CA LYS D 220 15.52 -1.87 3.97
C LYS D 220 16.04 -2.22 5.35
N ARG D 221 15.42 -3.20 5.99
CA ARG D 221 15.86 -3.67 7.29
C ARG D 221 17.25 -4.30 7.17
N PHE D 222 17.47 -5.06 6.11
CA PHE D 222 18.75 -5.71 5.94
C PHE D 222 19.89 -4.69 5.87
N ILE D 223 19.66 -3.59 5.17
CA ILE D 223 20.69 -2.56 5.01
C ILE D 223 21.04 -1.95 6.35
N LYS D 224 20.02 -1.69 7.18
CA LYS D 224 20.26 -1.15 8.50
C LYS D 224 21.17 -2.01 9.34
N PHE D 225 20.98 -3.32 9.29
CA PHE D 225 21.75 -4.24 10.10
C PHE D 225 22.99 -4.79 9.39
N ALA D 226 23.29 -4.35 8.18
CA ALA D 226 24.48 -4.82 7.49
C ALA D 226 25.74 -4.21 8.09
N ARG D 227 26.79 -5.01 8.17
CA ARG D 227 28.09 -4.60 8.65
C ARG D 227 29.18 -5.29 7.83
N VAL D 228 30.36 -4.67 7.80
CA VAL D 228 31.52 -5.28 7.17
C VAL D 228 32.47 -5.79 8.24
N CYS D 229 32.84 -7.06 8.12
CA CYS D 229 33.72 -7.69 9.08
C CYS D 229 34.76 -8.49 8.35
N GLU D 230 35.88 -8.79 9.02
CA GLU D 230 36.92 -9.58 8.39
C GLU D 230 36.52 -11.02 8.48
N VAL D 231 36.56 -11.71 7.35
CA VAL D 231 36.28 -13.13 7.30
C VAL D 231 37.37 -13.74 6.46
N ASP D 232 38.14 -14.67 7.05
CA ASP D 232 39.19 -15.38 6.32
C ASP D 232 40.09 -14.43 5.57
N ASN D 233 40.53 -13.37 6.24
CA ASN D 233 41.42 -12.37 5.62
C ASN D 233 40.79 -11.61 4.45
N GLU D 234 39.47 -11.52 4.49
CA GLU D 234 38.69 -10.79 3.49
C GLU D 234 37.71 -9.95 4.26
N LEU D 235 37.38 -8.78 3.72
CA LEU D 235 36.35 -7.96 4.31
C LEU D 235 35.06 -8.27 3.56
N ARG D 236 34.04 -8.74 4.26
CA ARG D 236 32.78 -9.12 3.65
C ARG D 236 31.60 -8.48 4.36
N ILE D 237 30.52 -8.31 3.64
CA ILE D 237 29.29 -7.83 4.24
C ILE D 237 28.70 -8.93 5.09
N CYS D 238 28.30 -8.55 6.30
CA CYS D 238 27.85 -9.50 7.29
C CYS D 238 26.50 -9.09 7.79
N ALA D 239 25.66 -10.07 8.01
CA ALA D 239 24.30 -9.84 8.51
C ALA D 239 24.28 -10.04 10.02
N ARG D 240 23.43 -9.28 10.69
CA ARG D 240 23.23 -9.45 12.09
C ARG D 240 22.56 -10.81 12.37
N ASP D 241 22.96 -11.48 13.44
CA ASP D 241 22.52 -12.85 13.76
C ASP D 241 21.02 -13.02 13.80
N LYS D 242 20.36 -12.03 14.39
CA LYS D 242 18.90 -11.95 14.41
C LYS D 242 18.27 -12.12 13.01
N GLU D 243 18.90 -11.53 12.00
CA GLU D 243 18.33 -11.44 10.69
C GLU D 243 18.39 -12.73 9.87
N VAL D 244 18.98 -13.77 10.45
CA VAL D 244 19.07 -15.04 9.76
C VAL D 244 17.72 -15.59 9.28
N GLY D 245 16.69 -15.48 10.08
CA GLY D 245 15.38 -15.95 9.67
C GLY D 245 14.87 -15.18 8.47
N ASN D 246 15.12 -13.88 8.47
CA ASN D 246 14.71 -13.02 7.36
C ASN D 246 15.43 -13.36 6.06
N LEU D 247 16.68 -13.80 6.17
CA LEU D 247 17.40 -14.26 5.01
C LEU D 247 16.78 -15.48 4.38
N TYR D 248 16.39 -16.41 5.22
CA TYR D 248 15.71 -17.61 4.75
C TYR D 248 14.40 -17.19 4.10
N ASP D 249 13.73 -16.21 4.68
CA ASP D 249 12.49 -15.72 4.13
C ASP D 249 12.68 -15.13 2.76
N MET D 250 13.81 -14.47 2.56
CA MET D 250 14.13 -13.91 1.26
C MET D 250 14.14 -14.99 0.19
N PHE D 251 14.77 -16.10 0.49
CA PHE D 251 14.82 -17.22 -0.44
C PHE D 251 13.46 -17.87 -0.62
N HIS D 252 12.68 -17.93 0.44
CA HIS D 252 11.32 -18.46 0.35
C HIS D 252 10.52 -17.59 -0.60
N THR D 253 10.68 -16.29 -0.43
CA THR D 253 9.97 -15.34 -1.26
C THR D 253 10.36 -15.53 -2.72
N ARG D 254 11.66 -15.73 -2.95
CA ARG D 254 12.17 -15.95 -4.30
C ARG D 254 11.53 -17.17 -4.91
N ASN D 255 11.42 -18.22 -4.12
CA ASN D 255 10.83 -19.46 -4.63
C ASN D 255 9.37 -19.30 -4.89
N SER D 256 8.68 -18.57 -4.03
CA SER D 256 7.29 -18.33 -4.19
C SER D 256 7.02 -17.60 -5.49
N LEU D 257 7.82 -16.59 -5.77
CA LEU D 257 7.72 -15.86 -7.03
C LEU D 257 8.00 -16.72 -8.23
N HIS D 258 9.03 -17.53 -8.14
CA HIS D 258 9.40 -18.36 -9.26
C HIS D 258 8.30 -19.39 -9.60
N ARG D 259 7.75 -20.06 -8.59
CA ARG D 259 6.70 -21.04 -8.84
C ARG D 259 5.43 -20.33 -9.30
N ARG D 260 5.04 -19.25 -8.62
CA ARG D 260 3.81 -18.54 -8.99
C ARG D 260 3.87 -17.73 -10.29
N ALA D 261 5.01 -17.13 -10.64
CA ALA D 261 5.04 -16.17 -11.72
C ALA D 261 6.13 -16.42 -12.75
N TYR D 262 7.39 -16.49 -12.32
CA TYR D 262 8.47 -16.63 -13.29
C TYR D 262 8.38 -17.96 -14.09
N GLN D 263 7.94 -18.99 -13.40
CA GLN D 263 7.81 -20.28 -13.99
C GLN D 263 6.35 -20.65 -14.13
N HIS D 264 5.46 -19.66 -14.21
CA HIS D 264 4.03 -19.93 -14.39
C HIS D 264 3.83 -20.77 -15.63
N LYS D 265 2.98 -21.79 -15.53
CA LYS D 265 2.87 -22.81 -16.56
C LYS D 265 2.43 -22.22 -17.92
N VAL D 266 1.47 -21.33 -17.91
CA VAL D 266 0.97 -20.71 -19.13
C VAL D 266 2.00 -19.70 -19.60
N GLY D 267 2.63 -18.99 -18.68
CA GLY D 267 3.58 -17.97 -19.05
C GLY D 267 4.78 -18.61 -19.76
N ASN D 268 5.20 -19.75 -19.25
CA ASN D 268 6.26 -20.47 -19.86
C ASN D 268 5.88 -20.96 -21.26
N ILE D 269 4.64 -21.38 -21.45
CA ILE D 269 4.25 -21.88 -22.74
C ILE D 269 4.24 -20.77 -23.77
N ILE D 270 3.81 -19.60 -23.36
CA ILE D 270 3.87 -18.43 -24.22
C ILE D 270 5.31 -18.10 -24.63
N ASP D 271 6.20 -18.18 -23.66
CA ASP D 271 7.60 -17.94 -23.93
C ASP D 271 8.10 -18.96 -24.92
N THR D 272 7.65 -20.20 -24.76
CA THR D 272 8.01 -21.27 -25.70
C THR D 272 7.52 -20.98 -27.11
N MET D 273 6.29 -20.51 -27.22
CA MET D 273 5.71 -20.20 -28.51
C MET D 273 6.44 -19.04 -29.16
N ILE D 274 6.80 -18.05 -28.36
CA ILE D 274 7.49 -16.87 -28.87
C ILE D 274 8.85 -17.30 -29.40
N THR D 275 9.51 -18.18 -28.65
CA THR D 275 10.78 -18.71 -29.07
C THR D 275 10.63 -19.48 -30.39
N ASP D 276 9.57 -20.27 -30.49
CA ASP D 276 9.30 -21.01 -31.71
C ASP D 276 9.21 -20.07 -32.88
N ALA D 277 8.48 -18.97 -32.71
CA ALA D 277 8.33 -18.02 -33.77
C ALA D 277 9.67 -17.41 -34.12
N PHE D 278 10.49 -17.15 -33.12
CA PHE D 278 11.79 -16.56 -33.37
C PHE D 278 12.67 -17.46 -34.19
N LEU D 279 12.65 -18.74 -33.85
CA LEU D 279 13.43 -19.74 -34.59
C LEU D 279 12.97 -19.80 -36.05
N LYS D 280 11.66 -19.76 -36.27
CA LYS D 280 11.12 -19.79 -37.62
C LYS D 280 11.49 -18.53 -38.39
N ALA D 281 11.60 -17.42 -37.69
CA ALA D 281 11.90 -16.17 -38.36
C ALA D 281 13.38 -15.90 -38.50
N ASP D 282 14.20 -16.69 -37.82
CA ASP D 282 15.59 -16.31 -37.62
C ASP D 282 16.37 -16.13 -38.92
N ASP D 283 16.15 -17.03 -39.88
CA ASP D 283 16.83 -16.99 -41.17
C ASP D 283 16.44 -15.78 -41.96
N TYR D 284 15.18 -15.43 -41.89
CA TYR D 284 14.65 -14.36 -42.72
C TYR D 284 14.86 -12.97 -42.15
N ILE D 285 14.86 -12.79 -40.83
CA ILE D 285 15.09 -11.44 -40.26
C ILE D 285 16.53 -10.99 -40.41
N GLU D 286 16.73 -9.72 -40.74
CA GLU D 286 18.06 -9.15 -40.86
C GLU D 286 18.19 -7.88 -40.06
N ILE D 287 19.21 -7.79 -39.22
CA ILE D 287 19.43 -6.63 -38.40
C ILE D 287 20.78 -6.04 -38.78
N THR D 288 20.80 -4.74 -39.08
CA THR D 288 22.02 -4.09 -39.50
C THR D 288 22.92 -3.84 -38.30
N GLY D 289 24.20 -4.12 -38.50
CA GLY D 289 25.22 -3.93 -37.49
C GLY D 289 26.26 -2.94 -37.94
N ALA D 290 27.33 -2.85 -37.17
CA ALA D 290 28.40 -1.93 -37.47
C ALA D 290 29.01 -2.25 -38.84
N GLY D 291 29.26 -1.21 -39.63
CA GLY D 291 29.77 -1.35 -40.99
C GLY D 291 28.71 -1.76 -41.99
N GLY D 292 27.44 -1.79 -41.60
CA GLY D 292 26.37 -2.22 -42.48
C GLY D 292 26.28 -3.74 -42.62
N LYS D 293 27.05 -4.49 -41.82
CA LYS D 293 26.91 -5.92 -41.75
C LYS D 293 25.52 -6.33 -41.28
N LYS D 294 25.05 -7.49 -41.74
CA LYS D 294 23.69 -7.94 -41.45
C LYS D 294 23.72 -9.14 -40.55
N TYR D 295 22.83 -9.15 -39.56
CA TYR D 295 22.82 -10.20 -38.56
C TYR D 295 21.43 -10.78 -38.38
N ARG D 296 21.42 -12.04 -37.98
CA ARG D 296 20.22 -12.73 -37.59
C ARG D 296 19.89 -12.35 -36.15
N ILE D 297 18.70 -12.73 -35.70
CA ILE D 297 18.27 -12.53 -34.34
C ILE D 297 19.26 -13.24 -33.46
N SER D 298 19.61 -14.45 -33.87
CA SER D 298 20.55 -15.27 -33.13
C SER D 298 21.98 -14.71 -33.14
N THR D 299 22.39 -14.04 -34.21
CA THR D 299 23.78 -13.57 -34.29
C THR D 299 23.95 -12.11 -33.90
N ALA D 300 22.87 -11.46 -33.50
CA ALA D 300 22.94 -10.04 -33.16
C ALA D 300 23.79 -9.85 -31.92
N ILE D 301 23.83 -10.88 -31.08
CA ILE D 301 24.64 -10.83 -29.87
C ILE D 301 26.13 -10.66 -30.18
N ASP D 302 26.55 -11.02 -31.37
CA ASP D 302 27.95 -10.83 -31.78
C ASP D 302 28.30 -9.36 -32.03
N ASP D 303 27.36 -8.54 -32.45
CA ASP D 303 27.65 -7.14 -32.71
C ASP D 303 26.76 -6.28 -31.83
N MET D 304 27.36 -5.42 -31.01
CA MET D 304 26.57 -4.58 -30.08
C MET D 304 25.75 -3.52 -30.77
N GLU D 305 26.21 -3.03 -31.91
CA GLU D 305 25.44 -2.09 -32.68
C GLU D 305 24.15 -2.71 -33.18
N ALA D 306 24.23 -3.96 -33.61
CA ALA D 306 23.04 -4.69 -34.01
C ALA D 306 22.15 -4.95 -32.81
N TYR D 307 22.78 -5.34 -31.71
CA TYR D 307 22.07 -5.73 -30.52
C TYR D 307 21.28 -4.57 -29.92
N THR D 308 21.79 -3.36 -30.10
CA THR D 308 21.12 -2.19 -29.57
C THR D 308 19.72 -2.08 -30.10
N LYS D 309 19.53 -2.50 -31.34
CA LYS D 309 18.24 -2.41 -32.01
C LYS D 309 17.40 -3.64 -31.83
N LEU D 310 17.89 -4.63 -31.10
CA LEU D 310 17.12 -5.86 -30.90
C LEU D 310 16.36 -5.84 -29.55
N THR D 311 15.04 -5.83 -29.63
CA THR D 311 14.18 -5.64 -28.44
C THR D 311 12.89 -6.37 -28.63
N ASP D 312 11.96 -6.16 -27.70
CA ASP D 312 10.63 -6.82 -27.78
C ASP D 312 9.92 -6.46 -29.06
N ASN D 313 10.32 -5.35 -29.67
CA ASN D 313 9.79 -4.89 -30.94
C ASN D 313 9.78 -5.93 -32.03
N ILE D 314 10.73 -6.85 -31.97
CA ILE D 314 10.82 -7.90 -32.98
C ILE D 314 9.50 -8.68 -33.05
N PHE D 315 8.88 -8.89 -31.90
CA PHE D 315 7.66 -9.62 -31.82
C PHE D 315 6.60 -8.98 -32.69
N LEU D 316 6.47 -7.67 -32.62
CA LEU D 316 5.51 -6.97 -33.46
C LEU D 316 5.95 -6.96 -34.93
N GLU D 317 7.24 -6.88 -35.15
CA GLU D 317 7.76 -6.81 -36.49
C GLU D 317 7.36 -8.08 -37.22
N ILE D 318 7.46 -9.21 -36.54
CA ILE D 318 7.10 -10.48 -37.13
C ILE D 318 5.61 -10.55 -37.33
N LEU D 319 4.88 -10.10 -36.32
CA LEU D 319 3.44 -10.16 -36.34
C LEU D 319 2.84 -9.36 -37.48
N TYR D 320 3.39 -8.20 -37.76
CA TYR D 320 2.84 -7.35 -38.80
C TYR D 320 3.45 -7.64 -40.15
N SER D 321 4.37 -8.58 -40.23
CA SER D 321 5.06 -8.82 -41.50
C SER D 321 4.12 -9.38 -42.54
N THR D 322 4.30 -8.93 -43.78
CA THR D 322 3.54 -9.48 -44.90
C THR D 322 4.34 -10.55 -45.65
N ASP D 323 5.63 -10.67 -45.37
CA ASP D 323 6.50 -11.58 -46.13
C ASP D 323 6.05 -13.04 -46.01
N PRO D 324 5.94 -13.74 -47.15
CA PRO D 324 5.54 -15.14 -47.08
C PRO D 324 6.55 -16.03 -46.37
N LYS D 325 7.83 -15.67 -46.42
CA LYS D 325 8.83 -16.46 -45.69
C LYS D 325 8.57 -16.44 -44.18
N LEU D 326 8.03 -15.33 -43.68
CA LEU D 326 7.76 -15.19 -42.25
C LEU D 326 6.39 -15.72 -41.83
N LYS D 327 5.67 -16.33 -42.75
CA LYS D 327 4.28 -16.69 -42.51
C LYS D 327 4.14 -17.66 -41.35
N ASP D 328 5.03 -18.64 -41.28
CA ASP D 328 4.93 -19.63 -40.20
C ASP D 328 5.15 -18.99 -38.86
N ALA D 329 6.14 -18.12 -38.77
CA ALA D 329 6.42 -17.42 -37.51
C ALA D 329 5.21 -16.53 -37.15
N ARG D 330 4.67 -15.85 -38.15
CA ARG D 330 3.59 -14.94 -37.96
C ARG D 330 2.38 -15.67 -37.38
N GLU D 331 2.11 -16.88 -37.89
CA GLU D 331 0.95 -17.65 -37.45
C GLU D 331 1.00 -17.96 -35.97
N ILE D 332 2.18 -18.29 -35.48
CA ILE D 332 2.33 -18.67 -34.10
C ILE D 332 2.00 -17.51 -33.19
N LEU D 333 2.50 -16.32 -33.54
CA LEU D 333 2.20 -15.13 -32.76
C LEU D 333 0.70 -14.82 -32.82
N LYS D 334 0.09 -15.04 -33.99
CA LYS D 334 -1.33 -14.83 -34.16
C LYS D 334 -2.12 -15.75 -33.25
N GLN D 335 -1.65 -16.97 -33.12
CA GLN D 335 -2.31 -17.92 -32.24
C GLN D 335 -2.25 -17.45 -30.80
N ILE D 336 -1.15 -16.80 -30.43
CA ILE D 336 -1.03 -16.22 -29.09
C ILE D 336 -2.10 -15.17 -28.88
N GLU D 337 -2.29 -14.30 -29.86
CA GLU D 337 -3.28 -13.24 -29.77
C GLU D 337 -4.68 -13.81 -29.56
N TYR D 338 -5.00 -14.87 -30.31
CA TYR D 338 -6.31 -15.52 -30.20
C TYR D 338 -6.42 -16.36 -28.96
N ARG D 339 -5.30 -16.58 -28.27
CA ARG D 339 -5.26 -17.41 -27.07
C ARG D 339 -5.39 -18.89 -27.41
N ASN D 340 -4.96 -19.24 -28.61
CA ASN D 340 -4.93 -20.61 -29.04
C ASN D 340 -3.55 -21.19 -28.70
N LEU D 341 -3.33 -21.47 -27.44
CA LEU D 341 -2.00 -21.89 -26.95
C LEU D 341 -1.82 -23.38 -26.91
N PHE D 342 -0.59 -23.83 -26.85
CA PHE D 342 -0.32 -25.23 -26.61
C PHE D 342 -0.90 -25.52 -25.26
N LYS D 343 -1.36 -26.73 -25.06
CA LYS D 343 -2.11 -27.06 -23.90
C LYS D 343 -1.29 -27.76 -22.85
N TYR D 344 -1.50 -27.34 -21.61
CA TYR D 344 -0.75 -27.89 -20.49
C TYR D 344 -1.38 -29.21 -20.08
N VAL D 345 -0.57 -30.25 -19.93
CA VAL D 345 -1.09 -31.55 -19.57
C VAL D 345 -0.93 -31.87 -18.10
N GLY D 346 0.28 -31.65 -17.57
CA GLY D 346 0.57 -32.04 -16.20
C GLY D 346 1.95 -31.64 -15.74
N GLU D 347 2.14 -31.72 -14.43
CA GLU D 347 3.42 -31.46 -13.79
C GLU D 347 3.76 -32.66 -12.93
N THR D 348 5.02 -33.04 -12.92
CA THR D 348 5.48 -34.16 -12.12
C THR D 348 6.90 -33.88 -11.60
N GLN D 349 7.34 -34.70 -10.65
CA GLN D 349 8.68 -34.58 -10.08
C GLN D 349 9.44 -35.89 -10.07
N PRO D 350 10.77 -35.83 -10.32
CA PRO D 350 11.53 -37.07 -10.17
C PRO D 350 11.65 -37.49 -8.71
N THR D 351 11.89 -38.78 -8.49
CA THR D 351 11.92 -39.35 -7.14
C THR D 351 13.29 -39.92 -6.79
N GLY D 352 13.56 -40.00 -5.49
CA GLY D 352 14.77 -40.65 -5.00
C GLY D 352 16.04 -39.96 -5.42
N GLN D 353 16.97 -40.72 -5.96
CA GLN D 353 18.25 -40.18 -6.37
C GLN D 353 18.10 -39.31 -7.62
N ILE D 354 17.10 -39.64 -8.45
CA ILE D 354 17.11 -39.23 -9.84
C ILE D 354 17.07 -37.73 -10.09
N LYS D 355 17.89 -37.30 -11.04
CA LYS D 355 17.88 -35.94 -11.57
C LYS D 355 18.00 -36.06 -13.10
N ILE D 356 17.57 -35.05 -13.84
CA ILE D 356 17.55 -35.12 -15.30
C ILE D 356 18.62 -34.25 -15.91
N LYS D 357 19.48 -34.89 -16.69
CA LYS D 357 20.61 -34.23 -17.32
C LYS D 357 20.14 -33.40 -18.54
N ARG D 358 20.87 -32.33 -18.85
CA ARG D 358 20.55 -31.40 -19.96
C ARG D 358 20.52 -32.14 -21.31
N GLU D 359 21.45 -33.07 -21.52
CA GLU D 359 21.49 -33.87 -22.75
C GLU D 359 20.20 -34.67 -23.00
N ASP D 360 19.58 -35.13 -21.91
CA ASP D 360 18.38 -35.95 -21.99
C ASP D 360 17.13 -35.19 -22.42
N TYR D 361 17.16 -33.86 -22.36
CA TYR D 361 15.97 -33.06 -22.64
C TYR D 361 15.39 -33.36 -24.02
N GLU D 362 16.26 -33.50 -25.03
CA GLU D 362 15.80 -33.78 -26.40
C GLU D 362 14.98 -35.08 -26.42
N SER D 363 15.44 -36.08 -25.66
CA SER D 363 14.82 -37.40 -25.64
C SER D 363 13.42 -37.45 -25.06
N LEU D 364 13.14 -36.55 -24.11
CA LEU D 364 11.97 -36.68 -23.27
C LEU D 364 10.63 -36.68 -24.00
N PRO D 365 10.45 -35.80 -25.01
CA PRO D 365 9.19 -35.92 -25.72
C PRO D 365 8.98 -37.30 -26.34
N LYS D 366 10.03 -37.90 -26.88
CA LYS D 366 9.90 -39.22 -27.49
C LYS D 366 9.51 -40.24 -26.43
N GLU D 367 10.06 -40.08 -25.23
CA GLU D 367 9.80 -41.00 -24.11
C GLU D 367 8.34 -41.04 -23.75
N VAL D 368 7.71 -39.88 -23.73
CA VAL D 368 6.31 -39.78 -23.38
C VAL D 368 5.44 -40.44 -24.45
N ALA D 369 5.78 -40.22 -25.72
CA ALA D 369 5.03 -40.87 -26.84
C ALA D 369 5.19 -42.39 -26.81
N SER D 370 6.35 -42.84 -26.39
CA SER D 370 6.64 -44.25 -26.31
C SER D 370 5.79 -44.97 -25.27
N ALA D 371 5.39 -44.30 -24.20
CA ALA D 371 4.59 -44.97 -23.15
C ALA D 371 3.29 -45.52 -23.72
N LYS D 372 2.88 -46.69 -23.29
CA LYS D 372 1.70 -47.33 -23.81
C LYS D 372 0.69 -47.44 -22.68
N PRO D 373 -0.15 -46.39 -22.54
CA PRO D 373 -1.12 -46.51 -21.45
C PRO D 373 -2.17 -47.65 -21.66
N LYS D 374 -2.57 -48.33 -20.60
CA LYS D 374 -3.69 -49.29 -20.72
C LYS D 374 -5.05 -48.59 -20.82
N VAL D 375 -5.28 -47.85 -21.88
CA VAL D 375 -6.61 -47.34 -22.12
C VAL D 375 -6.84 -47.27 -23.60
N LEU D 376 -8.11 -47.37 -23.99
CA LEU D 376 -8.43 -47.33 -25.40
C LEU D 376 -8.34 -45.89 -25.87
N LEU D 377 -7.58 -45.70 -26.94
CA LEU D 377 -7.34 -44.39 -27.48
C LEU D 377 -7.76 -44.34 -28.94
N ASP D 378 -8.61 -43.38 -29.28
CA ASP D 378 -8.94 -43.16 -30.68
C ASP D 378 -7.79 -42.56 -31.47
N VAL D 379 -7.02 -41.65 -30.85
CA VAL D 379 -5.96 -40.95 -31.56
C VAL D 379 -4.63 -41.26 -30.91
N LYS D 380 -3.59 -41.29 -31.75
CA LYS D 380 -2.26 -41.63 -31.31
C LYS D 380 -1.36 -40.42 -31.50
N LEU D 381 -0.75 -39.99 -30.41
CA LEU D 381 0.15 -38.86 -30.44
C LEU D 381 1.58 -39.25 -30.82
N LYS D 382 2.35 -38.26 -31.23
CA LYS D 382 3.71 -38.43 -31.68
C LYS D 382 4.63 -37.56 -30.83
N ALA D 383 5.91 -37.92 -30.84
CA ALA D 383 6.90 -37.23 -30.05
C ALA D 383 6.92 -35.74 -30.36
N GLU D 384 6.79 -35.40 -31.63
CA GLU D 384 6.77 -34.00 -32.05
C GLU D 384 5.59 -33.25 -31.45
N ASP D 385 4.51 -33.98 -31.19
CA ASP D 385 3.31 -33.37 -30.58
C ASP D 385 3.55 -32.84 -29.16
N PHE D 386 4.42 -33.50 -28.39
CA PHE D 386 4.63 -33.13 -27.00
C PHE D 386 5.74 -32.09 -26.82
N ILE D 387 5.60 -31.30 -25.76
CA ILE D 387 6.63 -30.40 -25.27
C ILE D 387 6.88 -30.73 -23.82
N VAL D 388 8.15 -30.92 -23.47
CA VAL D 388 8.51 -31.20 -22.08
C VAL D 388 9.49 -30.14 -21.61
N ASP D 389 9.13 -29.49 -20.51
CA ASP D 389 9.90 -28.40 -19.97
C ASP D 389 10.39 -28.82 -18.62
N VAL D 390 11.70 -28.75 -18.43
CA VAL D 390 12.31 -29.11 -17.16
C VAL D 390 12.77 -27.85 -16.46
N ILE D 391 12.35 -27.67 -15.23
CA ILE D 391 12.66 -26.46 -14.49
C ILE D 391 13.40 -26.84 -13.23
N ASN D 392 14.53 -26.17 -13.01
CA ASN D 392 15.32 -26.44 -11.81
C ASN D 392 15.08 -25.36 -10.79
N MET D 393 14.51 -25.74 -9.65
CA MET D 393 14.19 -24.83 -8.56
C MET D 393 15.13 -25.06 -7.40
N ASP D 394 15.80 -23.99 -6.99
CA ASP D 394 16.80 -24.04 -5.95
C ASP D 394 17.02 -22.69 -5.30
N TYR D 395 17.79 -22.73 -4.23
CA TYR D 395 18.12 -21.56 -3.45
C TYR D 395 19.25 -20.75 -4.12
N GLY D 396 19.49 -20.97 -5.42
CA GLY D 396 20.47 -20.23 -6.19
C GLY D 396 21.88 -20.77 -6.11
N MET D 397 22.06 -21.84 -5.34
CA MET D 397 23.35 -22.48 -5.15
C MET D 397 23.25 -23.95 -5.55
N GLN D 398 22.26 -24.24 -6.41
CA GLN D 398 21.94 -25.60 -6.76
C GLN D 398 21.54 -26.30 -5.46
N GLU D 399 22.14 -27.47 -5.20
N GLU D 399 22.15 -27.45 -5.16
CA GLU D 399 21.88 -28.25 -3.99
CA GLU D 399 21.80 -28.24 -3.98
C GLU D 399 22.29 -27.56 -2.69
C GLU D 399 22.31 -27.58 -2.67
N LYS D 400 23.21 -26.59 -2.76
CA LYS D 400 23.80 -25.99 -1.56
C LYS D 400 22.85 -25.02 -0.87
N ASN D 401 22.99 -24.95 0.45
CA ASN D 401 22.30 -23.97 1.26
C ASN D 401 23.05 -22.64 1.27
N PRO D 402 22.43 -21.57 0.74
CA PRO D 402 23.17 -20.30 0.71
C PRO D 402 23.57 -19.74 2.09
N ILE D 403 22.78 -20.01 3.13
CA ILE D 403 23.00 -19.39 4.44
C ILE D 403 24.24 -19.96 5.11
N ASP D 404 24.65 -21.14 4.70
CA ASP D 404 25.97 -21.65 5.06
C ASP D 404 27.09 -20.77 4.52
N HIS D 405 26.83 -20.05 3.44
CA HIS D 405 27.78 -19.09 2.87
C HIS D 405 27.51 -17.61 3.22
N VAL D 406 26.79 -17.39 4.33
CA VAL D 406 26.59 -16.07 4.89
C VAL D 406 27.33 -15.92 6.22
N SER D 407 27.78 -14.69 6.47
CA SER D 407 28.51 -14.36 7.69
C SER D 407 27.67 -13.46 8.56
N PHE D 408 27.68 -13.76 9.85
CA PHE D 408 26.89 -13.00 10.80
C PHE D 408 27.75 -12.33 11.85
N TYR D 409 27.19 -11.30 12.47
CA TYR D 409 27.80 -10.71 13.66
C TYR D 409 26.76 -10.56 14.75
N CYS D 410 27.23 -10.40 15.98
CA CYS D 410 26.40 -10.37 17.15
C CYS D 410 26.44 -9.01 17.77
N LYS D 411 25.39 -8.71 18.51
CA LYS D 411 25.28 -7.41 19.16
C LYS D 411 26.42 -7.21 20.15
N THR D 412 26.80 -8.28 20.84
CA THR D 412 27.88 -8.23 21.83
C THR D 412 29.27 -7.96 21.26
N ALA D 413 29.56 -8.40 20.03
CA ALA D 413 30.85 -8.11 19.39
C ALA D 413 30.64 -7.88 17.89
N PRO D 414 30.28 -6.64 17.53
CA PRO D 414 29.93 -6.34 16.15
C PRO D 414 31.01 -6.54 15.11
N ASN D 415 32.27 -6.55 15.54
CA ASN D 415 33.36 -6.79 14.57
C ASN D 415 33.75 -8.23 14.31
N ARG D 416 33.31 -9.14 15.17
CA ARG D 416 33.66 -10.53 15.03
C ARG D 416 32.59 -11.27 14.23
N ALA D 417 32.98 -11.77 13.06
CA ALA D 417 32.10 -12.56 12.21
C ALA D 417 31.92 -13.96 12.77
N ILE D 418 30.74 -14.53 12.56
CA ILE D 418 30.43 -15.88 13.00
C ILE D 418 29.62 -16.60 11.95
N ARG D 419 29.49 -17.91 12.13
CA ARG D 419 28.83 -18.77 11.16
C ARG D 419 27.63 -19.41 11.85
N ILE D 420 26.52 -19.52 11.14
CA ILE D 420 25.32 -20.12 11.70
C ILE D 420 24.85 -21.25 10.81
N THR D 421 24.81 -22.44 11.38
CA THR D 421 24.34 -23.65 10.68
C THR D 421 22.84 -23.73 10.66
N LYS D 422 22.32 -24.58 9.77
CA LYS D 422 20.89 -24.74 9.58
C LYS D 422 20.22 -25.21 10.86
N ASN D 423 20.89 -26.11 11.58
CA ASN D 423 20.36 -26.66 12.81
C ASN D 423 20.13 -25.60 13.87
N GLN D 424 20.96 -24.58 13.86
CA GLN D 424 20.81 -23.49 14.80
C GLN D 424 19.56 -22.67 14.53
N VAL D 425 19.18 -22.53 13.27
CA VAL D 425 18.00 -21.75 12.93
C VAL D 425 16.72 -22.55 13.14
N SER D 426 16.66 -23.75 12.57
CA SER D 426 15.44 -24.55 12.62
C SER D 426 15.64 -26.02 12.22
N GLN D 427 14.84 -26.86 12.84
CA GLN D 427 14.74 -28.25 12.53
C GLN D 427 13.78 -28.47 11.36
N LEU D 428 12.91 -27.50 11.10
CA LEU D 428 11.92 -27.59 10.01
C LEU D 428 12.47 -27.32 8.59
N LEU D 429 13.62 -26.67 8.48
CA LEU D 429 14.21 -26.30 7.20
C LEU D 429 14.64 -27.48 6.30
N PRO D 430 14.57 -27.31 4.96
CA PRO D 430 14.74 -28.50 4.12
C PRO D 430 16.16 -29.08 4.12
N GLU D 431 16.22 -30.40 3.96
CA GLU D 431 17.50 -31.12 3.88
C GLU D 431 18.25 -30.78 2.59
N LYS D 432 17.50 -30.62 1.49
CA LYS D 432 18.07 -30.15 0.23
C LYS D 432 17.35 -28.89 -0.21
N PHE D 433 18.05 -28.03 -0.93
CA PHE D 433 17.47 -26.75 -1.33
C PHE D 433 17.18 -26.66 -2.82
N ALA D 434 17.23 -27.79 -3.52
CA ALA D 434 16.97 -27.85 -4.96
C ALA D 434 16.04 -28.99 -5.31
N GLU D 435 15.12 -28.71 -6.22
CA GLU D 435 14.26 -29.73 -6.79
C GLU D 435 13.87 -29.41 -8.23
N GLN D 436 13.40 -30.44 -8.92
CA GLN D 436 13.07 -30.32 -10.34
C GLN D 436 11.58 -30.50 -10.60
N LEU D 437 11.06 -29.68 -11.50
CA LEU D 437 9.71 -29.79 -11.95
C LEU D 437 9.68 -30.14 -13.42
N ILE D 438 8.82 -31.08 -13.79
CA ILE D 438 8.64 -31.44 -15.19
C ILE D 438 7.24 -31.10 -15.64
N ARG D 439 7.15 -30.27 -16.67
CA ARG D 439 5.85 -29.87 -17.19
C ARG D 439 5.70 -30.39 -18.60
N VAL D 440 4.53 -30.96 -18.89
CA VAL D 440 4.26 -31.52 -20.19
C VAL D 440 3.11 -30.81 -20.88
N TYR D 441 3.31 -30.46 -22.14
CA TYR D 441 2.30 -29.74 -22.91
C TYR D 441 2.07 -30.48 -24.19
N CYS D 442 0.88 -30.34 -24.75
CA CYS D 442 0.54 -30.96 -26.00
C CYS D 442 0.32 -29.89 -27.05
N LYS D 443 0.97 -30.04 -28.20
CA LYS D 443 0.80 -29.10 -29.32
C LYS D 443 -0.58 -29.21 -29.98
N LYS D 444 -1.17 -30.39 -30.02
CA LYS D 444 -2.53 -30.53 -30.57
C LYS D 444 -3.54 -30.25 -29.47
N VAL D 445 -4.46 -29.32 -29.75
CA VAL D 445 -5.34 -28.79 -28.71
C VAL D 445 -6.73 -29.38 -28.65
N ASP D 446 -7.10 -30.25 -29.59
CA ASP D 446 -8.46 -30.78 -29.62
C ASP D 446 -8.73 -31.61 -28.35
N ARG D 447 -9.99 -31.73 -27.99
CA ARG D 447 -10.38 -32.45 -26.79
C ARG D 447 -9.92 -33.91 -26.82
N LYS D 448 -10.05 -34.55 -27.98
CA LYS D 448 -9.64 -35.95 -28.10
C LYS D 448 -8.14 -36.08 -27.87
N SER D 449 -7.36 -35.17 -28.43
CA SER D 449 -5.88 -35.21 -28.29
C SER D 449 -5.46 -34.98 -26.87
N LEU D 450 -6.14 -34.03 -26.22
CA LEU D 450 -5.82 -33.68 -24.84
C LEU D 450 -6.05 -34.85 -23.89
N TYR D 451 -7.17 -35.55 -24.07
CA TYR D 451 -7.46 -36.75 -23.28
C TYR D 451 -6.36 -37.81 -23.45
N ALA D 452 -5.94 -38.03 -24.70
CA ALA D 452 -4.89 -38.95 -25.00
C ALA D 452 -3.59 -38.55 -24.31
N ALA D 453 -3.25 -37.28 -24.38
CA ALA D 453 -1.98 -36.78 -23.85
C ALA D 453 -1.87 -37.00 -22.36
N ARG D 454 -3.00 -36.90 -21.67
CA ARG D 454 -3.04 -37.13 -20.23
C ARG D 454 -2.72 -38.58 -19.89
N GLN D 455 -3.24 -39.48 -20.71
CA GLN D 455 -2.99 -40.91 -20.52
C GLN D 455 -1.52 -41.23 -20.76
N TYR D 456 -0.98 -40.67 -21.83
CA TYR D 456 0.46 -40.81 -22.10
C TYR D 456 1.31 -40.31 -20.94
N PHE D 457 0.95 -39.13 -20.47
CA PHE D 457 1.68 -38.46 -19.42
C PHE D 457 1.67 -39.22 -18.09
N VAL D 458 0.49 -39.64 -17.65
CA VAL D 458 0.39 -40.30 -16.37
C VAL D 458 1.08 -41.66 -16.43
N GLN D 459 0.95 -42.35 -17.56
CA GLN D 459 1.61 -43.64 -17.72
C GLN D 459 3.12 -43.46 -17.65
N TRP D 460 3.58 -42.42 -18.34
CA TRP D 460 4.98 -42.12 -18.38
C TRP D 460 5.50 -41.84 -16.97
N CYS D 461 4.70 -41.13 -16.18
CA CYS D 461 5.09 -40.85 -14.81
C CYS D 461 5.24 -42.15 -14.05
N ALA D 462 4.28 -43.04 -14.26
CA ALA D 462 4.28 -44.33 -13.59
C ALA D 462 5.49 -45.14 -14.00
N ASP D 463 5.76 -45.14 -15.31
CA ASP D 463 6.89 -45.92 -15.87
C ASP D 463 8.19 -45.44 -15.27
N ARG D 464 8.34 -44.13 -15.18
CA ARG D 464 9.60 -43.54 -14.74
C ARG D 464 9.70 -43.45 -13.23
N ASN D 465 8.66 -43.87 -12.54
CA ASN D 465 8.60 -43.76 -11.09
C ASN D 465 8.66 -42.32 -10.58
N PHE D 466 8.05 -41.41 -11.35
CA PHE D 466 7.95 -40.02 -10.97
C PHE D 466 6.80 -39.85 -10.02
N THR D 467 6.72 -38.70 -9.37
CA THR D 467 5.65 -38.45 -8.42
C THR D 467 4.34 -38.37 -9.16
N LYS D 468 3.28 -38.83 -8.49
CA LYS D 468 1.93 -38.84 -9.06
C LYS D 468 1.45 -37.43 -9.30
N PRO D 469 0.93 -37.12 -10.51
CA PRO D 469 0.35 -35.80 -10.65
C PRO D 469 -0.79 -35.56 -9.68
N GLN D 470 -0.96 -34.32 -9.28
CA GLN D 470 -1.95 -33.97 -8.29
C GLN D 470 -3.35 -34.28 -8.75
N ASP D 471 -3.63 -34.01 -10.02
CA ASP D 471 -4.96 -34.22 -10.58
C ASP D 471 -5.07 -35.61 -11.28
N GLY D 472 -4.09 -36.48 -11.03
CA GLY D 472 -3.96 -37.72 -11.77
C GLY D 472 -5.19 -38.61 -11.66
N ASP D 473 -5.78 -38.67 -10.48
CA ASP D 473 -6.96 -39.52 -10.27
C ASP D 473 -8.06 -39.09 -11.19
N VAL D 474 -8.24 -37.78 -11.34
CA VAL D 474 -9.26 -37.25 -12.23
C VAL D 474 -8.92 -37.35 -13.73
N ILE D 475 -7.69 -37.01 -14.13
CA ILE D 475 -7.34 -37.01 -15.55
C ILE D 475 -7.05 -38.40 -16.12
N ALA D 476 -6.50 -39.29 -15.31
CA ALA D 476 -6.25 -40.64 -15.75
C ALA D 476 -6.74 -41.65 -14.70
N PRO D 477 -8.07 -41.76 -14.51
CA PRO D 477 -8.52 -42.70 -13.48
C PRO D 477 -8.14 -44.15 -13.75
N LEU D 478 -8.10 -44.54 -15.02
CA LEU D 478 -7.70 -45.93 -15.36
C LEU D 478 -6.23 -46.22 -15.13
N ILE D 479 -5.37 -45.25 -15.42
CA ILE D 479 -3.91 -45.42 -15.27
C ILE D 479 -3.44 -45.47 -13.83
N VAL D 480 -4.01 -44.63 -12.95
CA VAL D 480 -3.45 -44.48 -11.60
C VAL D 480 -3.54 -45.76 -10.74
N PRO D 481 -4.63 -46.55 -10.86
CA PRO D 481 -4.69 -47.77 -10.03
C PRO D 481 -3.52 -48.74 -10.24
N GLN D 482 -2.95 -48.77 -11.45
CA GLN D 482 -1.87 -49.71 -11.75
C GLN D 482 -0.63 -49.54 -10.84
N LYS D 483 -0.28 -48.31 -10.50
CA LYS D 483 0.90 -48.09 -9.69
C LYS D 483 0.58 -48.25 -8.20
N LYS D 484 1.15 -49.27 -7.58
CA LYS D 484 0.91 -49.53 -6.15
C LYS D 484 1.34 -48.38 -5.27
N GLU D 485 2.46 -47.79 -5.60
CA GLU D 485 3.09 -46.75 -4.80
C GLU D 485 2.16 -45.54 -4.68
N TRP D 486 1.40 -45.26 -5.73
CA TRP D 486 0.43 -44.19 -5.70
C TRP D 486 -0.81 -44.57 -4.91
N ASN D 487 -1.18 -45.85 -4.90
CA ASN D 487 -2.39 -46.30 -4.17
C ASN D 487 -2.01 -47.00 -2.88
PG DGT E . -10.79 12.17 -18.86
O1G DGT E . -11.56 13.45 -19.09
O2G DGT E . -9.62 12.38 -17.95
O3G DGT E . -11.62 10.94 -18.58
O3B DGT E . -10.14 11.74 -20.27
PB DGT E . -10.98 10.81 -21.30
O1B DGT E . -10.42 10.95 -22.68
O2B DGT E . -12.43 11.19 -21.08
O3A DGT E . -10.78 9.30 -20.73
PA DGT E . -9.85 8.15 -21.39
O1A DGT E . -9.94 8.19 -22.88
O2A DGT E . -10.17 6.85 -20.71
O5' DGT E . -8.37 8.62 -20.90
C5' DGT E . -7.87 8.32 -19.58
C4' DGT E . -6.36 8.53 -19.51
O4' DGT E . -5.94 9.52 -20.43
C3' DGT E . -5.86 8.96 -18.15
O3' DGT E . -4.77 8.19 -17.69
C2' DGT E . -5.31 10.33 -18.30
C1' DGT E . -5.31 10.63 -19.77
N9 DGT E . -6.13 11.82 -20.12
C8 DGT E . -7.45 12.00 -19.90
N7 DGT E . -7.87 13.20 -20.41
C5 DGT E . -6.79 13.79 -20.98
C6 DGT E . -6.53 15.05 -21.69
O6 DGT E . -7.46 15.85 -21.88
N1 DGT E . -5.26 15.29 -22.10
C2 DGT E . -4.24 14.40 -21.89
N2 DGT E . -2.97 14.64 -22.33
N3 DGT E . -4.42 13.22 -21.25
C4 DGT E . -5.64 12.89 -20.77
PG DGT F . 13.29 20.59 -12.97
O1G DGT F . 12.76 21.97 -13.27
O2G DGT F . 14.32 20.14 -14.00
O3G DGT F . 13.58 20.25 -11.52
O3B DGT F . 11.95 19.71 -13.27
PB DGT F . 11.89 18.24 -13.88
O1B DGT F . 13.16 17.89 -14.58
O2B DGT F . 10.69 18.24 -14.76
O3A DGT F . 11.62 17.34 -12.56
PA DGT F . 10.18 17.05 -11.83
O1A DGT F . 9.07 17.75 -12.57
O2A DGT F . 10.28 17.25 -10.34
O5' DGT F . 10.05 15.45 -11.96
C5' DGT F . 11.03 14.62 -11.33
C4' DGT F . 10.52 13.20 -11.13
O4' DGT F . 9.41 13.24 -10.24
C3' DGT F . 9.99 12.61 -12.43
O3' DGT F . 10.26 11.20 -12.32
C2' DGT F . 8.51 12.90 -12.46
C1' DGT F . 8.19 12.98 -10.98
N9 DGT F . 7.25 14.01 -10.56
C8 DGT F . 7.03 15.23 -11.07
N7 DGT F . 6.07 15.90 -10.36
C5 DGT F . 5.68 15.09 -9.37
C6 DGT F . 4.72 15.13 -8.26
O6 DGT F . 3.99 16.13 -8.02
N1 DGT F . 4.66 14.03 -7.50
C2 DGT F . 5.44 12.95 -7.71
N2 DGT F . 5.35 11.89 -6.88
N3 DGT F . 6.34 12.82 -8.70
C4 DGT F . 6.48 13.85 -9.53
PG DGT G . 16.83 19.83 -17.27
O1G DGT G . 18.10 19.09 -17.55
O2G DGT G . 16.82 21.28 -17.69
O3G DGT G . 16.19 19.46 -15.96
O3B DGT G . 15.85 19.18 -18.38
PB DGT G . 14.26 18.97 -18.15
O1B DGT G . 13.62 19.76 -19.26
O2B DGT G . 13.92 19.22 -16.69
O3A DGT G . 14.19 17.42 -18.63
PA DGT G . 14.63 16.26 -17.60
O1A DGT G . 15.73 15.41 -18.12
O2A DGT G . 14.85 16.78 -16.19
O5' DGT G . 13.33 15.30 -17.67
C5' DGT G . 12.29 15.54 -16.73
C4' DGT G . 12.41 14.53 -15.63
O4' DGT G . 12.28 13.20 -16.19
C3' DGT G . 13.73 14.50 -14.91
O3' DGT G . 13.52 15.32 -13.79
C2' DGT G . 13.93 13.04 -14.50
C1' DGT G . 12.84 12.27 -15.24
N9 DGT G . 13.31 11.11 -16.03
C8 DGT G . 12.68 9.94 -16.14
N7 DGT G . 13.29 9.07 -16.96
C5 DGT G . 14.40 9.70 -17.36
C6 DGT G . 15.52 9.37 -18.22
O6 DGT G . 15.59 8.26 -18.75
N1 DGT G . 16.45 10.29 -18.43
C2 DGT G . 16.38 11.49 -17.84
N2 DGT G . 17.34 12.43 -18.05
N3 DGT G . 15.39 11.87 -17.04
C4 DGT G . 14.40 11.03 -16.77
PG DGT H . -25.36 8.61 8.05
O1G DGT H . -25.45 7.54 7.00
O2G DGT H . -25.83 9.90 7.50
O3G DGT H . -25.87 8.27 9.43
O3B DGT H . -23.78 8.94 8.20
PB DGT H . -22.78 8.21 9.24
O1B DGT H . -22.00 9.25 10.00
O2B DGT H . -23.55 7.21 10.06
O3A DGT H . -21.86 7.44 8.21
PA DGT H . -20.41 7.95 7.64
O1A DGT H . -20.44 7.61 6.17
O2A DGT H . -20.11 9.39 7.98
O5' DGT H . -19.33 6.94 8.26
C5' DGT H . -19.28 5.61 7.74
C4' DGT H . -17.91 4.97 7.88
O4' DGT H . -17.06 5.51 6.89
C3' DGT H . -17.21 5.26 9.18
O3' DGT H . -16.38 4.15 9.49
C2' DGT H . -16.39 6.49 8.93
C1' DGT H . -16.09 6.35 7.47
N9 DGT H . -16.11 7.59 6.69
C8 DGT H . -16.85 8.68 6.86
N7 DGT H . -16.55 9.61 5.91
C5 DGT H . -15.60 9.08 5.13
C6 DGT H . -14.83 9.52 3.97
O6 DGT H . -15.06 10.63 3.47
N1 DGT H . -13.93 8.68 3.47
C2 DGT H . -13.72 7.44 3.98
N2 DGT H . -12.78 6.62 3.41
N3 DGT H . -14.38 6.97 5.07
C4 DGT H . -15.31 7.75 5.65
MG MG I . -6.94 -21.03 -17.42
PG DGT J . -3.76 -18.39 15.95
O1G DGT J . -2.67 -19.27 16.49
O2G DGT J . -3.29 -17.39 14.93
O3G DGT J . -5.03 -19.12 15.58
O3B DGT J . -4.21 -17.50 17.21
PB DGT J . -5.45 -17.93 18.14
O1B DGT J . -5.55 -19.43 18.16
O2B DGT J . -5.34 -17.18 19.44
O3A DGT J . -6.73 -17.34 17.37
PA DGT J . -7.34 -15.91 17.77
O1A DGT J . -7.91 -15.28 16.52
O2A DGT J . -8.19 -16.06 18.99
O5' DGT J . -6.02 -15.08 18.15
C5' DGT J . -5.07 -14.72 17.15
C4' DGT J . -4.24 -13.56 17.66
O4' DGT J . -3.60 -13.94 18.88
C3' DGT J . -3.17 -13.16 16.68
O3' DGT J . -3.38 -11.82 16.25
C2' DGT J . -1.86 -13.22 17.44
C1' DGT J . -2.22 -13.59 18.85
N9 DGT J . -1.40 -14.73 19.32
C8 DGT J . -1.60 -16.03 19.01
N7 DGT J . -0.66 -16.83 19.60
C5 DGT J . 0.15 -16.01 20.30
C6 DGT J . 1.35 -16.19 21.15
O6 DGT J . 1.82 -17.32 21.36
N1 DGT J . 1.90 -15.09 21.69
C2 DGT J . 1.40 -13.85 21.48
N2 DGT J . 2.01 -12.80 22.06
N3 DGT J . 0.31 -13.63 20.71
C4 DGT J . -0.34 -14.64 20.10
MG MG K . -7.02 -19.25 14.53
MG MG L . -25.28 6.29 10.57
PG DGT M . -27.70 6.60 12.63
O1G DGT M . -27.93 5.19 13.11
O2G DGT M . -26.94 6.55 11.33
O3G DGT M . -28.75 7.66 12.77
O3B DGT M . -26.70 7.19 13.72
PB DGT M . -25.44 8.13 13.39
O1B DGT M . -25.22 8.17 11.88
O2B DGT M . -25.59 9.40 14.18
O3A DGT M . -24.27 7.39 14.21
PA DGT M . -23.86 5.92 13.74
O1A DGT M . -24.41 5.67 12.36
O2A DGT M . -24.11 4.97 14.85
O5' DGT M . -22.25 6.10 13.73
C5' DGT M . -21.53 6.77 12.71
C4' DGT M . -20.70 5.71 12.00
O4' DGT M . -19.77 5.11 12.91
C3' DGT M . -21.46 4.53 11.41
O3' DGT M . -21.84 4.83 10.08
C2' DGT M . -20.53 3.36 11.48
C1' DGT M . -19.37 3.85 12.33
N9 DGT M . -19.03 3.01 13.50
C8 DGT M . -17.77 2.72 13.93
N7 DGT M . -17.79 1.97 15.05
C5 DGT M . -19.08 1.78 15.35
C6 DGT M . -19.81 1.06 16.40
O6 DGT M . -19.23 0.45 17.33
N1 DGT M . -21.14 1.10 16.36
C2 DGT M . -21.81 1.76 15.41
N2 DGT M . -23.16 1.75 15.48
N3 DGT M . -21.21 2.44 14.42
C4 DGT M . -19.88 2.46 14.34
PG DGT N . -6.32 -22.77 -14.70
O1G DGT N . -6.61 -22.44 -16.14
O2G DGT N . -5.87 -24.18 -14.47
O3G DGT N . -7.47 -22.46 -13.80
O3B DGT N . -5.00 -21.87 -14.30
PB DGT N . -4.51 -20.52 -15.09
O1B DGT N . -3.04 -20.65 -15.36
O2B DGT N . -5.39 -20.24 -16.28
O3A DGT N . -4.86 -19.31 -14.09
PA DGT N . -4.12 -18.78 -12.74
O1A DGT N . -2.69 -19.28 -12.62
O2A DGT N . -5.02 -18.94 -11.54
O5' DGT N . -4.05 -17.20 -12.94
C5' DGT N . -5.13 -16.28 -12.84
C4' DGT N . -4.50 -14.91 -12.55
O4' DGT N . -3.83 -14.96 -11.30
C3' DGT N . -3.46 -14.49 -13.59
O3' DGT N . -3.56 -13.11 -13.96
C2' DGT N . -2.14 -14.80 -12.92
C1' DGT N . -2.46 -14.67 -11.46
N9 DGT N . -1.86 -15.64 -10.54
C8 DGT N . -1.53 -16.92 -10.73
N7 DGT N . -1.06 -17.47 -9.60
C5 DGT N . -1.09 -16.54 -8.68
C6 DGT N . -0.73 -16.50 -7.28
O6 DGT N . -0.29 -17.55 -6.74
N1 DGT N . -0.90 -15.33 -6.66
C2 DGT N . -1.42 -14.25 -7.29
N2 DGT N . -1.59 -13.10 -6.59
N3 DGT N . -1.78 -14.23 -8.58
C4 DGT N . -1.62 -15.35 -9.30
MG MG O . 17.43 -3.91 21.57
PG DGT P . 18.66 -3.63 24.80
O1G DGT P . 18.44 -3.47 23.32
O2G DGT P . 19.45 -4.78 25.39
O3G DGT P . 18.99 -2.36 25.48
O3B DGT P . 17.20 -4.08 25.34
PB DGT P . 16.23 -5.14 24.58
O1B DGT P . 16.72 -5.42 23.17
O2B DGT P . 15.96 -6.27 25.56
O3A DGT P . 14.85 -4.34 24.59
PA DGT P . 14.83 -2.93 23.85
O1A DGT P . 15.85 -2.98 22.75
O2A DGT P . 14.85 -1.85 24.89
O5' DGT P . 13.38 -3.03 23.21
C5' DGT P . 13.14 -3.98 22.18
C4' DGT P . 12.86 -3.15 20.93
O4' DGT P . 11.59 -2.51 21.08
C3' DGT P . 13.84 -2.05 20.64
O3' DGT P . 14.82 -2.56 19.71
C2' DGT P . 13.02 -0.92 20.05
C1' DGT P . 11.57 -1.32 20.29
N9 DGT P . 10.76 -0.35 21.05
C8 DGT P . 9.48 -0.06 20.80
N7 DGT P . 9.02 0.84 21.68
C5 DGT P . 10.02 1.13 22.52
C6 DGT P . 10.20 2.02 23.69
O6 DGT P . 9.25 2.75 24.10
N1 DGT P . 11.39 2.05 24.27
C2 DGT P . 12.42 1.30 23.84
N2 DGT P . 13.61 1.36 24.49
N3 DGT P . 12.31 0.45 22.79
C4 DGT P . 11.16 0.33 22.10
PG DGT Q . -3.04 20.89 12.92
O1G DGT Q . -1.60 20.88 12.48
O2G DGT Q . -3.95 19.85 12.32
O3G DGT Q . -3.60 22.28 12.98
O3B DGT Q . -2.99 20.47 14.49
PB DGT Q . -1.91 21.13 15.50
O1B DGT Q . -1.17 22.20 14.72
O2B DGT Q . -2.61 21.52 16.79
O3A DGT Q . -0.88 19.91 15.78
PA DGT Q . -1.15 18.85 16.97
O1A DGT Q . -0.03 17.85 17.01
O2A DGT Q . -1.55 19.60 18.19
O5' DGT Q . -2.45 18.10 16.38
C5' DGT Q . -2.36 17.08 15.38
C4' DGT Q . -3.58 16.17 15.47
O4' DGT Q . -4.68 16.92 15.98
C3' DGT Q . -4.07 15.57 14.15
O3' DGT Q . -3.97 14.14 14.13
C2' DGT Q . -5.51 15.97 13.99
C1' DGT Q . -5.87 16.41 15.39
N9 DGT Q . -6.97 17.40 15.49
C8 DGT Q . -6.91 18.76 15.35
N7 DGT Q . -8.14 19.31 15.56
C5 DGT Q . -9.00 18.30 15.84
C6 DGT Q . -10.43 18.13 16.18
O6 DGT Q . -11.21 19.12 16.23
N1 DGT Q . -10.92 16.89 16.38
C2 DGT Q . -10.13 15.80 16.34
N2 DGT Q . -10.70 14.58 16.58
N3 DGT Q . -8.81 15.85 16.06
C4 DGT Q . -8.21 17.04 15.80
MG MG R . 15.14 18.37 -14.67
PG DGT S . 18.53 -6.36 19.82
O1G DGT S . 18.82 -7.66 20.51
O2G DGT S . 19.36 -6.11 18.60
O3G DGT S . 18.52 -5.20 20.79
O3B DGT S . 17.07 -6.52 19.11
PB DGT S . 15.66 -5.91 19.64
O1B DGT S . 14.76 -7.05 20.06
O2B DGT S . 15.95 -4.77 20.59
O3A DGT S . 15.06 -5.21 18.29
PA DGT S . 14.49 -5.95 16.97
O1A DGT S . 15.46 -5.73 15.83
O2A DGT S . 13.93 -7.28 17.41
O5' DGT S . 13.25 -5.05 16.58
C5' DGT S . 13.38 -3.63 16.61
C4' DGT S . 12.13 -3.04 15.98
O4' DGT S . 11.85 -3.67 14.72
C3' DGT S . 10.91 -3.26 16.86
O3' DGT S . 10.03 -2.11 16.83
C2' DGT S . 10.25 -4.49 16.25
C1' DGT S . 10.66 -4.45 14.79
N9 DGT S . 10.94 -5.78 14.21
C8 DGT S . 11.47 -6.90 14.78
N7 DGT S . 11.57 -7.91 13.85
C5 DGT S . 11.10 -7.44 12.69
C6 DGT S . 10.92 -7.94 11.33
O6 DGT S . 11.22 -9.09 10.97
N1 DGT S . 10.39 -7.10 10.44
C2 DGT S . 10.04 -5.83 10.71
N2 DGT S . 9.52 -5.08 9.72
N3 DGT S . 10.18 -5.30 11.93
C4 DGT S . 10.70 -6.05 12.93
PG DGT T . 17.75 -14.20 -9.74
O1G DGT T . 18.87 -13.42 -9.06
O2G DGT T . 17.90 -15.70 -9.78
O3G DGT T . 16.40 -13.79 -9.28
O3B DGT T . 17.79 -13.80 -11.30
PB DGT T . 19.08 -13.18 -12.06
O1B DGT T . 19.05 -13.61 -13.51
O2B DGT T . 20.31 -13.43 -11.20
O3A DGT T . 18.86 -11.60 -12.04
PA DGT T . 18.42 -10.77 -13.36
O1A DGT T . 19.31 -11.13 -14.51
O2A DGT T . 18.29 -9.34 -13.01
O5' DGT T . 16.93 -11.35 -13.56
C5' DGT T . 15.95 -11.26 -12.49
C4' DGT T . 14.54 -11.09 -13.07
O4' DGT T . 14.35 -12.11 -14.02
C3' DGT T . 13.40 -11.22 -12.08
O3' DGT T . 12.44 -10.18 -12.29
C2' DGT T . 12.69 -12.51 -12.39
C1' DGT T . 13.05 -12.65 -13.86
N9 DGT T . 12.93 -14.04 -14.35
C8 DGT T . 13.30 -15.17 -13.70
N7 DGT T . 13.03 -16.25 -14.46
C5 DGT T . 12.47 -15.84 -15.63
C6 DGT T . 11.94 -16.47 -16.87
O6 DGT T . 11.95 -17.73 -17.05
N1 DGT T . 11.46 -15.65 -17.83
C2 DGT T . 11.43 -14.30 -17.71
N2 DGT T . 10.94 -13.59 -18.74
N3 DGT T . 11.90 -13.66 -16.60
C4 DGT T . 12.40 -14.37 -15.55
PG DGT U . -7.68 -22.57 -20.20
O1G DGT U . -7.52 -23.98 -20.80
O2G DGT U . -8.67 -21.70 -20.95
O3G DGT U . -7.69 -22.48 -18.71
O3B DGT U . -6.28 -21.88 -20.63
PB DGT U . -4.85 -21.86 -19.84
O1B DGT U . -3.94 -22.72 -20.72
O2B DGT U . -5.02 -22.12 -18.36
O3A DGT U . -4.45 -20.35 -20.17
PA DGT U . -5.47 -19.16 -19.84
O1A DGT U . -5.97 -18.44 -21.06
O2A DGT U . -6.39 -19.65 -18.78
O5' DGT U . -4.45 -18.01 -19.38
C5' DGT U . -3.71 -18.09 -18.19
C4' DGT U . -4.18 -16.90 -17.40
O4' DGT U . -3.79 -15.67 -18.01
C3' DGT U . -5.69 -16.79 -17.29
O3' DGT U . -6.06 -17.56 -16.16
C2' DGT U . -5.98 -15.31 -17.12
C1' DGT U . -4.64 -14.65 -17.46
N9 DGT U . -4.72 -13.64 -18.50
C8 DGT U . -4.11 -12.46 -18.48
N7 DGT U . -4.34 -11.79 -19.62
C5 DGT U . -5.11 -12.55 -20.41
C6 DGT U . -5.70 -12.43 -21.73
O6 DGT U . -5.56 -11.44 -22.47
N1 DGT U . -6.43 -13.45 -22.15
C2 DGT U . -6.63 -14.56 -21.44
N2 DGT U . -7.38 -15.56 -21.96
N3 DGT U . -6.10 -14.74 -20.22
C4 DGT U . -5.36 -13.77 -19.66
#